data_5W13
#
_entry.id   5W13
#
_cell.length_a   88.712
_cell.length_b   81.651
_cell.length_c   106.415
_cell.angle_alpha   90.00
_cell.angle_beta   112.84
_cell.angle_gamma   90.00
#
_symmetry.space_group_name_H-M   'P 1 21 1'
#
loop_
_entity.id
_entity.type
_entity.pdbx_description
1 polymer Beta-lactamase
2 non-polymer '(1R)-1-(2-THIENYLACETYLAMINO)-1-(3-CARBOXYPHENYL)METHYLBORONIC ACID'
3 water water
#
_entity_poly.entity_id   1
_entity_poly.type   'polypeptide(L)'
_entity_poly.pdbx_seq_one_letter_code
;MDNTPKDQEIKKLVDQNFKPLLEKYDVPGMAVGVIQNNKKYEMYYGLQSVQDKKAVNSNTIFELGSVSKLFTATAGGYAK
NKGKISFDDTPGKYWKELKNTPIDQVNLLQLATYTSGNLALQFPDEVQTDQQVLTFFKDWKPKNPIGEYRQYSNPSIGLF
GKVVALSMNKPFDQVLEKTIFPALGLKHSYVNVPKTQMQNYAFGYNQENQPIRVNPGPLDAPAYGVKSTLPDMLSFIHAN
LNPQKYPTDIQRAINETHQGRYQVNTMYQALGWEEFSYPATLQTLLDSNSEQIVMKPNKVTAISKEPSVKMYHKTGSTSG
FGTYVVFIPKENIGLVMLTNKRIPNEERIKAAYVVLNAIKK
;
_entity_poly.pdbx_strand_id   A,B,C,D
#
# COMPACT_ATOMS: atom_id res chain seq x y z
N ASP A 7 18.27 2.55 -2.13
CA ASP A 7 17.86 2.17 -0.76
C ASP A 7 18.80 1.14 -0.09
N GLN A 8 19.07 1.46 1.17
CA GLN A 8 20.08 0.80 1.98
C GLN A 8 19.66 -0.58 2.52
N GLU A 9 18.42 -1.01 2.22
CA GLU A 9 17.88 -2.33 2.58
C GLU A 9 17.93 -3.32 1.42
N ILE A 10 18.12 -2.86 0.18
CA ILE A 10 18.14 -3.82 -0.96
C ILE A 10 19.28 -4.83 -0.83
N LYS A 11 20.51 -4.38 -0.64
CA LYS A 11 21.63 -5.29 -0.33
C LYS A 11 21.26 -6.23 0.81
N LYS A 12 20.78 -5.67 1.94
CA LYS A 12 20.42 -6.49 3.11
C LYS A 12 19.40 -7.57 2.77
N LEU A 13 18.36 -7.22 2.01
CA LEU A 13 17.30 -8.24 1.67
C LEU A 13 17.82 -9.39 0.76
N VAL A 14 18.69 -9.03 -0.18
CA VAL A 14 19.24 -10.02 -1.11
C VAL A 14 20.13 -10.95 -0.35
N ASP A 15 20.93 -10.42 0.59
CA ASP A 15 21.77 -11.26 1.49
C ASP A 15 20.94 -12.22 2.36
N GLN A 16 19.80 -11.78 2.88
CA GLN A 16 18.95 -12.62 3.71
C GLN A 16 18.32 -13.72 2.87
N ASN A 17 17.91 -13.42 1.65
CA ASN A 17 17.09 -14.35 0.85
C ASN A 17 17.82 -15.14 -0.26
N PHE A 18 18.85 -14.56 -0.88
CA PHE A 18 19.60 -15.29 -1.92
C PHE A 18 20.90 -15.93 -1.41
N LYS A 19 21.63 -15.23 -0.54
CA LYS A 19 22.91 -15.71 -0.08
C LYS A 19 22.87 -17.14 0.58
N PRO A 20 21.87 -17.43 1.43
CA PRO A 20 21.83 -18.80 2.00
C PRO A 20 21.76 -19.90 0.97
N LEU A 21 21.39 -19.57 -0.26
CA LEU A 21 21.18 -20.62 -1.26
C LEU A 21 22.52 -21.18 -1.74
N LEU A 22 23.60 -20.38 -1.63
CA LEU A 22 24.94 -20.86 -2.07
C LEU A 22 25.41 -22.03 -1.21
N GLU A 23 25.25 -21.92 0.12
CA GLU A 23 25.59 -23.03 1.03
C GLU A 23 24.64 -24.16 0.90
N LYS A 24 23.35 -23.86 0.92
CA LYS A 24 22.33 -24.92 0.77
C LYS A 24 22.49 -25.79 -0.46
N TYR A 25 22.83 -25.24 -1.63
CA TYR A 25 22.96 -26.10 -2.84
C TYR A 25 24.39 -26.23 -3.38
N ASP A 26 25.35 -25.78 -2.57
CA ASP A 26 26.77 -25.79 -2.93
C ASP A 26 27.02 -25.16 -4.32
N VAL A 27 26.51 -23.95 -4.44
CA VAL A 27 26.61 -23.14 -5.69
C VAL A 27 27.87 -22.28 -5.60
N PRO A 28 28.75 -22.37 -6.61
CA PRO A 28 29.96 -21.60 -6.53
C PRO A 28 29.78 -20.10 -6.67
N GLY A 29 28.86 -19.66 -7.55
CA GLY A 29 28.81 -18.26 -7.99
C GLY A 29 27.39 -17.83 -8.25
N MET A 30 27.06 -16.61 -7.84
CA MET A 30 25.73 -15.99 -8.05
C MET A 30 25.83 -14.49 -8.28
N ALA A 31 24.96 -14.00 -9.14
CA ALA A 31 24.75 -12.61 -9.41
C ALA A 31 23.25 -12.30 -9.34
N VAL A 32 22.89 -11.45 -8.42
CA VAL A 32 21.51 -11.00 -8.21
C VAL A 32 21.45 -9.49 -8.44
N GLY A 33 20.53 -9.08 -9.29
CA GLY A 33 20.28 -7.71 -9.65
C GLY A 33 18.86 -7.29 -9.33
N VAL A 34 18.71 -6.07 -8.82
CA VAL A 34 17.38 -5.47 -8.62
C VAL A 34 17.44 -4.17 -9.35
N ILE A 35 16.33 -3.82 -10.00
CA ILE A 35 16.17 -2.50 -10.58
C ILE A 35 14.91 -1.95 -9.97
N GLN A 36 15.00 -0.72 -9.45
CA GLN A 36 13.86 -0.09 -8.80
C GLN A 36 13.89 1.39 -9.06
N ASN A 37 12.78 1.93 -9.55
CA ASN A 37 12.67 3.36 -9.87
C ASN A 37 13.83 3.84 -10.74
N ASN A 38 14.14 3.07 -11.79
CA ASN A 38 15.26 3.33 -12.70
C ASN A 38 16.67 3.32 -12.06
N LYS A 39 16.85 2.71 -10.89
CA LYS A 39 18.18 2.65 -10.28
C LYS A 39 18.54 1.16 -10.17
N LYS A 40 19.74 0.83 -10.62
CA LYS A 40 20.21 -0.55 -10.65
C LYS A 40 21.04 -0.89 -9.45
N TYR A 41 20.78 -2.05 -8.86
CA TYR A 41 21.60 -2.65 -7.82
C TYR A 41 22.19 -4.00 -8.25
N GLU A 42 23.51 -4.17 -8.08
CA GLU A 42 24.22 -5.40 -8.50
C GLU A 42 24.86 -6.08 -7.29
N MET A 43 24.36 -7.27 -6.92
CA MET A 43 24.92 -8.07 -5.80
C MET A 43 25.69 -9.29 -6.32
N TYR A 44 26.97 -9.42 -6.02
CA TYR A 44 27.79 -10.56 -6.50
C TYR A 44 28.34 -11.43 -5.37
N TYR A 45 28.31 -12.74 -5.58
CA TYR A 45 28.68 -13.75 -4.62
C TYR A 45 29.56 -14.83 -5.24
N GLY A 46 30.67 -15.17 -4.58
CA GLY A 46 31.42 -16.34 -4.93
C GLY A 46 32.17 -16.23 -6.24
N LEU A 47 32.25 -17.35 -6.95
CA LEU A 47 33.21 -17.54 -8.03
C LEU A 47 32.58 -17.95 -9.37
N GLN A 48 33.02 -17.27 -10.42
CA GLN A 48 32.75 -17.73 -11.80
C GLN A 48 33.52 -18.99 -12.23
N SER A 49 34.75 -19.15 -11.75
CA SER A 49 35.48 -20.37 -11.95
C SER A 49 36.12 -20.79 -10.64
N VAL A 50 35.77 -21.98 -10.17
CA VAL A 50 36.29 -22.56 -8.88
C VAL A 50 37.83 -22.79 -9.07
N GLN A 51 38.20 -23.53 -10.11
CA GLN A 51 39.62 -23.87 -10.40
C GLN A 51 40.53 -22.66 -10.53
N ASP A 52 40.07 -21.57 -11.17
CA ASP A 52 40.86 -20.33 -11.30
C ASP A 52 40.73 -19.34 -10.12
N LYS A 53 39.93 -19.67 -9.10
CA LYS A 53 39.69 -18.73 -8.01
C LYS A 53 39.25 -17.35 -8.51
N LYS A 54 38.48 -17.33 -9.60
CA LYS A 54 38.05 -16.08 -10.22
C LYS A 54 36.64 -15.64 -9.78
N ALA A 55 36.54 -14.38 -9.36
CA ALA A 55 35.31 -13.92 -8.73
C ALA A 55 34.18 -13.59 -9.74
N VAL A 56 32.94 -13.70 -9.28
CA VAL A 56 31.83 -13.19 -10.07
C VAL A 56 31.84 -11.68 -9.96
N ASN A 57 31.61 -11.07 -11.11
CA ASN A 57 31.64 -9.66 -11.24
C ASN A 57 30.76 -9.17 -12.41
N SER A 58 30.65 -7.85 -12.57
CA SER A 58 29.91 -7.26 -13.73
C SER A 58 30.38 -7.71 -15.16
N ASN A 59 31.58 -8.30 -15.34
CA ASN A 59 31.95 -8.92 -16.64
C ASN A 59 31.57 -10.39 -16.79
N THR A 60 31.09 -11.03 -15.72
CA THR A 60 30.80 -12.46 -15.80
C THR A 60 29.64 -12.79 -16.75
N ILE A 61 29.93 -13.69 -17.72
CA ILE A 61 28.99 -14.20 -18.67
C ILE A 61 28.45 -15.54 -18.18
N PHE A 62 27.13 -15.59 -18.06
CA PHE A 62 26.41 -16.82 -17.60
C PHE A 62 25.57 -17.37 -18.77
N GLU A 63 25.24 -18.63 -18.77
CA GLU A 63 24.22 -19.16 -19.72
C GLU A 63 22.79 -18.84 -19.21
N LEU A 64 21.91 -18.31 -20.05
CA LEU A 64 20.52 -18.02 -19.63
C LEU A 64 19.54 -19.18 -19.78
N GLY A 65 19.93 -20.22 -20.50
CA GLY A 65 18.96 -21.35 -20.68
C GLY A 65 17.71 -20.84 -21.34
N SER A 66 16.56 -21.30 -20.85
CA SER A 66 15.23 -20.95 -21.44
C SER A 66 14.88 -19.46 -21.32
N VAL A 67 15.53 -18.71 -20.47
CA VAL A 67 15.43 -17.28 -20.60
C VAL A 67 15.83 -16.71 -21.98
N SER A 68 16.69 -17.40 -22.74
CA SER A 68 16.91 -17.14 -24.16
C SER A 68 15.63 -17.00 -25.00
N LYS A 69 14.60 -17.76 -24.65
CA LYS A 69 13.28 -17.66 -25.31
C LYS A 69 12.67 -16.27 -25.33
N LEU A 70 12.98 -15.44 -24.33
CA LEU A 70 12.46 -14.08 -24.24
C LEU A 70 13.05 -13.22 -25.35
N PHE A 71 14.31 -13.49 -25.68
CA PHE A 71 14.97 -12.86 -26.78
C PHE A 71 14.44 -13.35 -28.14
N THR A 72 14.21 -14.64 -28.26
CA THR A 72 13.48 -15.19 -29.45
C THR A 72 12.10 -14.52 -29.69
N ALA A 73 11.33 -14.38 -28.61
CA ALA A 73 10.02 -13.72 -28.64
C ALA A 73 10.09 -12.25 -29.07
N THR A 74 11.00 -11.52 -28.46
CA THR A 74 11.35 -10.14 -28.91
C THR A 74 11.78 -10.07 -30.36
N ALA A 75 12.70 -10.92 -30.79
CA ALA A 75 13.05 -10.97 -32.23
C ALA A 75 11.81 -11.17 -33.13
N GLY A 76 10.87 -11.97 -32.67
CA GLY A 76 9.68 -12.25 -33.47
C GLY A 76 8.76 -11.04 -33.51
N GLY A 77 8.64 -10.37 -32.35
CA GLY A 77 7.88 -9.14 -32.21
C GLY A 77 8.40 -8.04 -33.12
N TYR A 78 9.71 -7.99 -33.27
CA TYR A 78 10.36 -7.00 -34.08
C TYR A 78 10.06 -7.27 -35.55
N ALA A 79 10.12 -8.53 -35.91
CA ALA A 79 9.84 -8.91 -37.30
C ALA A 79 8.36 -8.67 -37.64
N LYS A 80 7.45 -8.93 -36.70
CA LYS A 80 6.07 -8.65 -36.96
C LYS A 80 5.85 -7.16 -37.27
N ASN A 81 6.60 -6.29 -36.60
CA ASN A 81 6.29 -4.88 -36.67
C ASN A 81 7.02 -4.19 -37.82
N LYS A 82 8.04 -4.80 -38.37
CA LYS A 82 8.57 -4.34 -39.66
C LYS A 82 7.84 -4.96 -40.87
N GLY A 83 6.74 -5.67 -40.64
CA GLY A 83 5.99 -6.30 -41.72
C GLY A 83 6.65 -7.47 -42.42
N LYS A 84 7.67 -8.07 -41.79
CA LYS A 84 8.37 -9.24 -42.33
C LYS A 84 7.58 -10.52 -42.06
N ILE A 85 6.75 -10.56 -41.03
CA ILE A 85 5.94 -11.72 -40.75
C ILE A 85 4.62 -11.33 -40.19
N SER A 86 3.72 -12.29 -40.13
CA SER A 86 2.44 -12.21 -39.46
C SER A 86 2.31 -13.46 -38.57
N PHE A 87 1.75 -13.32 -37.39
CA PHE A 87 1.57 -14.47 -36.50
C PHE A 87 0.46 -15.43 -37.00
N ASP A 88 -0.38 -14.98 -37.94
CA ASP A 88 -1.31 -15.89 -38.65
C ASP A 88 -0.62 -16.69 -39.78
N ASP A 89 0.60 -16.30 -40.23
CA ASP A 89 1.37 -17.09 -41.20
C ASP A 89 1.68 -18.54 -40.75
N THR A 90 2.13 -19.34 -41.70
CA THR A 90 2.60 -20.71 -41.43
C THR A 90 4.06 -20.89 -41.85
N PRO A 91 4.78 -21.85 -41.23
CA PRO A 91 6.22 -21.84 -41.46
C PRO A 91 6.61 -22.15 -42.91
N GLY A 92 5.71 -22.84 -43.61
CA GLY A 92 5.93 -23.15 -45.00
C GLY A 92 6.10 -21.94 -45.88
N LYS A 93 5.48 -20.81 -45.51
CA LYS A 93 5.67 -19.58 -46.27
C LYS A 93 7.12 -19.07 -46.24
N TYR A 94 7.92 -19.46 -45.23
CA TYR A 94 9.34 -19.02 -45.16
C TYR A 94 10.31 -20.19 -45.33
N TRP A 95 10.05 -21.31 -44.69
CA TRP A 95 10.83 -22.51 -44.97
C TRP A 95 10.11 -23.28 -46.11
N LYS A 96 10.51 -23.01 -47.35
CA LYS A 96 9.84 -23.55 -48.58
C LYS A 96 9.61 -25.06 -48.48
N GLU A 97 10.67 -25.77 -48.11
CA GLU A 97 10.64 -27.23 -47.98
C GLU A 97 9.61 -27.80 -46.99
N LEU A 98 8.89 -26.98 -46.22
CA LEU A 98 7.82 -27.50 -45.34
C LEU A 98 6.39 -27.30 -45.84
N LYS A 99 6.20 -26.48 -46.88
CA LYS A 99 4.91 -26.32 -47.58
C LYS A 99 4.13 -27.58 -47.75
N ASN A 100 2.83 -27.48 -47.52
CA ASN A 100 1.93 -28.57 -47.82
C ASN A 100 2.18 -29.84 -46.94
N THR A 101 3.13 -29.79 -45.98
CA THR A 101 3.27 -30.89 -45.00
C THR A 101 2.27 -30.58 -43.89
N PRO A 102 1.97 -31.54 -43.02
CA PRO A 102 1.00 -31.21 -41.93
C PRO A 102 1.43 -30.07 -40.95
N ILE A 103 2.75 -29.84 -40.77
CA ILE A 103 3.28 -28.76 -39.90
C ILE A 103 2.88 -27.38 -40.45
N ASP A 104 2.70 -27.31 -41.78
CA ASP A 104 2.26 -26.09 -42.43
C ASP A 104 0.77 -25.76 -42.28
N GLN A 105 0.03 -26.51 -41.47
CA GLN A 105 -1.23 -26.05 -40.84
C GLN A 105 -1.05 -25.32 -39.48
N VAL A 106 0.14 -25.27 -38.92
CA VAL A 106 0.30 -24.63 -37.62
C VAL A 106 0.73 -23.18 -37.90
N ASN A 107 0.20 -22.21 -37.13
CA ASN A 107 0.63 -20.78 -37.32
C ASN A 107 1.80 -20.42 -36.39
N LEU A 108 2.43 -19.28 -36.67
CA LEU A 108 3.65 -18.88 -35.98
C LEU A 108 3.40 -18.62 -34.49
N LEU A 109 2.24 -18.06 -34.17
CA LEU A 109 1.86 -17.85 -32.80
C LEU A 109 1.75 -19.19 -32.03
N GLN A 110 1.09 -20.15 -32.67
CA GLN A 110 0.87 -21.45 -32.05
C GLN A 110 2.18 -22.17 -31.74
N LEU A 111 3.14 -22.06 -32.66
CA LEU A 111 4.52 -22.54 -32.48
C LEU A 111 5.26 -21.83 -31.31
N ALA A 112 5.25 -20.49 -31.33
CA ALA A 112 5.85 -19.67 -30.28
C ALA A 112 5.27 -19.89 -28.93
N THR A 113 4.02 -20.32 -28.88
CA THR A 113 3.29 -20.50 -27.60
C THR A 113 2.87 -21.97 -27.28
N TYR A 114 3.49 -22.91 -28.01
CA TYR A 114 3.58 -24.35 -27.65
C TYR A 114 2.28 -25.17 -27.85
N THR A 115 1.44 -24.71 -28.81
CA THR A 115 0.11 -25.34 -29.02
C THR A 115 -0.09 -26.04 -30.36
N SER A 116 1.00 -26.45 -30.99
CA SER A 116 0.91 -27.34 -32.14
C SER A 116 0.12 -28.66 -31.88
N GLY A 117 -0.03 -29.09 -30.62
CA GLY A 117 -0.74 -30.34 -30.31
C GLY A 117 0.06 -31.64 -30.43
N ASN A 118 1.25 -31.60 -31.05
CA ASN A 118 2.19 -32.70 -30.97
C ASN A 118 3.72 -32.37 -30.95
N LEU A 119 4.17 -31.45 -30.10
CA LEU A 119 5.64 -31.24 -29.99
C LEU A 119 6.02 -31.38 -28.54
N ALA A 120 7.07 -32.16 -28.36
CA ALA A 120 7.54 -32.60 -27.08
C ALA A 120 8.55 -31.54 -26.56
N LEU A 121 8.84 -31.59 -25.25
CA LEU A 121 9.88 -30.76 -24.59
C LEU A 121 11.17 -30.65 -25.32
N GLN A 122 11.69 -31.81 -25.75
CA GLN A 122 12.96 -31.85 -26.48
C GLN A 122 12.86 -32.62 -27.77
N PHE A 123 13.68 -32.27 -28.75
CA PHE A 123 13.93 -33.16 -29.90
C PHE A 123 14.47 -34.51 -29.40
N PRO A 124 14.29 -35.59 -30.19
CA PRO A 124 14.97 -36.87 -29.90
C PRO A 124 16.50 -36.74 -29.98
N ASP A 125 17.21 -37.51 -29.14
CA ASP A 125 18.69 -37.34 -29.02
C ASP A 125 19.34 -37.42 -30.41
N GLU A 126 18.75 -38.28 -31.25
CA GLU A 126 19.26 -38.65 -32.58
C GLU A 126 19.24 -37.50 -33.55
N VAL A 127 18.31 -36.55 -33.36
CA VAL A 127 18.24 -35.34 -34.20
C VAL A 127 19.34 -34.34 -33.83
N GLN A 128 20.23 -34.04 -34.76
CA GLN A 128 21.41 -33.16 -34.54
C GLN A 128 21.71 -32.21 -35.68
N THR A 129 21.74 -32.67 -36.93
CA THR A 129 22.15 -31.82 -38.07
C THR A 129 20.94 -31.08 -38.60
N ASP A 130 21.18 -30.14 -39.51
CA ASP A 130 20.11 -29.42 -40.19
C ASP A 130 19.18 -30.36 -40.96
N GLN A 131 19.75 -31.38 -41.61
CA GLN A 131 18.97 -32.36 -42.36
C GLN A 131 18.05 -33.19 -41.48
N GLN A 132 18.57 -33.63 -40.34
CA GLN A 132 17.72 -34.37 -39.39
C GLN A 132 16.56 -33.49 -38.80
N VAL A 133 16.82 -32.18 -38.72
CA VAL A 133 15.85 -31.20 -38.18
C VAL A 133 14.72 -31.02 -39.21
N LEU A 134 15.12 -30.70 -40.45
CA LEU A 134 14.20 -30.63 -41.61
C LEU A 134 13.28 -31.85 -41.79
N THR A 135 13.91 -33.00 -41.73
CA THR A 135 13.25 -34.26 -41.84
C THR A 135 12.34 -34.53 -40.65
N PHE A 136 12.72 -34.08 -39.44
CA PHE A 136 11.84 -34.20 -38.26
C PHE A 136 10.46 -33.53 -38.50
N PHE A 137 10.46 -32.36 -39.16
CA PHE A 137 9.25 -31.50 -39.29
C PHE A 137 8.36 -31.95 -40.47
N LYS A 138 8.99 -32.30 -41.60
CA LYS A 138 8.30 -33.07 -42.68
C LYS A 138 7.47 -34.29 -42.25
N ASP A 139 8.00 -35.13 -41.37
CA ASP A 139 7.26 -36.34 -40.92
C ASP A 139 6.22 -36.05 -39.84
N TRP A 140 6.12 -34.79 -39.42
CA TRP A 140 5.27 -34.42 -38.31
C TRP A 140 3.76 -34.65 -38.60
N LYS A 141 3.01 -35.17 -37.65
CA LYS A 141 1.58 -35.30 -37.80
C LYS A 141 0.92 -34.88 -36.49
N PRO A 142 -0.32 -34.36 -36.55
CA PRO A 142 -1.00 -33.88 -35.34
C PRO A 142 -1.35 -34.95 -34.35
N LYS A 143 -1.72 -34.55 -33.13
CA LYS A 143 -2.29 -35.47 -32.18
C LYS A 143 -3.47 -34.77 -31.53
N ASN A 144 -3.22 -33.72 -30.76
CA ASN A 144 -4.35 -32.98 -30.23
C ASN A 144 -4.83 -31.98 -31.33
N PRO A 145 -6.08 -31.47 -31.20
CA PRO A 145 -6.53 -30.33 -32.01
C PRO A 145 -5.56 -29.10 -31.85
N ILE A 146 -4.95 -28.71 -32.96
CA ILE A 146 -4.06 -27.57 -33.04
C ILE A 146 -4.66 -26.38 -32.32
N GLY A 147 -3.91 -25.82 -31.36
CA GLY A 147 -4.23 -24.60 -30.64
C GLY A 147 -4.87 -24.87 -29.30
N GLU A 148 -5.36 -26.10 -29.14
CA GLU A 148 -6.13 -26.46 -27.98
C GLU A 148 -5.26 -26.85 -26.78
N TYR A 149 -4.08 -27.47 -27.01
CA TYR A 149 -3.24 -28.00 -25.89
C TYR A 149 -1.87 -27.33 -25.80
N ARG A 150 -1.52 -26.89 -24.60
CA ARG A 150 -0.17 -26.36 -24.39
C ARG A 150 0.74 -27.53 -23.90
N GLN A 151 1.78 -27.82 -24.69
CA GLN A 151 2.91 -28.67 -24.22
C GLN A 151 4.23 -27.88 -24.35
N TYR A 152 4.75 -27.43 -23.22
CA TYR A 152 6.08 -26.66 -23.23
C TYR A 152 7.19 -27.35 -24.05
N SER A 153 7.74 -26.67 -25.07
CA SER A 153 8.54 -27.33 -26.15
C SER A 153 9.67 -26.53 -26.79
N ASN A 154 10.92 -27.05 -26.72
CA ASN A 154 12.07 -26.48 -27.41
C ASN A 154 11.97 -26.50 -28.92
N PRO A 155 11.53 -27.62 -29.50
CA PRO A 155 11.39 -27.64 -30.94
C PRO A 155 10.31 -26.67 -31.45
N SER A 156 9.21 -26.46 -30.70
CA SER A 156 8.13 -25.57 -31.14
C SER A 156 8.67 -24.11 -31.32
N ILE A 157 9.18 -23.50 -30.22
CA ILE A 157 9.71 -22.14 -30.32
C ILE A 157 10.98 -22.04 -31.10
N GLY A 158 11.74 -23.10 -31.09
CA GLY A 158 12.89 -23.15 -32.01
C GLY A 158 12.59 -23.02 -33.47
N LEU A 159 11.54 -23.72 -33.90
CA LEU A 159 11.08 -23.55 -35.30
C LEU A 159 10.58 -22.11 -35.61
N PHE A 160 9.85 -21.54 -34.65
CA PHE A 160 9.46 -20.14 -34.70
C PHE A 160 10.69 -19.27 -34.92
N GLY A 161 11.71 -19.48 -34.07
CA GLY A 161 12.92 -18.68 -34.16
C GLY A 161 13.58 -18.78 -35.51
N LYS A 162 13.72 -20.00 -36.05
CA LYS A 162 14.32 -20.21 -37.41
C LYS A 162 13.51 -19.49 -38.51
N VAL A 163 12.19 -19.52 -38.40
CA VAL A 163 11.28 -18.85 -39.36
C VAL A 163 11.39 -17.34 -39.25
N VAL A 164 11.40 -16.80 -38.01
CA VAL A 164 11.73 -15.37 -37.84
C VAL A 164 13.02 -14.98 -38.52
N ALA A 165 14.07 -15.78 -38.34
CA ALA A 165 15.36 -15.44 -38.99
C ALA A 165 15.24 -15.41 -40.52
N LEU A 166 14.62 -16.46 -41.05
CA LEU A 166 14.34 -16.55 -42.50
C LEU A 166 13.66 -15.30 -43.05
N SER A 167 12.67 -14.80 -42.30
CA SER A 167 11.93 -13.61 -42.68
C SER A 167 12.80 -12.35 -42.75
N MET A 168 13.88 -12.34 -41.98
CA MET A 168 14.86 -11.25 -41.99
C MET A 168 16.12 -11.50 -42.85
N ASN A 169 16.13 -12.59 -43.62
CA ASN A 169 17.29 -13.01 -44.48
C ASN A 169 18.65 -12.92 -43.74
N LYS A 170 18.71 -13.56 -42.58
CA LYS A 170 19.93 -13.56 -41.83
C LYS A 170 19.84 -14.75 -40.89
N PRO A 171 20.98 -15.39 -40.62
CA PRO A 171 20.91 -16.51 -39.71
C PRO A 171 20.54 -15.99 -38.30
N PHE A 172 19.91 -16.85 -37.50
CA PHE A 172 19.35 -16.45 -36.23
C PHE A 172 20.34 -15.75 -35.28
N ASP A 173 21.58 -16.25 -35.21
CA ASP A 173 22.62 -15.66 -34.36
C ASP A 173 22.94 -14.19 -34.74
N GLN A 174 22.89 -13.89 -36.04
CA GLN A 174 23.06 -12.52 -36.56
C GLN A 174 21.84 -11.62 -36.32
N VAL A 175 20.62 -12.15 -36.35
CA VAL A 175 19.44 -11.36 -35.94
C VAL A 175 19.63 -10.84 -34.47
N LEU A 176 20.02 -11.70 -33.55
CA LEU A 176 20.26 -11.28 -32.17
C LEU A 176 21.51 -10.42 -32.03
N GLU A 177 22.66 -10.90 -32.52
CA GLU A 177 23.90 -10.18 -32.29
C GLU A 177 24.04 -8.86 -33.05
N LYS A 178 23.40 -8.72 -34.22
CA LYS A 178 23.55 -7.49 -35.05
C LYS A 178 22.36 -6.57 -35.04
N THR A 179 21.17 -7.10 -34.75
CA THR A 179 19.96 -6.27 -34.74
C THR A 179 19.36 -6.16 -33.35
N ILE A 180 18.94 -7.29 -32.76
CA ILE A 180 18.23 -7.22 -31.50
C ILE A 180 19.04 -6.76 -30.27
N PHE A 181 20.17 -7.41 -29.99
CA PHE A 181 21.01 -6.94 -28.86
C PHE A 181 21.44 -5.45 -28.94
N PRO A 182 21.97 -5.01 -30.09
CA PRO A 182 22.35 -3.59 -30.20
C PRO A 182 21.19 -2.63 -29.97
N ALA A 183 20.01 -2.95 -30.51
CA ALA A 183 18.80 -2.08 -30.29
C ALA A 183 18.35 -2.00 -28.82
N LEU A 184 18.65 -3.02 -28.02
CA LEU A 184 18.43 -3.01 -26.54
C LEU A 184 19.58 -2.37 -25.72
N GLY A 185 20.64 -1.91 -26.37
CA GLY A 185 21.80 -1.38 -25.69
C GLY A 185 22.63 -2.43 -24.93
N LEU A 186 22.66 -3.67 -25.37
CA LEU A 186 23.39 -4.68 -24.59
C LEU A 186 24.83 -4.75 -25.06
N LYS A 187 25.80 -4.80 -24.15
CA LYS A 187 27.23 -4.72 -24.52
C LYS A 187 27.93 -6.07 -24.60
N HIS A 188 27.42 -7.09 -23.87
CA HIS A 188 28.02 -8.39 -23.70
C HIS A 188 26.99 -9.54 -23.63
N SER A 189 26.08 -9.58 -24.59
CA SER A 189 25.12 -10.69 -24.70
C SER A 189 25.45 -11.39 -26.05
N TYR A 190 25.46 -12.70 -26.06
CA TYR A 190 26.00 -13.48 -27.21
C TYR A 190 25.16 -14.70 -27.45
N VAL A 191 25.06 -15.09 -28.72
CA VAL A 191 24.77 -16.44 -29.09
C VAL A 191 26.07 -17.23 -29.08
N ASN A 192 27.11 -16.71 -29.73
CA ASN A 192 28.49 -17.30 -29.69
C ASN A 192 29.46 -16.35 -29.00
N VAL A 193 30.04 -16.81 -27.88
CA VAL A 193 30.93 -15.96 -27.09
C VAL A 193 32.24 -15.81 -27.83
N PRO A 194 32.59 -14.60 -28.23
CA PRO A 194 33.82 -14.53 -29.02
C PRO A 194 35.10 -14.76 -28.18
N LYS A 195 36.20 -15.18 -28.84
CA LYS A 195 37.56 -15.38 -28.24
C LYS A 195 37.97 -14.36 -27.16
N THR A 196 37.88 -13.10 -27.56
CA THR A 196 38.06 -11.95 -26.69
C THR A 196 37.30 -11.96 -25.35
N GLN A 197 36.21 -12.72 -25.21
CA GLN A 197 35.43 -12.72 -23.99
C GLN A 197 35.41 -14.08 -23.27
N MET A 198 36.10 -15.09 -23.81
CA MET A 198 36.12 -16.42 -23.22
C MET A 198 36.63 -16.43 -21.78
N GLN A 199 37.60 -15.57 -21.48
CA GLN A 199 38.08 -15.41 -20.10
C GLN A 199 37.00 -14.92 -19.11
N ASN A 200 35.98 -14.23 -19.63
CA ASN A 200 34.79 -13.80 -18.82
C ASN A 200 33.64 -14.83 -18.76
N TYR A 201 33.73 -15.94 -19.49
CA TYR A 201 32.61 -16.89 -19.57
C TYR A 201 32.74 -17.82 -18.35
N ALA A 202 31.82 -17.72 -17.41
CA ALA A 202 31.80 -18.67 -16.30
C ALA A 202 31.84 -20.12 -16.72
N PHE A 203 32.48 -20.96 -15.90
CA PHE A 203 32.12 -22.35 -15.91
C PHE A 203 30.76 -22.53 -15.25
N GLY A 204 29.96 -23.43 -15.80
CA GLY A 204 28.84 -24.01 -15.12
C GLY A 204 29.30 -25.21 -14.32
N TYR A 205 28.48 -25.70 -13.42
CA TYR A 205 28.85 -26.87 -12.52
C TYR A 205 27.70 -27.80 -12.36
N ASN A 206 27.89 -29.10 -12.66
CA ASN A 206 26.83 -30.11 -12.65
C ASN A 206 26.54 -30.58 -11.23
N GLN A 207 25.69 -31.58 -11.03
CA GLN A 207 25.36 -32.03 -9.65
C GLN A 207 26.51 -32.73 -8.96
N GLU A 208 27.53 -33.11 -9.72
CA GLU A 208 28.75 -33.72 -9.19
C GLU A 208 29.86 -32.62 -9.10
N ASN A 209 29.45 -31.36 -9.03
CA ASN A 209 30.32 -30.17 -9.13
C ASN A 209 31.49 -30.23 -10.17
N GLN A 210 31.29 -30.90 -11.30
CA GLN A 210 32.24 -30.82 -12.42
C GLN A 210 31.96 -29.58 -13.32
N PRO A 211 33.03 -28.85 -13.76
CA PRO A 211 32.95 -27.72 -14.69
C PRO A 211 32.42 -28.12 -16.04
N ILE A 212 31.37 -27.44 -16.48
CA ILE A 212 30.73 -27.76 -17.75
C ILE A 212 30.20 -26.49 -18.39
N ARG A 213 29.97 -26.59 -19.69
CA ARG A 213 29.37 -25.51 -20.49
C ARG A 213 28.44 -26.20 -21.46
N VAL A 214 27.58 -25.41 -22.08
CA VAL A 214 26.48 -25.95 -22.83
C VAL A 214 27.00 -26.63 -24.12
N ASN A 215 26.40 -27.76 -24.50
CA ASN A 215 26.77 -28.41 -25.74
C ASN A 215 25.91 -27.96 -26.91
N PRO A 216 26.49 -27.87 -28.13
CA PRO A 216 25.77 -27.73 -29.38
C PRO A 216 24.56 -28.67 -29.41
N GLY A 217 23.44 -28.23 -29.98
CA GLY A 217 22.27 -29.08 -30.24
C GLY A 217 21.35 -28.45 -31.28
N PRO A 218 20.32 -29.18 -31.73
CA PRO A 218 19.46 -28.66 -32.80
C PRO A 218 18.56 -27.48 -32.30
N LEU A 219 18.56 -26.39 -33.11
CA LEU A 219 17.88 -25.15 -32.84
C LEU A 219 18.12 -24.65 -31.40
N ASP A 220 19.39 -24.73 -30.98
CA ASP A 220 19.77 -24.41 -29.63
C ASP A 220 19.67 -22.89 -29.36
N ALA A 221 20.19 -22.08 -30.26
CA ALA A 221 20.17 -20.63 -30.08
C ALA A 221 18.77 -20.04 -29.69
N PRO A 222 17.71 -20.33 -30.47
CA PRO A 222 16.41 -19.74 -30.14
C PRO A 222 15.72 -20.37 -28.94
N ALA A 223 16.14 -21.56 -28.51
CA ALA A 223 15.44 -22.27 -27.42
C ALA A 223 16.12 -22.07 -26.05
N TYR A 224 17.45 -22.06 -26.02
CA TYR A 224 18.21 -21.97 -24.81
C TYR A 224 19.63 -21.47 -24.96
N GLY A 225 19.95 -20.73 -26.03
CA GLY A 225 21.36 -20.61 -26.45
C GLY A 225 22.08 -19.27 -26.25
N VAL A 226 21.52 -18.35 -25.43
CA VAL A 226 22.07 -17.02 -25.23
C VAL A 226 22.82 -16.97 -23.90
N LYS A 227 23.84 -16.12 -23.87
CA LYS A 227 24.72 -15.93 -22.72
C LYS A 227 24.78 -14.41 -22.49
N SER A 228 24.84 -14.00 -21.22
CA SER A 228 24.75 -12.60 -20.85
C SER A 228 25.33 -12.33 -19.47
N THR A 229 25.49 -11.04 -19.15
CA THR A 229 26.02 -10.60 -17.87
C THR A 229 24.88 -10.00 -16.99
N LEU A 230 25.08 -9.80 -15.68
CA LEU A 230 24.06 -9.12 -14.87
C LEU A 230 23.69 -7.67 -15.35
N PRO A 231 24.68 -6.82 -15.62
CA PRO A 231 24.33 -5.51 -16.20
C PRO A 231 23.40 -5.57 -17.43
N ASP A 232 23.72 -6.44 -18.41
CA ASP A 232 22.94 -6.60 -19.63
C ASP A 232 21.55 -7.07 -19.29
N MET A 233 21.43 -8.06 -18.42
CA MET A 233 20.10 -8.54 -18.06
C MET A 233 19.26 -7.51 -17.27
N LEU A 234 19.95 -6.70 -16.46
CA LEU A 234 19.31 -5.55 -15.83
C LEU A 234 18.84 -4.49 -16.89
N SER A 235 19.63 -4.26 -17.95
CA SER A 235 19.16 -3.41 -19.08
C SER A 235 17.96 -4.00 -19.84
N PHE A 236 17.97 -5.30 -20.01
CA PHE A 236 16.80 -5.98 -20.63
C PHE A 236 15.53 -5.81 -19.78
N ILE A 237 15.65 -5.94 -18.47
CA ILE A 237 14.51 -5.67 -17.59
C ILE A 237 14.03 -4.21 -17.63
N HIS A 238 14.98 -3.30 -17.61
CA HIS A 238 14.64 -1.87 -17.80
C HIS A 238 13.84 -1.57 -19.05
N ALA A 239 14.25 -2.14 -20.17
CA ALA A 239 13.55 -1.97 -21.43
C ALA A 239 12.12 -2.54 -21.36
N ASN A 240 11.97 -3.63 -20.62
CA ASN A 240 10.66 -4.24 -20.39
C ASN A 240 9.76 -3.43 -19.48
N LEU A 241 10.36 -2.78 -18.50
CA LEU A 241 9.67 -1.96 -17.51
C LEU A 241 9.33 -0.54 -18.04
N ASN A 242 10.20 -0.02 -18.90
CA ASN A 242 10.29 1.43 -19.28
C ASN A 242 10.77 1.50 -20.73
N PRO A 243 9.96 1.06 -21.70
CA PRO A 243 10.47 1.00 -23.06
C PRO A 243 10.45 2.33 -23.83
N GLN A 244 9.77 3.36 -23.32
CA GLN A 244 9.70 4.71 -23.94
C GLN A 244 11.05 5.28 -24.38
N LYS A 245 12.11 5.02 -23.63
CA LYS A 245 13.43 5.44 -24.01
C LYS A 245 13.97 4.73 -25.28
N TYR A 246 13.37 3.62 -25.70
CA TYR A 246 14.03 2.75 -26.72
C TYR A 246 13.48 3.08 -28.12
N PRO A 247 14.24 2.73 -29.20
CA PRO A 247 13.75 2.91 -30.53
C PRO A 247 12.34 2.37 -30.65
N THR A 248 11.53 3.04 -31.45
CA THR A 248 10.16 2.64 -31.74
C THR A 248 9.96 1.15 -32.13
N ASP A 249 10.74 0.69 -33.11
CA ASP A 249 10.87 -0.68 -33.54
C ASP A 249 10.90 -1.68 -32.39
N ILE A 250 11.85 -1.47 -31.49
CA ILE A 250 12.08 -2.35 -30.35
C ILE A 250 11.01 -2.14 -29.27
N GLN A 251 10.44 -0.94 -29.13
CA GLN A 251 9.28 -0.73 -28.26
C GLN A 251 8.09 -1.57 -28.67
N ARG A 252 7.79 -1.57 -29.96
CA ARG A 252 6.69 -2.40 -30.48
C ARG A 252 6.99 -3.91 -30.26
N ALA A 253 8.21 -4.34 -30.54
CA ALA A 253 8.61 -5.69 -30.18
C ALA A 253 8.32 -6.09 -28.72
N ILE A 254 8.77 -5.25 -27.78
CA ILE A 254 8.57 -5.46 -26.39
C ILE A 254 7.13 -5.52 -26.04
N ASN A 255 6.36 -4.55 -26.55
CA ASN A 255 4.94 -4.55 -26.28
C ASN A 255 4.26 -5.89 -26.71
N GLU A 256 4.61 -6.37 -27.90
CA GLU A 256 4.12 -7.62 -28.43
C GLU A 256 4.38 -8.80 -27.47
N THR A 257 5.54 -8.80 -26.79
CA THR A 257 5.87 -9.88 -25.91
C THR A 257 5.13 -9.85 -24.63
N HIS A 258 4.50 -8.71 -24.31
CA HIS A 258 3.67 -8.57 -23.09
C HIS A 258 2.18 -8.95 -23.24
N GLN A 259 1.70 -9.22 -24.46
CA GLN A 259 0.23 -9.44 -24.68
C GLN A 259 -0.05 -10.90 -24.30
N GLY A 260 -0.92 -11.16 -23.37
CA GLY A 260 -1.28 -12.56 -23.04
C GLY A 260 -2.14 -13.14 -24.16
N ARG A 261 -1.93 -14.39 -24.47
CA ARG A 261 -2.51 -15.00 -25.64
C ARG A 261 -3.58 -16.03 -25.29
N TYR A 262 -3.42 -16.70 -24.14
CA TYR A 262 -4.40 -17.66 -23.62
C TYR A 262 -4.07 -17.95 -22.18
N GLN A 263 -4.90 -18.70 -21.45
CA GLN A 263 -4.56 -19.03 -20.09
C GLN A 263 -4.54 -20.50 -19.79
N VAL A 264 -3.78 -20.82 -18.75
CA VAL A 264 -3.79 -22.16 -18.13
C VAL A 264 -3.96 -21.95 -16.66
N ASN A 265 -5.21 -22.03 -16.18
CA ASN A 265 -5.54 -21.65 -14.81
C ASN A 265 -5.06 -20.21 -14.60
N THR A 266 -4.26 -19.95 -13.57
CA THR A 266 -3.77 -18.62 -13.19
C THR A 266 -2.58 -18.06 -14.00
N MET A 267 -2.05 -18.86 -14.91
CA MET A 267 -0.93 -18.47 -15.74
C MET A 267 -1.49 -18.02 -17.05
N TYR A 268 -1.03 -16.85 -17.52
CA TYR A 268 -1.36 -16.36 -18.86
C TYR A 268 -0.11 -16.53 -19.68
N GLN A 269 -0.23 -17.12 -20.86
CA GLN A 269 0.93 -17.32 -21.73
C GLN A 269 1.07 -16.12 -22.66
N ALA A 270 2.18 -15.38 -22.57
CA ALA A 270 2.48 -14.33 -23.53
C ALA A 270 3.51 -14.85 -24.48
N LEU A 271 4.16 -13.97 -25.24
CA LEU A 271 5.25 -14.37 -26.12
C LEU A 271 6.52 -14.46 -25.30
N GLY A 272 6.99 -15.68 -25.06
CA GLY A 272 8.10 -15.92 -24.21
C GLY A 272 7.80 -15.77 -22.73
N TRP A 273 7.40 -14.58 -22.31
CA TRP A 273 7.08 -14.34 -20.89
C TRP A 273 5.80 -15.10 -20.43
N GLU A 274 5.80 -15.41 -19.15
CA GLU A 274 4.64 -15.88 -18.44
C GLU A 274 4.08 -14.70 -17.70
N GLU A 275 2.77 -14.55 -17.76
CA GLU A 275 2.05 -13.39 -17.19
C GLU A 275 1.11 -13.78 -16.10
N PHE A 276 1.00 -12.95 -15.04
CA PHE A 276 0.09 -13.21 -13.92
C PHE A 276 -0.58 -11.93 -13.51
N SER A 277 -1.76 -12.07 -12.91
CA SER A 277 -2.40 -10.92 -12.24
C SER A 277 -1.54 -10.49 -11.04
N TYR A 278 -1.29 -9.19 -10.91
CA TYR A 278 -0.52 -8.65 -9.80
C TYR A 278 -1.45 -7.99 -8.78
N PRO A 279 -1.34 -8.29 -7.47
CA PRO A 279 -0.31 -9.14 -6.88
C PRO A 279 -0.63 -10.58 -7.08
N ALA A 280 0.39 -11.42 -7.26
CA ALA A 280 0.16 -12.85 -7.39
C ALA A 280 0.50 -13.47 -6.08
N THR A 281 -0.23 -14.52 -5.71
CA THR A 281 0.17 -15.29 -4.52
C THR A 281 1.44 -16.05 -4.87
N LEU A 282 2.24 -16.34 -3.87
CA LEU A 282 3.44 -17.17 -4.05
C LEU A 282 3.16 -18.48 -4.75
N GLN A 283 2.17 -19.19 -4.22
CA GLN A 283 1.79 -20.45 -4.90
C GLN A 283 1.39 -20.29 -6.38
N THR A 284 0.71 -19.20 -6.74
CA THR A 284 0.51 -18.98 -8.21
C THR A 284 1.82 -19.02 -9.05
N LEU A 285 2.82 -18.31 -8.53
CA LEU A 285 4.10 -18.17 -9.20
C LEU A 285 4.76 -19.58 -9.25
N LEU A 286 4.68 -20.30 -8.12
CA LEU A 286 5.28 -21.65 -8.05
C LEU A 286 4.61 -22.64 -9.02
N ASP A 287 3.29 -22.54 -9.17
CA ASP A 287 2.52 -23.38 -10.10
C ASP A 287 2.95 -23.34 -11.53
N SER A 288 3.46 -22.19 -12.01
CA SER A 288 3.94 -22.09 -13.37
C SER A 288 5.11 -22.97 -13.62
N ASN A 289 5.88 -23.27 -12.60
CA ASN A 289 6.99 -24.19 -12.81
C ASN A 289 6.65 -25.57 -12.19
N SER A 290 5.37 -25.90 -12.05
CA SER A 290 5.02 -27.24 -11.53
C SER A 290 5.22 -28.32 -12.57
N GLU A 291 5.26 -29.55 -12.11
CA GLU A 291 5.46 -30.63 -13.07
C GLU A 291 4.25 -30.64 -14.09
N GLN A 292 3.07 -30.35 -13.57
CA GLN A 292 1.82 -30.38 -14.35
C GLN A 292 1.91 -29.38 -15.50
N ILE A 293 2.50 -28.20 -15.22
CA ILE A 293 2.56 -27.14 -16.27
C ILE A 293 3.71 -27.36 -17.23
N VAL A 294 4.89 -27.71 -16.69
CA VAL A 294 6.14 -27.78 -17.47
C VAL A 294 6.24 -29.06 -18.28
N MET A 295 5.84 -30.21 -17.66
CA MET A 295 6.08 -31.56 -18.23
C MET A 295 4.88 -32.25 -18.98
N LYS A 296 3.66 -31.89 -18.63
CA LYS A 296 2.43 -32.53 -19.13
C LYS A 296 1.61 -31.60 -20.06
N PRO A 297 0.86 -32.17 -21.03
CA PRO A 297 -0.01 -31.28 -21.82
C PRO A 297 -1.13 -30.76 -20.94
N ASN A 298 -1.56 -29.54 -21.25
CA ASN A 298 -2.69 -28.95 -20.56
C ASN A 298 -3.53 -28.19 -21.59
N LYS A 299 -4.79 -28.57 -21.65
CA LYS A 299 -5.81 -27.84 -22.37
C LYS A 299 -5.89 -26.34 -21.97
N VAL A 300 -5.69 -25.47 -22.96
CA VAL A 300 -5.79 -24.00 -22.74
C VAL A 300 -7.24 -23.46 -22.77
N THR A 301 -7.42 -22.25 -22.23
CA THR A 301 -8.69 -21.53 -22.34
C THR A 301 -8.41 -20.12 -22.87
N ALA A 302 -9.44 -19.45 -23.42
CA ALA A 302 -9.25 -18.08 -23.84
C ALA A 302 -9.12 -17.28 -22.57
N ILE A 303 -8.51 -16.10 -22.63
CA ILE A 303 -8.47 -15.22 -21.49
C ILE A 303 -9.91 -14.80 -21.21
N SER A 304 -10.31 -14.93 -19.95
CA SER A 304 -11.58 -14.47 -19.46
C SER A 304 -11.32 -13.22 -18.69
N LYS A 305 -10.62 -13.32 -17.55
CA LYS A 305 -10.16 -12.09 -16.81
C LYS A 305 -8.91 -11.45 -17.42
N GLU A 306 -9.07 -10.26 -17.96
CA GLU A 306 -7.95 -9.52 -18.50
C GLU A 306 -7.40 -8.73 -17.26
N PRO A 307 -6.25 -9.17 -16.69
CA PRO A 307 -5.80 -8.49 -15.46
C PRO A 307 -5.53 -7.05 -15.73
N SER A 308 -5.84 -6.16 -14.76
CA SER A 308 -5.60 -4.76 -14.97
C SER A 308 -4.15 -4.40 -14.68
N VAL A 309 -3.54 -5.05 -13.69
CA VAL A 309 -2.13 -4.85 -13.29
C VAL A 309 -1.44 -6.21 -13.43
N LYS A 310 -0.37 -6.28 -14.21
CA LYS A 310 0.27 -7.54 -14.57
C LYS A 310 1.65 -7.64 -14.00
N MET A 311 2.15 -8.87 -13.78
CA MET A 311 3.58 -9.12 -13.56
C MET A 311 4.03 -10.22 -14.48
N TYR A 312 5.33 -10.34 -14.74
CA TYR A 312 5.82 -11.27 -15.74
C TYR A 312 7.07 -11.99 -15.21
N HIS A 313 7.22 -13.27 -15.50
CA HIS A 313 8.48 -14.01 -15.18
C HIS A 313 8.87 -15.07 -16.17
N LYS A 314 10.07 -15.62 -15.96
CA LYS A 314 10.57 -16.74 -16.73
C LYS A 314 11.80 -17.34 -16.03
N THR A 315 11.78 -18.64 -15.69
CA THR A 315 13.00 -19.34 -15.24
C THR A 315 13.73 -19.87 -16.47
N GLY A 316 15.05 -20.11 -16.33
CA GLY A 316 15.86 -20.73 -17.32
C GLY A 316 16.93 -21.64 -16.70
N SER A 317 17.23 -22.72 -17.39
CA SER A 317 18.29 -23.61 -17.00
C SER A 317 19.01 -24.17 -18.22
N THR A 318 20.32 -24.38 -18.04
CA THR A 318 21.09 -25.38 -18.83
C THR A 318 21.61 -26.41 -17.76
N SER A 319 22.48 -27.33 -18.16
CA SER A 319 23.00 -28.38 -17.21
C SER A 319 23.83 -27.77 -16.14
N GLY A 320 24.55 -26.71 -16.46
CA GLY A 320 25.36 -26.05 -15.45
C GLY A 320 24.95 -24.72 -14.87
N PHE A 321 23.79 -24.15 -15.27
CA PHE A 321 23.42 -22.78 -14.94
C PHE A 321 21.94 -22.63 -14.59
N GLY A 322 21.64 -21.78 -13.60
CA GLY A 322 20.27 -21.30 -13.32
C GLY A 322 20.03 -19.81 -13.58
N THR A 323 18.84 -19.48 -14.08
CA THR A 323 18.42 -18.09 -14.29
C THR A 323 16.95 -17.88 -13.85
N TYR A 324 16.68 -16.71 -13.28
CA TYR A 324 15.33 -16.21 -13.10
C TYR A 324 15.25 -14.74 -13.31
N VAL A 325 14.18 -14.34 -14.01
CA VAL A 325 13.94 -12.95 -14.33
C VAL A 325 12.46 -12.65 -14.05
N VAL A 326 12.16 -11.56 -13.36
CA VAL A 326 10.77 -11.15 -13.00
C VAL A 326 10.64 -9.63 -13.03
N PHE A 327 9.50 -9.11 -13.48
CA PHE A 327 9.31 -7.68 -13.46
C PHE A 327 7.81 -7.31 -13.27
N ILE A 328 7.61 -6.18 -12.60
CA ILE A 328 6.25 -5.63 -12.30
C ILE A 328 6.15 -4.16 -12.76
N PRO A 329 5.57 -3.90 -13.96
CA PRO A 329 5.51 -2.53 -14.52
C PRO A 329 4.93 -1.45 -13.57
N LYS A 330 3.87 -1.80 -12.86
CA LYS A 330 3.15 -0.89 -11.97
C LYS A 330 3.98 -0.46 -10.80
N GLU A 331 4.95 -1.29 -10.41
CA GLU A 331 5.83 -0.93 -9.32
C GLU A 331 7.18 -0.46 -9.82
N ASN A 332 7.40 -0.40 -11.14
CA ASN A 332 8.71 -0.06 -11.74
C ASN A 332 9.86 -0.80 -10.96
N ILE A 333 9.65 -2.10 -10.74
CA ILE A 333 10.66 -2.97 -10.08
C ILE A 333 10.85 -4.29 -10.84
N GLY A 334 12.06 -4.83 -10.76
CA GLY A 334 12.37 -6.09 -11.41
C GLY A 334 13.57 -6.73 -10.77
N LEU A 335 13.73 -8.02 -10.97
CA LEU A 335 14.86 -8.77 -10.41
C LEU A 335 15.39 -9.82 -11.42
N VAL A 336 16.69 -10.04 -11.34
CA VAL A 336 17.41 -11.00 -12.14
C VAL A 336 18.29 -11.80 -11.22
N MET A 337 18.26 -13.13 -11.35
CA MET A 337 19.18 -14.04 -10.65
C MET A 337 19.89 -14.90 -11.65
N LEU A 338 21.21 -15.00 -11.52
CA LEU A 338 22.02 -15.86 -12.34
C LEU A 338 22.95 -16.69 -11.44
N THR A 339 22.91 -18.01 -11.59
CA THR A 339 23.84 -18.91 -10.88
C THR A 339 24.58 -19.78 -11.87
N ASN A 340 25.79 -20.22 -11.47
CA ASN A 340 26.54 -21.19 -12.25
C ASN A 340 26.50 -22.58 -11.63
N LYS A 341 25.36 -22.84 -11.04
CA LYS A 341 24.87 -24.19 -10.79
C LYS A 341 23.33 -24.09 -10.67
N ARG A 342 22.61 -25.10 -11.13
CA ARG A 342 21.15 -25.13 -11.02
C ARG A 342 20.75 -25.19 -9.61
N ILE A 343 19.72 -24.45 -9.22
CA ILE A 343 18.99 -24.68 -7.97
C ILE A 343 17.51 -24.84 -8.28
N PRO A 344 16.74 -25.49 -7.37
CA PRO A 344 15.31 -25.69 -7.69
C PRO A 344 14.61 -24.37 -8.06
N ASN A 345 13.80 -24.42 -9.10
CA ASN A 345 13.02 -23.27 -9.56
C ASN A 345 12.22 -22.64 -8.44
N GLU A 346 11.59 -23.46 -7.61
CA GLU A 346 10.81 -22.93 -6.47
C GLU A 346 11.62 -22.04 -5.53
N GLU A 347 12.91 -22.32 -5.39
CA GLU A 347 13.76 -21.51 -4.55
C GLU A 347 14.05 -20.13 -5.16
N ARG A 348 14.27 -20.15 -6.45
CA ARG A 348 14.51 -18.90 -7.23
C ARG A 348 13.27 -18.04 -7.12
N ILE A 349 12.07 -18.63 -7.29
CA ILE A 349 10.85 -17.91 -7.28
C ILE A 349 10.53 -17.35 -5.94
N LYS A 350 10.68 -18.14 -4.86
CA LYS A 350 10.38 -17.71 -3.54
C LYS A 350 11.32 -16.62 -3.05
N ALA A 351 12.60 -16.76 -3.28
CA ALA A 351 13.53 -15.68 -2.82
C ALA A 351 13.17 -14.30 -3.48
N ALA A 352 12.85 -14.34 -4.76
CA ALA A 352 12.48 -13.11 -5.48
C ALA A 352 11.18 -12.50 -5.00
N TYR A 353 10.24 -13.35 -4.59
CA TYR A 353 8.98 -12.95 -4.00
C TYR A 353 9.17 -12.17 -2.69
N VAL A 354 9.99 -12.69 -1.80
CA VAL A 354 10.30 -12.07 -0.53
C VAL A 354 10.99 -10.72 -0.72
N VAL A 355 11.93 -10.69 -1.65
CA VAL A 355 12.66 -9.45 -1.92
C VAL A 355 11.76 -8.34 -2.48
N LEU A 356 11.08 -8.62 -3.59
CA LEU A 356 10.22 -7.64 -4.27
C LEU A 356 9.02 -7.16 -3.43
N ASN A 357 8.47 -8.04 -2.59
CA ASN A 357 7.42 -7.60 -1.64
C ASN A 357 7.97 -6.69 -0.53
N ALA A 358 9.14 -7.04 0.00
CA ALA A 358 9.79 -6.28 1.06
C ALA A 358 10.10 -4.86 0.67
N ILE A 359 10.47 -4.62 -0.58
CA ILE A 359 10.78 -3.28 -1.04
C ILE A 359 9.48 -2.41 -1.10
N LYS A 360 8.46 -2.79 -1.86
CA LYS A 360 7.11 -2.13 -1.79
C LYS A 360 6.19 -2.75 -2.83
N ASN B 3 10.22 48.03 13.02
CA ASN B 3 11.62 48.37 13.44
C ASN B 3 12.71 47.53 12.70
N THR B 4 12.36 46.73 11.68
CA THR B 4 13.36 45.94 10.91
C THR B 4 13.18 46.25 9.44
N PRO B 5 14.24 46.74 8.77
CA PRO B 5 13.99 47.17 7.40
C PRO B 5 13.52 46.00 6.51
N LYS B 6 12.74 46.33 5.49
CA LYS B 6 12.08 45.27 4.70
C LYS B 6 13.02 44.24 4.00
N ASP B 7 14.13 44.68 3.39
CA ASP B 7 15.09 43.69 2.85
C ASP B 7 15.53 42.65 3.91
N GLN B 8 15.62 43.04 5.17
CA GLN B 8 16.08 42.11 6.24
C GLN B 8 14.97 41.19 6.67
N GLU B 9 13.72 41.64 6.60
CA GLU B 9 12.58 40.77 6.93
C GLU B 9 12.46 39.62 5.92
N ILE B 10 12.64 39.99 4.66
CA ILE B 10 12.60 39.02 3.56
C ILE B 10 13.78 38.07 3.64
N LYS B 11 14.99 38.59 3.84
CA LYS B 11 16.16 37.74 4.08
C LYS B 11 16.00 36.71 5.20
N LYS B 12 15.40 37.11 6.32
CA LYS B 12 15.14 36.18 7.43
C LYS B 12 14.13 35.08 7.03
N LEU B 13 13.06 35.43 6.34
CA LEU B 13 12.03 34.45 5.93
C LEU B 13 12.68 33.44 4.95
N VAL B 14 13.53 33.94 4.06
CA VAL B 14 14.23 33.04 3.14
C VAL B 14 15.25 32.14 3.89
N ASP B 15 15.95 32.70 4.88
CA ASP B 15 16.84 31.92 5.69
C ASP B 15 16.07 30.89 6.52
N GLN B 16 14.84 31.21 6.94
CA GLN B 16 14.03 30.26 7.73
C GLN B 16 13.54 29.10 6.88
N ASN B 17 13.30 29.33 5.60
CA ASN B 17 12.53 28.43 4.83
C ASN B 17 13.38 27.79 3.73
N PHE B 18 14.27 28.53 3.05
CA PHE B 18 14.99 27.95 1.93
C PHE B 18 16.39 27.48 2.39
N LYS B 19 17.04 28.26 3.25
CA LYS B 19 18.45 27.96 3.60
C LYS B 19 18.58 26.56 4.20
N PRO B 20 17.61 26.12 5.03
CA PRO B 20 17.81 24.76 5.60
C PRO B 20 17.82 23.61 4.56
N LEU B 21 17.27 23.83 3.38
CA LEU B 21 17.25 22.82 2.26
C LEU B 21 18.67 22.49 1.75
N LEU B 22 19.61 23.44 1.90
CA LEU B 22 20.98 23.27 1.41
C LEU B 22 21.68 22.14 2.16
N GLU B 23 21.70 22.25 3.48
CA GLU B 23 22.27 21.23 4.35
C GLU B 23 21.44 19.97 4.24
N LYS B 24 20.10 20.02 4.33
CA LYS B 24 19.24 18.78 4.21
C LYS B 24 19.47 17.97 2.93
N TYR B 25 19.56 18.63 1.78
CA TYR B 25 19.72 17.96 0.49
C TYR B 25 21.14 17.98 -0.10
N ASP B 26 22.12 18.51 0.64
CA ASP B 26 23.52 18.68 0.17
C ASP B 26 23.63 19.43 -1.18
N VAL B 27 22.92 20.57 -1.21
CA VAL B 27 22.86 21.46 -2.39
C VAL B 27 24.04 22.43 -2.38
N PRO B 28 24.89 22.42 -3.40
CA PRO B 28 26.09 23.33 -3.37
C PRO B 28 25.78 24.80 -3.44
N GLY B 29 24.80 25.17 -4.26
CA GLY B 29 24.47 26.56 -4.47
C GLY B 29 22.96 26.85 -4.74
N MET B 30 22.58 28.06 -4.37
CA MET B 30 21.18 28.50 -4.50
C MET B 30 21.03 30.00 -4.57
N ALA B 31 20.07 30.41 -5.40
CA ALA B 31 19.64 31.79 -5.56
C ALA B 31 18.15 31.87 -5.44
N VAL B 32 17.70 32.68 -4.47
CA VAL B 32 16.29 32.96 -4.26
C VAL B 32 16.03 34.46 -4.39
N GLY B 33 14.99 34.79 -5.12
CA GLY B 33 14.62 36.15 -5.42
C GLY B 33 13.16 36.38 -5.14
N VAL B 34 12.87 37.52 -4.56
CA VAL B 34 11.47 37.99 -4.31
C VAL B 34 11.30 39.32 -5.03
N ILE B 35 10.16 39.45 -5.71
CA ILE B 35 9.77 40.75 -6.18
C ILE B 35 8.46 41.12 -5.51
N GLN B 36 8.40 42.30 -4.95
CA GLN B 36 7.16 42.83 -4.31
C GLN B 36 7.00 44.29 -4.66
N ASN B 37 5.91 44.63 -5.35
CA ASN B 37 5.60 46.01 -5.71
C ASN B 37 6.73 46.64 -6.45
N ASN B 38 7.28 46.00 -7.47
CA ASN B 38 8.46 46.57 -8.17
C ASN B 38 9.78 46.82 -7.38
N LYS B 39 9.90 46.28 -6.18
CA LYS B 39 11.17 46.21 -5.46
C LYS B 39 11.64 44.76 -5.48
N LYS B 40 12.88 44.60 -5.88
CA LYS B 40 13.49 43.30 -6.07
C LYS B 40 14.45 43.01 -4.93
N TYR B 41 14.39 41.78 -4.41
CA TYR B 41 15.32 41.33 -3.40
C TYR B 41 16.03 40.04 -3.87
N GLU B 42 17.35 40.06 -3.82
CA GLU B 42 18.16 38.96 -4.29
C GLU B 42 19.00 38.33 -3.12
N MET B 43 18.85 37.00 -2.95
CA MET B 43 19.61 36.24 -1.95
C MET B 43 20.37 35.10 -2.59
N TYR B 44 21.68 35.05 -2.33
CA TYR B 44 22.56 34.02 -2.88
C TYR B 44 23.31 33.23 -1.77
N TYR B 45 23.52 31.96 -2.04
CA TYR B 45 24.06 30.96 -1.08
C TYR B 45 24.99 30.03 -1.77
N GLY B 46 26.13 29.70 -1.14
CA GLY B 46 26.98 28.61 -1.62
C GLY B 46 27.76 28.84 -2.88
N LEU B 47 27.94 27.78 -3.64
CA LEU B 47 28.87 27.74 -4.73
C LEU B 47 28.24 27.37 -6.06
N GLN B 48 28.55 28.14 -7.10
CA GLN B 48 28.22 27.73 -8.47
C GLN B 48 29.13 26.64 -9.03
N SER B 49 30.34 26.55 -8.51
CA SER B 49 31.28 25.51 -8.82
C SER B 49 32.05 25.21 -7.56
N VAL B 50 31.85 24.01 -7.05
CA VAL B 50 32.53 23.53 -5.88
C VAL B 50 34.03 23.46 -6.14
N GLN B 51 34.45 22.80 -7.23
CA GLN B 51 35.90 22.65 -7.49
C GLN B 51 36.64 23.99 -7.71
N ASP B 52 35.98 24.97 -8.29
CA ASP B 52 36.61 26.30 -8.58
C ASP B 52 36.43 27.27 -7.40
N LYS B 53 35.70 26.85 -6.36
CA LYS B 53 35.37 27.72 -5.21
C LYS B 53 34.72 29.06 -5.60
N LYS B 54 33.80 29.02 -6.56
CA LYS B 54 33.17 30.24 -7.16
C LYS B 54 31.81 30.39 -6.55
N ALA B 55 31.59 31.52 -5.86
CA ALA B 55 30.36 31.74 -5.10
C ALA B 55 29.22 32.02 -6.04
N VAL B 56 28.01 31.62 -5.64
CA VAL B 56 26.86 31.97 -6.39
C VAL B 56 26.63 33.48 -6.24
N ASN B 57 26.32 34.14 -7.36
CA ASN B 57 26.12 35.58 -7.41
C ASN B 57 25.18 36.05 -8.54
N SER B 58 25.02 37.37 -8.68
CA SER B 58 23.99 37.90 -9.60
C SER B 58 24.33 37.60 -11.04
N ASN B 59 25.57 37.25 -11.34
CA ASN B 59 25.97 36.75 -12.67
C ASN B 59 25.85 35.25 -12.92
N THR B 60 25.64 34.45 -11.86
CA THR B 60 25.51 33.05 -12.07
C THR B 60 24.38 32.64 -13.01
N ILE B 61 24.76 31.86 -14.01
CA ILE B 61 23.86 31.27 -14.98
C ILE B 61 23.47 29.85 -14.53
N PHE B 62 22.16 29.61 -14.48
CA PHE B 62 21.53 28.35 -14.06
C PHE B 62 20.71 27.78 -15.27
N GLU B 63 20.60 26.45 -15.36
CA GLU B 63 19.67 25.75 -16.28
C GLU B 63 18.28 25.78 -15.65
N LEU B 64 17.26 26.26 -16.43
CA LEU B 64 15.88 26.42 -15.99
C LEU B 64 15.02 25.16 -16.13
N GLY B 65 15.54 24.11 -16.82
CA GLY B 65 14.73 22.95 -17.23
C GLY B 65 13.39 23.32 -17.83
N SER B 66 12.30 22.72 -17.35
CA SER B 66 11.01 22.95 -17.96
C SER B 66 10.44 24.37 -17.73
N VAL B 67 11.09 25.22 -16.90
CA VAL B 67 10.74 26.62 -16.86
C VAL B 67 11.03 27.28 -18.23
N SER B 68 11.86 26.65 -19.04
CA SER B 68 12.08 27.04 -20.41
C SER B 68 10.76 27.12 -21.21
N LYS B 69 9.82 26.23 -20.88
CA LYS B 69 8.52 26.18 -21.53
C LYS B 69 7.78 27.45 -21.47
N LEU B 70 8.09 28.28 -20.44
CA LEU B 70 7.40 29.54 -20.31
C LEU B 70 7.87 30.51 -21.39
N PHE B 71 9.12 30.43 -21.78
CA PHE B 71 9.63 31.27 -22.87
C PHE B 71 9.12 30.78 -24.20
N THR B 72 9.00 29.46 -24.36
CA THR B 72 8.33 28.88 -25.56
C THR B 72 6.85 29.32 -25.71
N ALA B 73 6.11 29.31 -24.59
CA ALA B 73 4.72 29.80 -24.56
C ALA B 73 4.66 31.27 -24.95
N THR B 74 5.59 32.05 -24.40
CA THR B 74 5.64 33.49 -24.63
C THR B 74 5.90 33.74 -26.09
N ALA B 75 6.84 33.01 -26.68
CA ALA B 75 7.10 33.11 -28.14
C ALA B 75 5.88 32.83 -29.02
N GLY B 76 5.13 31.81 -28.65
CA GLY B 76 3.90 31.48 -29.34
C GLY B 76 2.80 32.53 -29.21
N GLY B 77 2.65 33.05 -27.99
CA GLY B 77 1.79 34.16 -27.81
C GLY B 77 2.18 35.38 -28.65
N TYR B 78 3.47 35.61 -28.83
CA TYR B 78 3.95 36.75 -29.63
C TYR B 78 3.62 36.57 -31.12
N ALA B 79 4.04 35.42 -31.64
CA ALA B 79 3.70 34.99 -33.01
C ALA B 79 2.21 35.13 -33.31
N LYS B 80 1.39 34.63 -32.39
CA LYS B 80 -0.03 34.63 -32.56
C LYS B 80 -0.63 36.02 -32.70
N ASN B 81 -0.29 36.88 -31.75
CA ASN B 81 -0.86 38.21 -31.67
C ASN B 81 -0.26 39.09 -32.75
N LYS B 82 0.85 38.70 -33.34
CA LYS B 82 1.26 39.29 -34.64
C LYS B 82 0.64 38.70 -35.93
N GLY B 83 -0.36 37.83 -35.78
CA GLY B 83 -0.94 37.13 -36.93
C GLY B 83 -0.07 36.13 -37.72
N LYS B 84 1.07 35.69 -37.18
CA LYS B 84 1.94 34.74 -37.89
C LYS B 84 1.41 33.30 -37.73
N ILE B 85 0.64 33.06 -36.68
CA ILE B 85 -0.03 31.77 -36.43
C ILE B 85 -1.38 32.01 -35.81
N SER B 86 -2.21 31.00 -35.97
CA SER B 86 -3.42 30.84 -35.20
C SER B 86 -3.25 29.52 -34.43
N PHE B 87 -3.72 29.50 -33.20
CA PHE B 87 -3.68 28.28 -32.39
C PHE B 87 -4.56 27.14 -32.92
N ASP B 88 -5.48 27.43 -33.84
CA ASP B 88 -6.27 26.36 -34.47
C ASP B 88 -5.57 25.84 -35.71
N ASP B 89 -4.43 26.38 -36.11
CA ASP B 89 -3.65 25.81 -37.21
C ASP B 89 -3.09 24.47 -36.79
N THR B 90 -2.65 23.67 -37.78
CA THR B 90 -1.97 22.40 -37.55
C THR B 90 -0.52 22.48 -38.12
N PRO B 91 0.41 21.62 -37.65
CA PRO B 91 1.83 21.80 -37.90
C PRO B 91 2.20 21.79 -39.34
N GLY B 92 1.44 21.03 -40.13
CA GLY B 92 1.71 20.91 -41.55
C GLY B 92 1.64 22.20 -42.35
N LYS B 93 0.92 23.20 -41.85
CA LYS B 93 0.88 24.50 -42.50
C LYS B 93 2.24 25.19 -42.52
N TYR B 94 3.14 24.82 -41.63
CA TYR B 94 4.44 25.52 -41.47
C TYR B 94 5.59 24.60 -41.76
N TRP B 95 5.57 23.38 -41.19
CA TRP B 95 6.56 22.36 -41.54
C TRP B 95 5.95 21.51 -42.66
N LYS B 96 6.26 21.87 -43.88
CA LYS B 96 5.55 21.30 -45.07
C LYS B 96 5.58 19.78 -45.22
N GLU B 97 6.70 19.21 -44.80
CA GLU B 97 6.87 17.76 -44.81
C GLU B 97 5.87 17.00 -43.89
N LEU B 98 5.17 17.70 -42.97
CA LEU B 98 4.09 17.08 -42.19
C LEU B 98 2.66 17.26 -42.74
N LYS B 99 2.48 18.10 -43.76
CA LYS B 99 1.17 18.29 -44.41
C LYS B 99 0.50 16.94 -44.78
N ASN B 100 -0.74 16.75 -44.36
CA ASN B 100 -1.58 15.53 -44.59
C ASN B 100 -1.01 14.22 -43.97
N THR B 101 -0.14 14.31 -42.98
CA THR B 101 0.27 13.17 -42.16
C THR B 101 -0.66 13.14 -40.93
N PRO B 102 -0.66 12.02 -40.20
CA PRO B 102 -1.63 12.00 -39.09
C PRO B 102 -1.43 13.04 -37.97
N ILE B 103 -0.20 13.37 -37.63
CA ILE B 103 0.04 14.53 -36.66
C ILE B 103 -0.56 15.89 -37.11
N ASP B 104 -0.81 16.07 -38.42
CA ASP B 104 -1.36 17.31 -38.94
C ASP B 104 -2.86 17.36 -38.65
N GLN B 105 -3.42 16.35 -37.98
CA GLN B 105 -4.75 16.48 -37.42
C GLN B 105 -4.77 17.12 -36.01
N VAL B 106 -3.60 17.44 -35.45
CA VAL B 106 -3.54 18.01 -34.10
C VAL B 106 -3.28 19.50 -34.26
N ASN B 107 -3.92 20.38 -33.48
CA ASN B 107 -3.75 21.83 -33.65
C ASN B 107 -2.64 22.32 -32.72
N LEU B 108 -2.17 23.54 -32.98
CA LEU B 108 -1.05 24.09 -32.23
C LEU B 108 -1.32 24.20 -30.73
N LEU B 109 -2.52 24.58 -30.34
CA LEU B 109 -2.86 24.69 -28.92
C LEU B 109 -2.76 23.32 -28.21
N GLN B 110 -3.16 22.27 -28.93
CA GLN B 110 -3.20 20.91 -28.35
C GLN B 110 -1.77 20.43 -28.16
N LEU B 111 -0.90 20.79 -29.11
CA LEU B 111 0.50 20.41 -28.98
C LEU B 111 1.14 21.23 -27.80
N ALA B 112 0.89 22.53 -27.75
CA ALA B 112 1.39 23.36 -26.58
C ALA B 112 0.91 22.96 -25.20
N THR B 113 -0.26 22.32 -25.14
CA THR B 113 -0.92 21.96 -23.86
C THR B 113 -1.08 20.43 -23.67
N TYR B 114 -0.30 19.66 -24.45
CA TYR B 114 -0.01 18.28 -24.17
C TYR B 114 -1.21 17.30 -24.45
N THR B 115 -2.11 17.65 -25.39
CA THR B 115 -3.32 16.85 -25.64
C THR B 115 -3.39 16.16 -27.03
N SER B 116 -2.23 15.87 -27.66
CA SER B 116 -2.22 15.08 -28.91
C SER B 116 -2.89 13.69 -28.77
N GLY B 117 -2.76 13.11 -27.58
CA GLY B 117 -3.31 11.79 -27.23
C GLY B 117 -2.40 10.64 -27.53
N ASN B 118 -1.23 10.94 -28.08
CA ASN B 118 -0.15 9.98 -28.18
C ASN B 118 1.28 10.52 -28.23
N LEU B 119 1.66 11.34 -27.27
CA LEU B 119 3.06 11.82 -27.15
C LEU B 119 3.54 11.72 -25.73
N ALA B 120 4.56 10.89 -25.58
CA ALA B 120 5.13 10.57 -24.31
C ALA B 120 6.03 11.71 -23.72
N LEU B 121 6.54 11.49 -22.53
CA LEU B 121 7.33 12.54 -21.83
C LEU B 121 8.59 12.97 -22.60
N GLN B 122 9.37 12.00 -23.06
CA GLN B 122 10.63 12.22 -23.82
C GLN B 122 10.56 11.53 -25.19
N PHE B 123 11.31 12.04 -26.15
CA PHE B 123 11.62 11.30 -27.38
C PHE B 123 12.40 10.03 -27.02
N PRO B 124 12.34 9.01 -27.88
CA PRO B 124 13.34 7.96 -27.76
C PRO B 124 14.77 8.51 -27.79
N ASP B 125 15.69 7.90 -27.07
CA ASP B 125 17.10 8.36 -27.06
C ASP B 125 17.71 8.45 -28.41
N GLU B 126 17.37 7.54 -29.32
CA GLU B 126 18.00 7.53 -30.63
C GLU B 126 17.63 8.70 -31.50
N VAL B 127 16.54 9.40 -31.17
CA VAL B 127 16.14 10.54 -31.97
C VAL B 127 17.08 11.68 -31.57
N GLN B 128 17.93 12.12 -32.49
CA GLN B 128 18.85 13.21 -32.20
C GLN B 128 18.82 14.33 -33.25
N THR B 129 19.00 13.96 -34.53
CA THR B 129 19.16 14.92 -35.62
C THR B 129 17.81 15.44 -36.09
N ASP B 130 17.89 16.52 -36.90
CA ASP B 130 16.70 17.19 -37.43
C ASP B 130 15.88 16.24 -38.29
N GLN B 131 16.55 15.38 -39.05
CA GLN B 131 15.87 14.41 -39.91
C GLN B 131 15.18 13.30 -39.11
N GLN B 132 15.87 12.81 -38.11
CA GLN B 132 15.26 11.89 -37.13
C GLN B 132 13.98 12.43 -36.43
N VAL B 133 13.97 13.72 -36.11
CA VAL B 133 12.84 14.38 -35.49
C VAL B 133 11.71 14.43 -36.51
N LEU B 134 12.03 14.83 -37.73
CA LEU B 134 11.02 14.86 -38.79
C LEU B 134 10.37 13.48 -39.00
N THR B 135 11.20 12.44 -39.11
CA THR B 135 10.76 11.06 -39.33
C THR B 135 9.89 10.56 -38.19
N PHE B 136 10.31 10.84 -36.97
CA PHE B 136 9.47 10.55 -35.79
C PHE B 136 8.01 11.11 -35.99
N PHE B 137 7.90 12.38 -36.34
CA PHE B 137 6.59 13.01 -36.55
C PHE B 137 5.84 12.53 -37.83
N LYS B 138 6.57 12.26 -38.93
CA LYS B 138 5.98 11.67 -40.15
C LYS B 138 5.31 10.31 -39.87
N ASP B 139 5.97 9.57 -39.01
CA ASP B 139 5.57 8.20 -38.66
C ASP B 139 4.54 8.14 -37.54
N TRP B 140 4.34 9.21 -36.82
CA TRP B 140 3.34 9.27 -35.73
C TRP B 140 1.91 8.88 -36.12
N LYS B 141 1.25 8.09 -35.25
CA LYS B 141 -0.19 7.81 -35.35
C LYS B 141 -0.98 8.11 -34.05
N PRO B 142 -2.29 8.45 -34.16
CA PRO B 142 -3.06 8.79 -32.95
C PRO B 142 -3.26 7.58 -32.09
N LYS B 143 -3.58 7.80 -30.82
CA LYS B 143 -4.09 6.76 -29.90
C LYS B 143 -5.39 7.26 -29.20
N ASN B 144 -5.31 8.15 -28.22
CA ASN B 144 -6.50 8.61 -27.52
C ASN B 144 -7.18 9.70 -28.36
N PRO B 145 -8.48 9.93 -28.16
CA PRO B 145 -9.11 10.99 -28.88
C PRO B 145 -8.37 12.35 -28.71
N ILE B 146 -8.06 12.97 -29.83
CA ILE B 146 -7.32 14.26 -29.81
C ILE B 146 -8.02 15.35 -28.98
N GLY B 147 -7.24 16.01 -28.12
CA GLY B 147 -7.75 17.08 -27.29
C GLY B 147 -8.30 16.71 -25.92
N GLU B 148 -8.50 15.42 -25.66
CA GLU B 148 -9.16 14.98 -24.43
C GLU B 148 -8.32 14.52 -23.25
N TYR B 149 -7.08 14.08 -23.53
CA TYR B 149 -6.16 13.56 -22.52
C TYR B 149 -4.81 14.32 -22.42
N ARG B 150 -4.49 14.84 -21.23
CA ARG B 150 -3.24 15.50 -20.98
C ARG B 150 -2.15 14.52 -20.60
N GLN B 151 -1.10 14.40 -21.43
CA GLN B 151 0.11 13.69 -21.04
C GLN B 151 1.24 14.68 -21.15
N TYR B 152 1.83 15.06 -20.03
CA TYR B 152 3.00 16.02 -20.00
C TYR B 152 4.13 15.51 -20.89
N SER B 153 4.60 16.36 -21.82
CA SER B 153 5.41 15.94 -22.93
C SER B 153 6.33 17.02 -23.55
N ASN B 154 7.60 16.65 -23.61
CA ASN B 154 8.64 17.47 -24.27
C ASN B 154 8.52 17.46 -25.77
N PRO B 155 8.26 16.29 -26.37
CA PRO B 155 8.07 16.31 -27.84
C PRO B 155 6.87 17.19 -28.28
N SER B 156 5.81 17.17 -27.49
CA SER B 156 4.62 17.93 -27.81
C SER B 156 4.87 19.45 -27.88
N ILE B 157 5.35 20.01 -26.78
CA ILE B 157 5.67 21.46 -26.77
C ILE B 157 6.91 21.84 -27.62
N GLY B 158 7.85 20.91 -27.80
CA GLY B 158 8.94 20.98 -28.76
C GLY B 158 8.49 21.24 -30.14
N LEU B 159 7.57 20.41 -30.63
CA LEU B 159 6.98 20.63 -31.95
C LEU B 159 6.31 21.99 -32.10
N PHE B 160 5.53 22.37 -31.08
CA PHE B 160 4.99 23.72 -31.01
C PHE B 160 6.04 24.83 -31.23
N GLY B 161 7.13 24.73 -30.46
CA GLY B 161 8.23 25.71 -30.49
C GLY B 161 8.85 25.80 -31.87
N LYS B 162 9.13 24.63 -32.45
CA LYS B 162 9.60 24.54 -33.83
C LYS B 162 8.66 25.22 -34.81
N VAL B 163 7.36 24.92 -34.71
CA VAL B 163 6.39 25.60 -35.59
C VAL B 163 6.35 27.11 -35.42
N VAL B 164 6.31 27.54 -34.16
CA VAL B 164 6.38 28.95 -33.88
C VAL B 164 7.63 29.56 -34.54
N ALA B 165 8.78 28.89 -34.45
CA ALA B 165 9.99 29.39 -35.13
C ALA B 165 9.89 29.48 -36.68
N LEU B 166 9.40 28.44 -37.31
CA LEU B 166 9.15 28.49 -38.75
C LEU B 166 8.20 29.64 -39.16
N SER B 167 7.23 29.95 -38.29
CA SER B 167 6.29 31.03 -38.59
C SER B 167 6.95 32.40 -38.59
N MET B 168 8.06 32.53 -37.84
CA MET B 168 8.79 33.78 -37.69
C MET B 168 10.04 33.82 -38.56
N ASN B 169 10.22 32.86 -39.46
CA ASN B 169 11.40 32.73 -40.37
C ASN B 169 12.79 32.79 -39.78
N LYS B 170 12.95 32.15 -38.61
CA LYS B 170 14.25 32.15 -37.91
C LYS B 170 14.29 30.89 -37.11
N PRO B 171 15.46 30.34 -36.83
CA PRO B 171 15.46 29.18 -35.94
C PRO B 171 15.07 29.58 -34.53
N PHE B 172 14.59 28.61 -33.77
CA PHE B 172 14.08 28.83 -32.44
C PHE B 172 15.05 29.53 -31.50
N ASP B 173 16.32 29.17 -31.53
CA ASP B 173 17.36 29.81 -30.66
C ASP B 173 17.44 31.32 -30.96
N GLN B 174 17.34 31.65 -32.25
CA GLN B 174 17.28 33.06 -32.67
C GLN B 174 15.98 33.75 -32.28
N VAL B 175 14.83 33.07 -32.36
CA VAL B 175 13.59 33.66 -31.90
C VAL B 175 13.74 34.15 -30.43
N LEU B 176 14.31 33.31 -29.55
CA LEU B 176 14.43 33.75 -28.15
C LEU B 176 15.55 34.77 -28.04
N GLU B 177 16.74 34.51 -28.60
CA GLU B 177 17.89 35.40 -28.28
C GLU B 177 17.85 36.78 -29.05
N LYS B 178 17.30 36.80 -30.25
CA LYS B 178 17.12 38.05 -31.04
C LYS B 178 15.83 38.80 -30.79
N THR B 179 14.69 38.10 -30.56
CA THR B 179 13.40 38.79 -30.42
C THR B 179 12.76 38.80 -29.00
N ILE B 180 12.47 37.61 -28.44
CA ILE B 180 11.72 37.54 -27.15
C ILE B 180 12.53 37.97 -25.92
N PHE B 181 13.79 37.50 -25.72
CA PHE B 181 14.58 37.95 -24.61
C PHE B 181 14.76 39.50 -24.63
N PRO B 182 15.21 40.03 -25.75
CA PRO B 182 15.29 41.50 -25.85
C PRO B 182 13.95 42.20 -25.57
N ALA B 183 12.82 41.71 -26.06
CA ALA B 183 11.51 42.39 -25.75
C ALA B 183 11.16 42.33 -24.24
N LEU B 184 11.67 41.33 -23.50
CA LEU B 184 11.40 41.26 -22.07
C LEU B 184 12.43 42.05 -21.24
N GLY B 185 13.36 42.73 -21.90
CA GLY B 185 14.49 43.35 -21.23
C GLY B 185 15.43 42.39 -20.49
N LEU B 186 15.66 41.18 -21.02
CA LEU B 186 16.61 40.26 -20.44
C LEU B 186 17.94 40.34 -21.18
N LYS B 187 19.02 40.49 -20.43
CA LYS B 187 20.37 40.69 -20.91
C LYS B 187 21.24 39.48 -20.65
N HIS B 188 20.86 38.54 -19.78
CA HIS B 188 21.73 37.35 -19.53
C HIS B 188 21.03 35.98 -19.61
N SER B 189 20.13 35.84 -20.58
CA SER B 189 19.36 34.64 -20.76
C SER B 189 19.76 34.08 -22.10
N TYR B 190 19.89 32.77 -22.17
CA TYR B 190 20.46 32.06 -23.35
C TYR B 190 19.78 30.75 -23.68
N VAL B 191 19.73 30.44 -24.99
CA VAL B 191 19.59 29.06 -25.44
C VAL B 191 20.99 28.45 -25.51
N ASN B 192 21.92 29.18 -26.12
CA ASN B 192 23.34 28.76 -26.19
C ASN B 192 24.21 29.77 -25.46
N VAL B 193 24.83 29.31 -24.36
CA VAL B 193 25.71 30.16 -23.58
C VAL B 193 27.00 30.32 -24.39
N PRO B 194 27.36 31.57 -24.72
CA PRO B 194 28.54 31.81 -25.53
C PRO B 194 29.85 31.68 -24.72
N LYS B 195 30.97 31.53 -25.43
CA LYS B 195 32.27 31.24 -24.82
C LYS B 195 32.65 32.26 -23.77
N THR B 196 32.38 33.51 -24.06
CA THR B 196 32.67 34.62 -23.14
C THR B 196 31.83 34.70 -21.86
N GLN B 197 30.78 33.88 -21.73
CA GLN B 197 29.98 33.78 -20.47
C GLN B 197 30.12 32.42 -19.77
N MET B 198 30.93 31.51 -20.33
CA MET B 198 31.11 30.17 -19.76
C MET B 198 31.63 30.17 -18.36
N GLN B 199 32.50 31.13 -18.00
CA GLN B 199 32.93 31.36 -16.61
C GLN B 199 31.79 31.62 -15.61
N ASN B 200 30.60 32.01 -16.07
CA ASN B 200 29.49 32.27 -15.16
C ASN B 200 28.47 31.12 -15.11
N TYR B 201 28.63 30.10 -15.94
CA TYR B 201 27.66 29.03 -16.13
C TYR B 201 27.97 28.02 -15.01
N ALA B 202 27.10 27.98 -14.00
CA ALA B 202 27.27 26.98 -12.92
C ALA B 202 27.51 25.56 -13.47
N PHE B 203 28.28 24.75 -12.73
CA PHE B 203 28.08 23.33 -12.84
C PHE B 203 26.71 22.97 -12.23
N GLY B 204 26.00 22.02 -12.81
CA GLY B 204 24.96 21.27 -12.04
C GLY B 204 25.58 20.12 -11.24
N TYR B 205 24.84 19.49 -10.35
CA TYR B 205 25.35 18.39 -9.55
C TYR B 205 24.30 17.32 -9.44
N ASN B 206 24.74 16.06 -9.58
CA ASN B 206 23.82 14.95 -9.62
C ASN B 206 23.59 14.42 -8.18
N GLN B 207 22.90 13.31 -8.05
CA GLN B 207 22.64 12.79 -6.70
C GLN B 207 23.87 12.30 -5.91
N GLU B 208 24.99 12.00 -6.59
CA GLU B 208 26.26 11.75 -5.90
C GLU B 208 27.12 13.04 -5.81
N ASN B 209 26.49 14.22 -6.02
CA ASN B 209 27.20 15.52 -6.08
C ASN B 209 28.37 15.56 -7.04
N GLN B 210 28.21 14.89 -8.18
CA GLN B 210 29.22 14.90 -9.22
C GLN B 210 28.82 16.05 -10.21
N PRO B 211 29.78 16.85 -10.67
CA PRO B 211 29.45 17.94 -11.58
C PRO B 211 29.01 17.53 -13.00
N ILE B 212 27.87 18.06 -13.45
CA ILE B 212 27.27 17.71 -14.75
C ILE B 212 26.66 18.99 -15.36
N ARG B 213 26.47 18.99 -16.66
CA ARG B 213 25.64 19.99 -17.41
C ARG B 213 24.66 19.28 -18.38
N VAL B 214 23.66 19.97 -18.86
CA VAL B 214 22.60 19.37 -19.66
C VAL B 214 23.17 18.81 -21.02
N ASN B 215 22.66 17.68 -21.44
CA ASN B 215 23.01 17.06 -22.67
C ASN B 215 22.25 17.65 -23.87
N PRO B 216 22.94 17.80 -25.00
CA PRO B 216 22.19 18.20 -26.17
C PRO B 216 21.10 17.14 -26.50
N GLY B 217 19.94 17.60 -26.99
CA GLY B 217 18.85 16.69 -27.34
C GLY B 217 17.88 17.25 -28.38
N PRO B 218 17.01 16.37 -28.97
CA PRO B 218 16.04 16.81 -29.96
C PRO B 218 14.99 17.79 -29.37
N LEU B 219 14.87 18.94 -30.06
CA LEU B 219 14.00 20.02 -29.68
C LEU B 219 14.20 20.29 -28.22
N ASP B 220 15.45 20.30 -27.77
CA ASP B 220 15.78 20.63 -26.39
C ASP B 220 15.40 22.04 -25.98
N ALA B 221 15.74 23.03 -26.78
CA ALA B 221 15.62 24.42 -26.40
C ALA B 221 14.18 24.82 -25.96
N PRO B 222 13.14 24.48 -26.77
CA PRO B 222 11.78 24.81 -26.44
C PRO B 222 11.24 24.07 -25.25
N ALA B 223 11.80 22.91 -24.95
CA ALA B 223 11.29 22.08 -23.84
C ALA B 223 12.00 22.25 -22.52
N TYR B 224 13.35 22.26 -22.55
CA TYR B 224 14.07 22.38 -21.30
C TYR B 224 15.42 23.04 -21.40
N GLY B 225 15.68 23.82 -22.47
CA GLY B 225 17.04 24.23 -22.82
C GLY B 225 17.48 25.65 -22.67
N VAL B 226 16.78 26.44 -21.86
CA VAL B 226 17.14 27.84 -21.54
C VAL B 226 17.93 27.94 -20.27
N LYS B 227 18.87 28.84 -20.25
CA LYS B 227 19.68 29.17 -19.11
C LYS B 227 19.55 30.64 -18.79
N SER B 228 19.49 30.97 -17.51
CA SER B 228 19.33 32.38 -17.10
C SER B 228 19.90 32.66 -15.72
N THR B 229 19.79 33.89 -15.27
CA THR B 229 20.31 34.37 -14.02
C THR B 229 19.21 34.79 -13.10
N LEU B 230 19.51 34.95 -11.83
CA LEU B 230 18.45 35.47 -10.92
C LEU B 230 17.85 36.87 -11.27
N PRO B 231 18.70 37.86 -11.54
CA PRO B 231 18.15 39.15 -12.02
C PRO B 231 17.23 39.06 -13.22
N ASP B 232 17.59 38.30 -14.25
CA ASP B 232 16.73 38.07 -15.36
C ASP B 232 15.40 37.42 -15.03
N MET B 233 15.40 36.41 -14.17
CA MET B 233 14.17 35.76 -13.81
C MET B 233 13.25 36.64 -12.98
N LEU B 234 13.84 37.50 -12.14
CA LEU B 234 13.04 38.51 -11.47
C LEU B 234 12.38 39.51 -12.44
N SER B 235 13.12 39.90 -13.49
CA SER B 235 12.57 40.80 -14.52
C SER B 235 11.47 40.07 -15.31
N PHE B 236 11.69 38.79 -15.65
CA PHE B 236 10.62 37.96 -16.28
C PHE B 236 9.35 37.94 -15.38
N ILE B 237 9.50 37.72 -14.07
CA ILE B 237 8.32 37.77 -13.16
C ILE B 237 7.68 39.16 -13.17
N HIS B 238 8.53 40.20 -13.16
CA HIS B 238 8.07 41.58 -13.29
C HIS B 238 7.15 41.79 -14.50
N ALA B 239 7.58 41.28 -15.65
CA ALA B 239 6.84 41.35 -16.89
C ALA B 239 5.48 40.63 -16.83
N ASN B 240 5.45 39.50 -16.11
CA ASN B 240 4.24 38.78 -15.89
C ASN B 240 3.28 39.42 -14.93
N LEU B 241 3.81 40.09 -13.91
CA LEU B 241 3.01 40.89 -12.97
C LEU B 241 2.52 42.20 -13.55
N ASN B 242 3.23 42.79 -14.49
CA ASN B 242 2.97 44.14 -15.11
C ASN B 242 3.02 44.20 -16.64
N PRO B 243 2.27 43.32 -17.34
CA PRO B 243 2.33 43.29 -18.81
C PRO B 243 1.95 44.63 -19.46
N GLN B 244 1.05 45.39 -18.82
CA GLN B 244 0.63 46.74 -19.30
C GLN B 244 1.74 47.76 -19.47
N LYS B 245 2.88 47.55 -18.81
CA LYS B 245 4.02 48.44 -18.92
C LYS B 245 4.98 48.09 -20.06
N TYR B 246 4.66 47.04 -20.84
CA TYR B 246 5.51 46.59 -21.96
C TYR B 246 4.84 47.01 -23.27
N PRO B 247 5.60 47.06 -24.39
CA PRO B 247 4.97 47.38 -25.68
C PRO B 247 3.86 46.37 -26.04
N THR B 248 2.92 46.79 -26.86
CA THR B 248 1.76 45.95 -27.21
C THR B 248 2.07 44.51 -27.63
N ASP B 249 3.04 44.27 -28.52
CA ASP B 249 3.30 42.90 -29.05
C ASP B 249 3.67 41.91 -27.89
N ILE B 250 4.61 42.30 -27.02
CA ILE B 250 5.06 41.39 -25.95
C ILE B 250 4.06 41.37 -24.85
N GLN B 251 3.33 42.49 -24.64
CA GLN B 251 2.25 42.53 -23.63
C GLN B 251 1.13 41.52 -23.94
N ARG B 252 0.69 41.54 -25.19
CA ARG B 252 -0.30 40.58 -25.63
C ARG B 252 0.26 39.16 -25.48
N ALA B 253 1.52 38.98 -25.81
CA ALA B 253 2.18 37.67 -25.70
C ALA B 253 2.12 37.16 -24.27
N ILE B 254 2.49 38.00 -23.30
CA ILE B 254 2.44 37.62 -21.89
C ILE B 254 1.04 37.26 -21.45
N ASN B 255 0.09 38.17 -21.73
CA ASN B 255 -1.30 37.93 -21.34
C ASN B 255 -1.90 36.67 -21.93
N GLU B 256 -1.54 36.37 -23.17
CA GLU B 256 -1.90 35.08 -23.81
C GLU B 256 -1.40 33.85 -23.00
N THR B 257 -0.19 33.90 -22.47
CA THR B 257 0.28 32.79 -21.60
C THR B 257 -0.49 32.63 -20.30
N HIS B 258 -1.32 33.61 -19.91
CA HIS B 258 -2.03 33.53 -18.67
C HIS B 258 -3.43 32.91 -18.81
N GLN B 259 -3.89 32.68 -20.05
CA GLN B 259 -5.28 32.22 -20.24
C GLN B 259 -5.38 30.71 -20.03
N GLY B 260 -6.15 30.30 -19.05
CA GLY B 260 -6.48 28.88 -18.81
C GLY B 260 -7.27 28.26 -19.97
N ARG B 261 -6.92 27.06 -20.37
CA ARG B 261 -7.50 26.39 -21.54
C ARG B 261 -8.35 25.21 -21.14
N TYR B 262 -8.10 24.65 -19.94
CA TYR B 262 -8.84 23.42 -19.47
C TYR B 262 -8.42 23.19 -18.06
N GLN B 263 -9.08 22.25 -17.37
CA GLN B 263 -8.65 21.88 -16.07
C GLN B 263 -8.48 20.42 -15.88
N VAL B 264 -7.58 20.08 -14.94
CA VAL B 264 -7.46 18.76 -14.31
C VAL B 264 -7.64 19.03 -12.83
N ASN B 265 -8.90 18.90 -12.41
CA ASN B 265 -9.39 19.23 -11.05
C ASN B 265 -9.08 20.70 -10.73
N THR B 266 -8.25 20.94 -9.71
CA THR B 266 -7.92 22.32 -9.30
C THR B 266 -6.85 23.04 -10.17
N MET B 267 -6.20 22.32 -11.06
CA MET B 267 -5.12 22.90 -11.88
C MET B 267 -5.68 23.29 -13.21
N TYR B 268 -5.45 24.53 -13.59
CA TYR B 268 -5.85 25.08 -14.88
C TYR B 268 -4.60 25.10 -15.74
N GLN B 269 -4.63 24.51 -16.93
CA GLN B 269 -3.50 24.51 -17.80
C GLN B 269 -3.62 25.77 -18.62
N ALA B 270 -2.70 26.69 -18.39
CA ALA B 270 -2.46 27.81 -19.34
C ALA B 270 -1.40 27.44 -20.35
N LEU B 271 -0.88 28.42 -21.07
CA LEU B 271 0.24 28.19 -21.96
C LEU B 271 1.58 28.25 -21.21
N GLY B 272 2.25 27.11 -21.04
CA GLY B 272 3.36 26.99 -20.13
C GLY B 272 3.05 26.99 -18.66
N TRP B 273 2.44 28.09 -18.23
CA TRP B 273 2.10 28.29 -16.83
C TRP B 273 0.95 27.35 -16.43
N GLU B 274 1.02 26.92 -15.19
CA GLU B 274 -0.07 26.32 -14.48
C GLU B 274 -0.72 27.40 -13.63
N GLU B 275 -2.02 27.38 -13.58
CA GLU B 275 -2.86 28.42 -13.00
C GLU B 275 -3.78 27.83 -11.94
N PHE B 276 -4.10 28.60 -10.91
CA PHE B 276 -4.93 28.16 -9.78
C PHE B 276 -5.79 29.30 -9.30
N SER B 277 -6.97 28.94 -8.80
CA SER B 277 -7.80 29.89 -8.12
C SER B 277 -7.08 30.49 -6.89
N TYR B 278 -7.04 31.84 -6.76
CA TYR B 278 -6.32 32.51 -5.66
C TYR B 278 -7.36 33.12 -4.67
N PRO B 279 -7.21 32.97 -3.35
CA PRO B 279 -6.14 32.21 -2.66
C PRO B 279 -6.14 30.69 -2.92
N ALA B 280 -4.93 30.13 -3.06
CA ALA B 280 -4.74 28.70 -3.19
C ALA B 280 -4.17 28.06 -1.92
N THR B 281 -4.68 26.90 -1.54
CA THR B 281 -4.07 26.13 -0.46
C THR B 281 -2.76 25.52 -0.91
N LEU B 282 -1.90 25.19 0.09
CA LEU B 282 -0.66 24.49 -0.21
C LEU B 282 -0.84 23.18 -0.94
N GLN B 283 -1.82 22.42 -0.47
CA GLN B 283 -2.08 21.11 -1.06
C GLN B 283 -2.52 21.18 -2.52
N THR B 284 -3.36 22.14 -2.87
CA THR B 284 -3.70 22.33 -4.28
C THR B 284 -2.42 22.52 -5.13
N LEU B 285 -1.51 23.35 -4.62
CA LEU B 285 -0.27 23.57 -5.31
C LEU B 285 0.64 22.32 -5.39
N LEU B 286 0.72 21.57 -4.31
CA LEU B 286 1.46 20.27 -4.30
C LEU B 286 0.81 19.23 -5.26
N ASP B 287 -0.52 19.19 -5.26
CA ASP B 287 -1.27 18.27 -6.19
C ASP B 287 -0.91 18.49 -7.66
N SER B 288 -0.60 19.73 -8.04
CA SER B 288 -0.24 19.97 -9.42
C SER B 288 1.01 19.23 -9.84
N ASN B 289 1.94 19.01 -8.94
CA ASN B 289 3.19 18.35 -9.29
C ASN B 289 3.30 16.87 -8.75
N SER B 290 2.15 16.24 -8.55
CA SER B 290 2.06 14.85 -8.22
C SER B 290 2.53 13.94 -9.35
N GLU B 291 2.97 12.75 -8.98
CA GLU B 291 3.32 11.71 -9.96
C GLU B 291 2.19 11.45 -10.97
N GLN B 292 0.96 11.40 -10.46
CA GLN B 292 -0.21 11.16 -11.28
C GLN B 292 -0.41 12.27 -12.35
N ILE B 293 -0.16 13.53 -12.01
CA ILE B 293 -0.33 14.64 -12.98
C ILE B 293 0.83 14.72 -13.97
N VAL B 294 2.04 14.61 -13.43
CA VAL B 294 3.25 14.78 -14.20
C VAL B 294 3.50 13.59 -15.13
N MET B 295 3.29 12.35 -14.63
CA MET B 295 3.83 11.17 -15.31
C MET B 295 2.79 10.34 -16.07
N LYS B 296 1.52 10.54 -15.81
CA LYS B 296 0.48 9.71 -16.39
C LYS B 296 -0.49 10.51 -17.19
N PRO B 297 -1.35 9.83 -17.96
CA PRO B 297 -2.41 10.60 -18.69
C PRO B 297 -3.58 10.96 -17.80
N ASN B 298 -4.13 12.12 -18.01
CA ASN B 298 -5.29 12.54 -17.27
C ASN B 298 -6.27 13.17 -18.21
N LYS B 299 -7.49 12.64 -18.19
CA LYS B 299 -8.60 13.21 -18.98
C LYS B 299 -8.87 14.61 -18.53
N VAL B 300 -8.97 15.55 -19.46
CA VAL B 300 -9.16 16.96 -19.09
C VAL B 300 -10.64 17.25 -19.00
N THR B 301 -10.94 18.39 -18.38
CA THR B 301 -12.36 18.90 -18.24
C THR B 301 -12.43 20.30 -18.80
N ALA B 302 -13.56 20.64 -19.36
CA ALA B 302 -13.79 22.02 -19.80
C ALA B 302 -13.86 22.93 -18.58
N ILE B 303 -13.34 24.16 -18.67
CA ILE B 303 -13.37 25.04 -17.50
C ILE B 303 -14.85 25.42 -17.23
N SER B 304 -15.32 25.13 -16.01
CA SER B 304 -16.72 25.38 -15.70
C SER B 304 -16.91 26.30 -14.50
N LYS B 305 -15.78 26.66 -13.86
CA LYS B 305 -15.67 27.71 -12.89
C LYS B 305 -14.42 28.50 -13.29
N GLU B 306 -14.59 29.67 -13.89
CA GLU B 306 -13.47 30.58 -14.21
C GLU B 306 -13.27 31.54 -13.04
N PRO B 307 -12.18 31.39 -12.29
CA PRO B 307 -11.87 32.34 -11.19
C PRO B 307 -11.52 33.78 -11.57
N SER B 308 -12.07 34.73 -10.81
CA SER B 308 -11.75 36.11 -10.92
C SER B 308 -10.24 36.38 -10.70
N VAL B 309 -9.68 35.75 -9.68
CA VAL B 309 -8.30 36.07 -9.18
C VAL B 309 -7.52 34.79 -9.23
N LYS B 310 -6.33 34.85 -9.79
CA LYS B 310 -5.52 33.68 -10.08
C LYS B 310 -4.15 33.79 -9.47
N MET B 311 -3.49 32.63 -9.28
CA MET B 311 -1.99 32.63 -9.14
C MET B 311 -1.41 31.59 -10.13
N TYR B 312 -0.07 31.61 -10.33
CA TYR B 312 0.57 30.86 -11.44
C TYR B 312 1.93 30.37 -10.94
N HIS B 313 2.29 29.17 -11.30
CA HIS B 313 3.60 28.63 -10.98
C HIS B 313 4.11 27.70 -12.06
N LYS B 314 5.40 27.32 -11.93
CA LYS B 314 6.00 26.26 -12.76
C LYS B 314 7.28 25.83 -12.11
N THR B 315 7.41 24.51 -11.97
CA THR B 315 8.69 23.88 -11.60
C THR B 315 9.51 23.53 -12.85
N GLY B 316 10.82 23.52 -12.66
CA GLY B 316 11.76 23.07 -13.73
C GLY B 316 12.89 22.24 -13.15
N SER B 317 13.32 21.24 -13.87
CA SER B 317 14.53 20.56 -13.52
C SER B 317 15.25 20.07 -14.78
N THR B 318 16.59 20.02 -14.69
CA THR B 318 17.49 19.27 -15.55
C THR B 318 18.09 18.20 -14.65
N SER B 319 18.99 17.36 -15.15
CA SER B 319 19.63 16.34 -14.25
C SER B 319 20.36 17.01 -13.14
N GLY B 320 20.94 18.19 -13.42
CA GLY B 320 21.72 18.94 -12.48
C GLY B 320 21.18 20.15 -11.71
N PHE B 321 19.96 20.59 -11.97
CA PHE B 321 19.46 21.88 -11.54
C PHE B 321 18.00 21.80 -11.25
N GLY B 322 17.60 22.51 -10.19
CA GLY B 322 16.21 22.81 -9.91
C GLY B 322 15.83 24.28 -10.07
N THR B 323 14.59 24.43 -10.47
CA THR B 323 13.94 25.73 -10.57
C THR B 323 12.51 25.74 -10.08
N TYR B 324 12.08 26.89 -9.57
CA TYR B 324 10.68 27.21 -9.27
C TYR B 324 10.39 28.70 -9.39
N VAL B 325 9.30 28.98 -10.11
CA VAL B 325 8.83 30.30 -10.37
C VAL B 325 7.34 30.34 -10.03
N VAL B 326 6.93 31.36 -9.26
CA VAL B 326 5.51 31.59 -8.87
C VAL B 326 5.20 33.07 -8.79
N PHE B 327 4.01 33.49 -9.23
CA PHE B 327 3.62 34.87 -9.08
C PHE B 327 2.12 35.00 -8.80
N ILE B 328 1.76 36.08 -8.12
CA ILE B 328 0.37 36.32 -7.67
C ILE B 328 0.02 37.78 -8.01
N PRO B 329 -0.65 38.00 -9.13
CA PRO B 329 -0.90 39.41 -9.55
C PRO B 329 -1.66 40.29 -8.49
N LYS B 330 -2.62 39.74 -7.79
CA LYS B 330 -3.39 40.45 -6.72
C LYS B 330 -2.53 41.07 -5.65
N GLU B 331 -1.46 40.36 -5.21
CA GLU B 331 -0.55 40.84 -4.17
C GLU B 331 0.67 41.55 -4.73
N ASN B 332 0.74 41.68 -6.04
CA ASN B 332 1.90 42.17 -6.81
C ASN B 332 3.24 41.63 -6.31
N ILE B 333 3.28 40.32 -6.14
CA ILE B 333 4.42 39.61 -5.56
C ILE B 333 4.76 38.34 -6.33
N GLY B 334 6.01 37.95 -6.27
CA GLY B 334 6.49 36.78 -7.06
C GLY B 334 7.81 36.27 -6.48
N LEU B 335 8.20 35.03 -6.81
CA LEU B 335 9.39 34.45 -6.20
C LEU B 335 10.03 33.55 -7.27
N VAL B 336 11.36 33.49 -7.24
CA VAL B 336 12.17 32.62 -8.07
C VAL B 336 13.20 31.86 -7.20
N MET B 337 13.26 30.52 -7.36
CA MET B 337 14.33 29.68 -6.76
C MET B 337 15.12 29.00 -7.83
N LEU B 338 16.45 29.08 -7.73
CA LEU B 338 17.39 28.37 -8.63
C LEU B 338 18.38 27.61 -7.77
N THR B 339 18.56 26.31 -8.02
CA THR B 339 19.58 25.49 -7.35
C THR B 339 20.39 24.79 -8.42
N ASN B 340 21.67 24.48 -8.12
CA ASN B 340 22.45 23.61 -8.94
C ASN B 340 22.57 22.18 -8.34
N LYS B 341 21.45 21.71 -7.87
CA LYS B 341 21.14 20.31 -7.55
C LYS B 341 19.59 20.20 -7.43
N ARG B 342 19.02 19.17 -8.03
CA ARG B 342 17.61 18.92 -7.88
C ARG B 342 17.27 18.70 -6.46
N ILE B 343 16.17 19.32 -6.00
CA ILE B 343 15.54 18.97 -4.72
C ILE B 343 14.10 18.62 -4.98
N PRO B 344 13.47 17.91 -4.05
CA PRO B 344 12.11 17.54 -4.41
C PRO B 344 11.13 18.72 -4.66
N ASN B 345 10.30 18.54 -5.66
CA ASN B 345 9.35 19.59 -6.05
C ASN B 345 8.48 20.07 -4.88
N GLU B 346 8.10 19.18 -3.96
CA GLU B 346 7.27 19.61 -2.83
C GLU B 346 7.95 20.59 -1.88
N GLU B 347 9.25 20.44 -1.68
CA GLU B 347 10.07 21.34 -0.80
C GLU B 347 10.15 22.74 -1.39
N ARG B 348 10.30 22.78 -2.69
CA ARG B 348 10.38 24.09 -3.44
C ARG B 348 9.06 24.85 -3.31
N ILE B 349 7.97 24.16 -3.55
CA ILE B 349 6.66 24.72 -3.51
C ILE B 349 6.31 25.16 -2.09
N LYS B 350 6.52 24.33 -1.10
CA LYS B 350 6.18 24.69 0.27
C LYS B 350 7.03 25.88 0.80
N ALA B 351 8.34 25.82 0.63
CA ALA B 351 9.19 26.94 1.11
C ALA B 351 8.70 28.25 0.50
N ALA B 352 8.42 28.26 -0.80
CA ALA B 352 7.94 29.49 -1.44
C ALA B 352 6.58 29.95 -0.86
N TYR B 353 5.68 28.99 -0.56
CA TYR B 353 4.35 29.24 0.00
C TYR B 353 4.46 29.97 1.35
N VAL B 354 5.33 29.42 2.22
CA VAL B 354 5.54 30.00 3.53
C VAL B 354 6.09 31.44 3.42
N VAL B 355 7.11 31.62 2.62
CA VAL B 355 7.68 32.96 2.40
C VAL B 355 6.65 33.99 1.88
N LEU B 356 5.95 33.65 0.81
CA LEU B 356 5.04 34.61 0.15
C LEU B 356 3.88 34.96 1.03
N ASN B 357 3.43 34.02 1.85
CA ASN B 357 2.35 34.30 2.68
C ASN B 357 2.68 35.06 3.97
N ALA B 358 3.92 34.97 4.42
CA ALA B 358 4.42 35.64 5.63
C ALA B 358 4.86 37.07 5.39
N ILE B 359 5.20 37.43 4.18
CA ILE B 359 5.78 38.74 3.88
C ILE B 359 4.72 39.82 4.18
N LYS B 360 5.09 40.88 4.89
CA LYS B 360 4.08 41.89 5.27
C LYS B 360 3.62 42.71 4.06
N LYS B 361 2.32 43.05 4.07
CA LYS B 361 1.59 44.10 3.28
C LYS B 361 1.15 43.76 1.84
N PRO C 5 -29.97 -47.79 3.77
CA PRO C 5 -29.52 -47.67 5.17
C PRO C 5 -29.41 -46.21 5.62
N LYS C 6 -28.80 -46.00 6.78
CA LYS C 6 -28.40 -44.65 7.25
C LYS C 6 -27.47 -43.95 6.22
N ASP C 7 -26.67 -44.73 5.50
CA ASP C 7 -25.77 -44.28 4.41
C ASP C 7 -26.40 -43.23 3.47
N GLN C 8 -27.50 -43.61 2.83
CA GLN C 8 -28.15 -42.71 1.87
C GLN C 8 -28.92 -41.60 2.59
N GLU C 9 -29.34 -41.83 3.84
CA GLU C 9 -30.10 -40.83 4.64
C GLU C 9 -29.21 -39.64 5.06
N ILE C 10 -28.05 -39.98 5.64
CA ILE C 10 -27.00 -39.01 6.00
C ILE C 10 -26.53 -38.23 4.74
N LYS C 11 -26.14 -38.94 3.66
CA LYS C 11 -25.74 -38.30 2.36
C LYS C 11 -26.77 -37.29 1.84
N LYS C 12 -28.04 -37.65 2.03
CA LYS C 12 -29.17 -36.86 1.60
C LYS C 12 -29.21 -35.55 2.37
N LEU C 13 -29.01 -35.66 3.68
CA LEU C 13 -29.06 -34.49 4.57
C LEU C 13 -27.83 -33.54 4.33
N VAL C 14 -26.66 -34.14 4.07
CA VAL C 14 -25.42 -33.38 3.86
C VAL C 14 -25.46 -32.70 2.50
N ASP C 15 -25.99 -33.40 1.49
CA ASP C 15 -26.20 -32.81 0.19
C ASP C 15 -27.19 -31.66 0.33
N GLN C 16 -28.18 -31.84 1.21
CA GLN C 16 -29.21 -30.79 1.40
C GLN C 16 -28.62 -29.52 2.06
N ASN C 17 -27.86 -29.68 3.12
CA ASN C 17 -27.43 -28.52 3.91
C ASN C 17 -26.01 -28.01 3.63
N PHE C 18 -25.07 -28.88 3.24
CA PHE C 18 -23.68 -28.40 3.02
C PHE C 18 -23.38 -28.10 1.56
N LYS C 19 -23.88 -28.93 0.63
CA LYS C 19 -23.53 -28.84 -0.79
C LYS C 19 -23.84 -27.53 -1.49
N PRO C 20 -24.94 -26.84 -1.13
CA PRO C 20 -25.19 -25.56 -1.77
C PRO C 20 -24.15 -24.49 -1.44
N LEU C 21 -23.37 -24.68 -0.36
CA LEU C 21 -22.40 -23.68 0.12
C LEU C 21 -21.21 -23.55 -0.85
N LEU C 22 -20.85 -24.65 -1.52
CA LEU C 22 -19.86 -24.64 -2.62
C LEU C 22 -20.20 -23.64 -3.71
N GLU C 23 -21.41 -23.75 -4.26
CA GLU C 23 -21.80 -22.81 -5.31
C GLU C 23 -22.04 -21.43 -4.76
N LYS C 24 -22.59 -21.33 -3.54
CA LYS C 24 -22.86 -20.02 -2.93
C LYS C 24 -21.59 -19.17 -2.67
N TYR C 25 -20.51 -19.82 -2.20
CA TYR C 25 -19.26 -19.09 -1.90
C TYR C 25 -18.10 -19.34 -2.87
N ASP C 26 -18.34 -20.08 -3.96
CA ASP C 26 -17.30 -20.40 -4.96
C ASP C 26 -16.18 -21.26 -4.32
N VAL C 27 -16.56 -22.25 -3.51
CA VAL C 27 -15.60 -23.06 -2.78
C VAL C 27 -15.15 -24.20 -3.70
N PRO C 28 -13.84 -24.37 -3.89
CA PRO C 28 -13.53 -25.46 -4.80
C PRO C 28 -13.81 -26.86 -4.30
N GLY C 29 -13.60 -27.13 -3.03
CA GLY C 29 -13.67 -28.51 -2.58
C GLY C 29 -14.05 -28.56 -1.14
N MET C 30 -14.68 -29.67 -0.72
CA MET C 30 -15.20 -29.80 0.67
C MET C 30 -15.29 -31.25 1.08
N ALA C 31 -15.02 -31.52 2.35
CA ALA C 31 -15.21 -32.87 2.94
C ALA C 31 -16.09 -32.71 4.21
N VAL C 32 -17.21 -33.45 4.26
CA VAL C 32 -18.09 -33.50 5.44
C VAL C 32 -18.24 -34.95 5.93
N GLY C 33 -18.05 -35.16 7.22
CA GLY C 33 -18.25 -36.47 7.80
C GLY C 33 -19.06 -36.47 9.09
N VAL C 34 -19.79 -37.57 9.34
CA VAL C 34 -20.63 -37.74 10.55
C VAL C 34 -20.22 -39.00 11.22
N ILE C 35 -20.17 -38.99 12.54
CA ILE C 35 -20.00 -40.22 13.28
C ILE C 35 -21.26 -40.32 14.14
N GLN C 36 -21.87 -41.52 14.13
CA GLN C 36 -23.03 -41.82 14.97
C GLN C 36 -22.88 -43.25 15.42
N ASN C 37 -22.64 -43.41 16.71
CA ASN C 37 -22.79 -44.69 17.35
C ASN C 37 -21.75 -45.66 16.80
N ASN C 38 -20.51 -45.20 16.65
CA ASN C 38 -19.40 -45.96 16.01
C ASN C 38 -19.44 -46.15 14.45
N LYS C 39 -20.48 -45.67 13.76
CA LYS C 39 -20.54 -45.76 12.30
C LYS C 39 -20.06 -44.42 11.71
N LYS C 40 -19.14 -44.45 10.73
CA LYS C 40 -18.59 -43.23 10.11
C LYS C 40 -19.12 -43.07 8.69
N TYR C 41 -19.54 -41.86 8.36
CA TYR C 41 -20.08 -41.56 7.04
C TYR C 41 -19.26 -40.40 6.46
N GLU C 42 -18.56 -40.64 5.34
CA GLU C 42 -17.67 -39.64 4.70
C GLU C 42 -18.31 -39.14 3.38
N MET C 43 -18.47 -37.82 3.22
CA MET C 43 -18.91 -37.21 1.95
C MET C 43 -17.95 -36.16 1.36
N TYR C 44 -17.59 -36.31 0.09
CA TYR C 44 -16.55 -35.51 -0.60
C TYR C 44 -17.13 -34.81 -1.81
N TYR C 45 -16.76 -33.54 -2.02
CA TYR C 45 -17.24 -32.72 -3.15
C TYR C 45 -16.10 -31.92 -3.79
N GLY C 46 -16.24 -31.63 -5.08
CA GLY C 46 -15.32 -30.78 -5.83
C GLY C 46 -13.85 -31.19 -5.80
N LEU C 47 -13.00 -30.16 -5.76
CA LEU C 47 -11.59 -30.26 -6.10
C LEU C 47 -10.67 -29.84 -4.96
N GLN C 48 -9.70 -30.70 -4.72
CA GLN C 48 -8.55 -30.54 -3.79
C GLN C 48 -7.55 -29.55 -4.39
N SER C 49 -7.30 -29.73 -5.68
CA SER C 49 -6.45 -28.84 -6.45
C SER C 49 -7.05 -28.53 -7.81
N VAL C 50 -7.39 -27.28 -7.99
CA VAL C 50 -7.90 -26.88 -9.28
C VAL C 50 -6.89 -27.13 -10.39
N GLN C 51 -5.64 -26.71 -10.23
CA GLN C 51 -4.61 -26.84 -11.28
C GLN C 51 -4.29 -28.26 -11.69
N ASP C 52 -4.20 -29.13 -10.70
CA ASP C 52 -3.83 -30.51 -10.86
C ASP C 52 -5.06 -31.40 -11.14
N LYS C 53 -6.25 -30.82 -11.20
CA LYS C 53 -7.51 -31.54 -11.49
C LYS C 53 -7.67 -32.72 -10.56
N LYS C 54 -7.52 -32.45 -9.27
CA LYS C 54 -7.64 -33.47 -8.23
C LYS C 54 -8.89 -33.23 -7.40
N ALA C 55 -9.74 -34.27 -7.37
CA ALA C 55 -10.93 -34.30 -6.53
C ALA C 55 -10.61 -34.63 -5.11
N VAL C 56 -11.36 -34.00 -4.21
CA VAL C 56 -11.31 -34.32 -2.80
C VAL C 56 -11.71 -35.77 -2.59
N ASN C 57 -10.96 -36.45 -1.76
CA ASN C 57 -11.15 -37.85 -1.49
C ASN C 57 -10.68 -38.10 -0.03
N SER C 58 -10.75 -39.35 0.41
CA SER C 58 -10.41 -39.72 1.77
C SER C 58 -8.96 -39.47 2.16
N ASN C 59 -8.05 -39.34 1.19
CA ASN C 59 -6.65 -38.98 1.49
C ASN C 59 -6.36 -37.46 1.53
N THR C 60 -7.35 -36.60 1.23
CA THR C 60 -7.05 -35.17 1.05
C THR C 60 -6.73 -34.55 2.41
N ILE C 61 -5.62 -33.82 2.49
CA ILE C 61 -5.17 -33.08 3.71
C ILE C 61 -5.62 -31.61 3.64
N PHE C 62 -6.24 -31.11 4.73
CA PHE C 62 -6.78 -29.77 4.78
C PHE C 62 -6.08 -29.09 5.97
N GLU C 63 -5.88 -27.77 5.89
CA GLU C 63 -5.47 -26.96 7.05
C GLU C 63 -6.63 -26.75 8.05
N LEU C 64 -6.42 -27.10 9.33
CA LEU C 64 -7.45 -27.02 10.34
C LEU C 64 -7.58 -25.66 10.98
N GLY C 65 -6.57 -24.82 10.85
CA GLY C 65 -6.60 -23.51 11.47
C GLY C 65 -6.69 -23.67 12.98
N SER C 66 -7.59 -22.94 13.59
CA SER C 66 -7.69 -22.88 15.05
C SER C 66 -8.19 -24.20 15.64
N VAL C 67 -8.73 -25.12 14.85
CA VAL C 67 -9.00 -26.45 15.39
C VAL C 67 -7.68 -27.16 15.79
N SER C 68 -6.55 -26.60 15.34
CA SER C 68 -5.25 -27.10 15.77
C SER C 68 -5.12 -26.96 17.27
N LYS C 69 -5.82 -25.99 17.86
CA LYS C 69 -5.75 -25.72 19.30
C LYS C 69 -6.26 -26.91 20.14
N LEU C 70 -7.09 -27.77 19.52
CA LEU C 70 -7.62 -28.95 20.21
C LEU C 70 -6.53 -29.98 20.43
N PHE C 71 -5.54 -30.05 19.53
CA PHE C 71 -4.45 -30.92 19.72
C PHE C 71 -3.50 -30.33 20.73
N THR C 72 -3.27 -29.01 20.70
CA THR C 72 -2.44 -28.38 21.73
C THR C 72 -2.98 -28.64 23.17
N ALA C 73 -4.28 -28.41 23.36
CA ALA C 73 -5.01 -28.76 24.61
C ALA C 73 -4.83 -30.23 25.01
N THR C 74 -4.99 -31.13 24.04
CA THR C 74 -4.87 -32.56 24.29
C THR C 74 -3.44 -32.95 24.70
N ALA C 75 -2.45 -32.33 24.08
CA ALA C 75 -1.05 -32.49 24.50
C ALA C 75 -0.84 -32.01 25.92
N GLY C 76 -1.45 -30.87 26.27
CA GLY C 76 -1.38 -30.31 27.64
C GLY C 76 -2.01 -31.19 28.68
N GLY C 77 -3.18 -31.73 28.34
CA GLY C 77 -3.84 -32.76 29.14
C GLY C 77 -3.00 -34.01 29.39
N TYR C 78 -2.27 -34.45 28.36
CA TYR C 78 -1.39 -35.63 28.45
C TYR C 78 -0.18 -35.35 29.34
N ALA C 79 0.49 -34.23 29.10
CA ALA C 79 1.65 -33.86 29.90
C ALA C 79 1.30 -33.73 31.41
N LYS C 80 0.13 -33.14 31.67
CA LYS C 80 -0.35 -32.90 33.00
C LYS C 80 -0.66 -34.21 33.76
N ASN C 81 -1.36 -35.16 33.12
CA ASN C 81 -1.74 -36.40 33.80
C ASN C 81 -0.54 -37.39 33.95
N LYS C 82 0.52 -37.13 33.20
CA LYS C 82 1.78 -37.84 33.37
C LYS C 82 2.70 -37.11 34.35
N GLY C 83 2.33 -35.91 34.80
CA GLY C 83 3.08 -35.20 35.86
C GLY C 83 4.18 -34.28 35.36
N LYS C 84 4.18 -34.01 34.05
CA LYS C 84 5.27 -33.26 33.39
C LYS C 84 5.05 -31.79 33.60
N ILE C 85 3.76 -31.42 33.71
CA ILE C 85 3.38 -30.08 34.12
C ILE C 85 2.35 -30.11 35.22
N SER C 86 2.31 -29.02 35.97
CA SER C 86 1.14 -28.63 36.71
C SER C 86 0.51 -27.41 36.01
N PHE C 87 -0.82 -27.37 35.95
CA PHE C 87 -1.56 -26.20 35.48
C PHE C 87 -1.35 -24.95 36.31
N ASP C 88 -0.91 -25.16 37.58
CA ASP C 88 -0.55 -24.04 38.44
C ASP C 88 0.85 -23.55 38.23
N ASP C 89 1.65 -24.24 37.40
CA ASP C 89 3.02 -23.75 37.14
C ASP C 89 2.93 -22.50 36.30
N THR C 90 4.00 -21.72 36.30
CA THR C 90 4.21 -20.60 35.37
C THR C 90 5.26 -21.02 34.30
N PRO C 91 5.31 -20.31 33.14
CA PRO C 91 6.15 -20.74 32.00
C PRO C 91 7.66 -20.77 32.28
N GLY C 92 8.13 -19.85 33.13
CA GLY C 92 9.54 -19.74 33.50
C GLY C 92 10.12 -20.92 34.25
N LYS C 93 9.26 -21.79 34.81
CA LYS C 93 9.70 -23.12 35.32
C LYS C 93 10.26 -24.07 34.21
N TYR C 94 9.86 -23.83 32.95
CA TYR C 94 10.20 -24.69 31.80
C TYR C 94 11.04 -23.99 30.77
N TRP C 95 10.64 -22.81 30.36
CA TRP C 95 11.46 -21.95 29.56
C TRP C 95 12.28 -21.07 30.51
N LYS C 96 13.48 -21.55 30.87
CA LYS C 96 14.39 -20.93 31.87
C LYS C 96 14.62 -19.42 31.65
N GLU C 97 14.65 -18.99 30.40
CA GLU C 97 14.90 -17.56 30.03
C GLU C 97 13.76 -16.57 30.33
N LEU C 98 12.60 -17.09 30.73
CA LEU C 98 11.47 -16.31 31.25
C LEU C 98 11.35 -16.42 32.80
N LYS C 99 12.31 -17.08 33.49
CA LYS C 99 12.26 -17.22 34.97
C LYS C 99 12.23 -15.83 35.61
N ASN C 100 11.34 -15.64 36.59
CA ASN C 100 11.16 -14.33 37.29
C ASN C 100 10.81 -13.12 36.41
N THR C 101 10.34 -13.32 35.18
CA THR C 101 9.88 -12.17 34.36
C THR C 101 8.42 -11.88 34.73
N PRO C 102 7.87 -10.74 34.28
CA PRO C 102 6.46 -10.52 34.60
C PRO C 102 5.53 -11.63 34.07
N ILE C 103 5.79 -12.13 32.85
CA ILE C 103 5.01 -13.20 32.24
C ILE C 103 5.09 -14.47 33.13
N ASP C 104 6.18 -14.59 33.89
CA ASP C 104 6.37 -15.70 34.84
C ASP C 104 5.45 -15.66 36.06
N GLN C 105 4.54 -14.68 36.14
CA GLN C 105 3.43 -14.65 37.11
C GLN C 105 2.06 -15.16 36.54
N VAL C 106 2.00 -15.51 35.25
CA VAL C 106 0.79 -16.07 34.67
C VAL C 106 0.90 -17.58 34.72
N ASN C 107 -0.19 -18.31 35.05
CA ASN C 107 -0.10 -19.77 35.09
C ASN C 107 -0.40 -20.43 33.70
N LEU C 108 -0.04 -21.69 33.55
CA LEU C 108 -0.24 -22.42 32.28
C LEU C 108 -1.69 -22.52 31.88
N LEU C 109 -2.57 -22.75 32.84
CA LEU C 109 -4.01 -22.79 32.56
C LEU C 109 -4.56 -21.45 32.01
N GLN C 110 -4.08 -20.38 32.63
CA GLN C 110 -4.39 -19.01 32.22
C GLN C 110 -3.88 -18.70 30.80
N LEU C 111 -2.69 -19.18 30.47
CA LEU C 111 -2.21 -19.09 29.07
C LEU C 111 -3.11 -19.91 28.15
N ALA C 112 -3.36 -21.17 28.53
CA ALA C 112 -4.15 -22.09 27.70
C ALA C 112 -5.54 -21.60 27.43
N THR C 113 -6.13 -20.88 28.39
CA THR C 113 -7.51 -20.40 28.30
C THR C 113 -7.66 -18.87 28.15
N TYR C 114 -6.58 -18.22 27.72
CA TYR C 114 -6.63 -16.82 27.24
C TYR C 114 -6.94 -15.72 28.31
N THR C 115 -6.57 -15.96 29.59
CA THR C 115 -6.83 -15.02 30.72
C THR C 115 -5.63 -14.26 31.28
N SER C 116 -4.54 -14.17 30.52
CA SER C 116 -3.34 -13.43 30.94
C SER C 116 -3.56 -11.92 31.19
N GLY C 117 -4.57 -11.35 30.52
CA GLY C 117 -4.93 -9.95 30.65
C GLY C 117 -4.16 -9.00 29.79
N ASN C 118 -3.12 -9.47 29.06
CA ASN C 118 -2.44 -8.64 28.05
C ASN C 118 -1.82 -9.42 26.86
N LEU C 119 -2.62 -10.24 26.18
CA LEU C 119 -2.15 -10.86 24.93
C LEU C 119 -3.26 -10.80 23.91
N ALA C 120 -2.93 -10.16 22.78
CA ALA C 120 -3.84 -9.92 21.67
C ALA C 120 -4.01 -11.19 20.83
N LEU C 121 -4.87 -11.08 19.81
CA LEU C 121 -5.21 -12.17 18.94
C LEU C 121 -4.00 -12.72 18.19
N GLN C 122 -3.17 -11.82 17.67
CA GLN C 122 -1.99 -12.19 16.89
C GLN C 122 -0.75 -11.57 17.56
N PHE C 123 0.40 -12.12 17.22
CA PHE C 123 1.68 -11.47 17.56
C PHE C 123 1.75 -10.15 16.78
N PRO C 124 2.56 -9.19 17.26
CA PRO C 124 2.88 -8.07 16.33
C PRO C 124 3.59 -8.51 15.02
N ASP C 125 3.33 -7.80 13.93
CA ASP C 125 3.97 -8.10 12.63
C ASP C 125 5.49 -8.27 12.69
N GLU C 126 6.16 -7.45 13.50
CA GLU C 126 7.63 -7.47 13.63
C GLU C 126 8.14 -8.69 14.40
N VAL C 127 7.28 -9.44 15.08
CA VAL C 127 7.67 -10.67 15.75
C VAL C 127 7.60 -11.84 14.75
N GLN C 128 8.74 -12.37 14.34
CA GLN C 128 8.85 -13.44 13.35
C GLN C 128 9.78 -14.57 13.80
N THR C 129 11.06 -14.30 14.17
CA THR C 129 12.03 -15.41 14.57
C THR C 129 11.80 -15.92 15.96
N ASP C 130 12.48 -17.01 16.31
CA ASP C 130 12.38 -17.56 17.66
C ASP C 130 12.98 -16.60 18.73
N GLN C 131 14.04 -15.88 18.37
CA GLN C 131 14.57 -14.84 19.28
C GLN C 131 13.63 -13.63 19.41
N GLN C 132 13.02 -13.18 18.31
CA GLN C 132 12.01 -12.16 18.45
C GLN C 132 10.80 -12.57 19.36
N VAL C 133 10.39 -13.85 19.30
CA VAL C 133 9.35 -14.42 20.18
C VAL C 133 9.78 -14.36 21.65
N LEU C 134 10.98 -14.83 21.90
CA LEU C 134 11.55 -14.75 23.21
C LEU C 134 11.64 -13.29 23.75
N THR C 135 12.15 -12.37 22.94
CA THR C 135 12.22 -10.94 23.29
C THR C 135 10.83 -10.38 23.62
N PHE C 136 9.85 -10.68 22.77
CA PHE C 136 8.44 -10.28 23.06
C PHE C 136 7.98 -10.70 24.45
N PHE C 137 8.20 -11.96 24.80
CA PHE C 137 7.82 -12.46 26.13
C PHE C 137 8.69 -11.94 27.31
N LYS C 138 9.95 -11.66 27.03
CA LYS C 138 10.82 -11.05 28.06
C LYS C 138 10.38 -9.61 28.36
N ASP C 139 10.08 -8.85 27.31
CA ASP C 139 9.58 -7.47 27.40
C ASP C 139 8.12 -7.34 27.92
N TRP C 140 7.33 -8.42 27.92
CA TRP C 140 5.90 -8.37 28.31
C TRP C 140 5.69 -7.85 29.74
N LYS C 141 4.55 -7.18 29.95
CA LYS C 141 4.12 -6.70 31.28
C LYS C 141 2.60 -6.73 31.42
N PRO C 142 2.08 -6.88 32.65
CA PRO C 142 0.63 -7.01 32.85
C PRO C 142 -0.20 -5.77 32.42
N LYS C 143 -1.49 -6.01 32.14
CA LYS C 143 -2.51 -4.93 31.99
C LYS C 143 -3.70 -5.25 32.89
N ASN C 144 -4.65 -6.06 32.40
CA ASN C 144 -5.87 -6.38 33.16
C ASN C 144 -5.55 -7.42 34.23
N PRO C 145 -6.35 -7.49 35.32
CA PRO C 145 -6.03 -8.44 36.38
C PRO C 145 -5.88 -9.83 35.82
N ILE C 146 -4.78 -10.48 36.15
CA ILE C 146 -4.46 -11.79 35.58
C ILE C 146 -5.53 -12.79 36.05
N GLY C 147 -6.09 -13.55 35.14
CA GLY C 147 -7.17 -14.51 35.43
C GLY C 147 -8.60 -14.01 35.16
N GLU C 148 -8.83 -12.69 35.09
CA GLU C 148 -10.22 -12.15 35.09
C GLU C 148 -10.85 -11.94 33.72
N TYR C 149 -10.03 -11.66 32.70
CA TYR C 149 -10.52 -11.35 31.34
C TYR C 149 -10.06 -12.34 30.27
N ARG C 150 -11.01 -12.88 29.51
CA ARG C 150 -10.72 -13.69 28.30
C ARG C 150 -10.51 -12.81 27.07
N GLN C 151 -9.33 -12.90 26.46
CA GLN C 151 -9.13 -12.36 25.14
C GLN C 151 -8.55 -13.47 24.23
N TYR C 152 -9.38 -13.99 23.33
CA TYR C 152 -8.97 -15.12 22.46
C TYR C 152 -7.63 -14.79 21.82
N SER C 153 -6.62 -15.65 22.03
CA SER C 153 -5.23 -15.25 21.67
C SER C 153 -4.29 -16.35 21.16
N ASN C 154 -3.76 -16.19 19.93
CA ASN C 154 -2.76 -17.15 19.40
C ASN C 154 -1.39 -17.22 20.18
N PRO C 155 -0.72 -16.08 20.42
CA PRO C 155 0.44 -16.09 21.32
C PRO C 155 0.19 -16.69 22.70
N SER C 156 -1.00 -16.45 23.29
CA SER C 156 -1.26 -17.02 24.61
C SER C 156 -1.16 -18.55 24.61
N ILE C 157 -1.96 -19.22 23.79
CA ILE C 157 -1.94 -20.70 23.73
C ILE C 157 -0.70 -21.27 23.01
N GLY C 158 -0.19 -20.49 22.04
CA GLY C 158 1.20 -20.64 21.49
C GLY C 158 2.23 -20.89 22.56
N LEU C 159 2.35 -19.93 23.52
CA LEU C 159 3.26 -20.05 24.68
C LEU C 159 3.01 -21.30 25.49
N PHE C 160 1.74 -21.58 25.73
CA PHE C 160 1.35 -22.79 26.43
C PHE C 160 1.84 -24.05 25.74
N GLY C 161 1.67 -24.07 24.41
CA GLY C 161 2.21 -25.13 23.54
C GLY C 161 3.70 -25.34 23.68
N LYS C 162 4.48 -24.28 23.48
CA LYS C 162 5.93 -24.30 23.67
C LYS C 162 6.36 -24.89 25.00
N VAL C 163 5.67 -24.51 26.09
CA VAL C 163 5.93 -25.01 27.45
C VAL C 163 5.69 -26.51 27.56
N VAL C 164 4.55 -26.96 27.05
CA VAL C 164 4.21 -28.39 27.03
C VAL C 164 5.35 -29.19 26.32
N ALA C 165 5.81 -28.69 25.16
CA ALA C 165 6.99 -29.24 24.45
C ALA C 165 8.24 -29.32 25.37
N LEU C 166 8.69 -28.20 25.93
CA LEU C 166 9.84 -28.19 26.84
C LEU C 166 9.67 -29.19 27.96
N SER C 167 8.46 -29.25 28.49
CA SER C 167 8.02 -30.21 29.52
C SER C 167 8.27 -31.66 29.13
N MET C 168 8.06 -31.97 27.87
CA MET C 168 8.26 -33.28 27.36
C MET C 168 9.64 -33.48 26.68
N ASN C 169 10.55 -32.52 26.77
CA ASN C 169 11.90 -32.67 26.18
C ASN C 169 11.90 -33.01 24.64
N LYS C 170 10.88 -32.53 23.91
CA LYS C 170 10.70 -32.72 22.43
C LYS C 170 10.27 -31.37 21.82
N PRO C 171 10.74 -31.02 20.60
CA PRO C 171 10.09 -29.93 19.89
C PRO C 171 8.57 -30.18 19.72
N PHE C 172 7.79 -29.11 19.64
CA PHE C 172 6.32 -29.24 19.58
C PHE C 172 5.83 -30.15 18.41
N ASP C 173 6.47 -30.01 17.25
CA ASP C 173 6.15 -30.84 16.08
C ASP C 173 6.34 -32.30 16.39
N GLN C 174 7.41 -32.63 17.10
CA GLN C 174 7.63 -34.00 17.56
C GLN C 174 6.66 -34.42 18.67
N VAL C 175 6.30 -33.54 19.62
CA VAL C 175 5.20 -33.91 20.55
C VAL C 175 3.91 -34.44 19.83
N LEU C 176 3.43 -33.71 18.83
CA LEU C 176 2.23 -34.14 18.10
C LEU C 176 2.53 -35.34 17.17
N GLU C 177 3.60 -35.23 16.36
CA GLU C 177 3.88 -36.24 15.32
C GLU C 177 4.38 -37.57 15.88
N LYS C 178 5.07 -37.55 17.02
CA LYS C 178 5.61 -38.80 17.61
C LYS C 178 4.85 -39.36 18.75
N THR C 179 4.03 -38.54 19.46
CA THR C 179 3.34 -38.96 20.69
C THR C 179 1.82 -38.82 20.62
N ILE C 180 1.33 -37.59 20.43
CA ILE C 180 -0.14 -37.36 20.51
C ILE C 180 -0.94 -37.99 19.37
N PHE C 181 -0.51 -37.75 18.11
CA PHE C 181 -1.18 -38.40 16.96
C PHE C 181 -1.15 -39.97 17.02
N PRO C 182 0.06 -40.59 17.20
CA PRO C 182 0.07 -42.06 17.39
C PRO C 182 -0.86 -42.59 18.51
N ALA C 183 -0.91 -41.94 19.67
CA ALA C 183 -1.82 -42.36 20.77
C ALA C 183 -3.31 -42.25 20.38
N LEU C 184 -3.66 -41.23 19.61
CA LEU C 184 -5.03 -41.07 19.11
C LEU C 184 -5.30 -42.02 17.91
N GLY C 185 -4.27 -42.74 17.40
CA GLY C 185 -4.40 -43.60 16.18
C GLY C 185 -4.55 -42.86 14.83
N LEU C 186 -3.84 -41.74 14.68
CA LEU C 186 -4.06 -40.81 13.56
C LEU C 186 -2.85 -40.95 12.69
N LYS C 187 -3.05 -41.48 11.49
CA LYS C 187 -1.92 -41.85 10.61
C LYS C 187 -1.62 -40.83 9.48
N HIS C 188 -2.54 -39.86 9.25
CA HIS C 188 -2.36 -38.83 8.23
C HIS C 188 -2.63 -37.41 8.77
N SER C 189 -2.06 -37.11 9.95
CA SER C 189 -2.21 -35.82 10.61
C SER C 189 -0.81 -35.27 10.84
N TYR C 190 -0.62 -34.00 10.54
CA TYR C 190 0.73 -33.41 10.45
C TYR C 190 0.82 -31.98 10.97
N VAL C 191 1.97 -31.69 11.56
CA VAL C 191 2.44 -30.32 11.67
C VAL C 191 3.19 -29.93 10.43
N ASN C 192 4.10 -30.80 9.99
CA ASN C 192 4.82 -30.63 8.70
C ASN C 192 4.45 -31.79 7.77
N VAL C 193 3.82 -31.47 6.65
CA VAL C 193 3.40 -32.45 5.67
C VAL C 193 4.69 -33.00 4.97
N PRO C 194 4.97 -34.30 5.06
CA PRO C 194 6.21 -34.81 4.42
C PRO C 194 6.08 -34.88 2.90
N LYS C 195 7.24 -34.84 2.20
CA LYS C 195 7.36 -35.01 0.70
C LYS C 195 6.38 -36.02 0.13
N THR C 196 6.26 -37.16 0.80
CA THR C 196 5.41 -38.25 0.29
C THR C 196 3.93 -38.00 0.39
N GLN C 197 3.50 -37.03 1.21
CA GLN C 197 2.10 -36.65 1.25
C GLN C 197 1.74 -35.33 0.58
N MET C 198 2.71 -34.66 -0.04
CA MET C 198 2.43 -33.39 -0.74
C MET C 198 1.36 -33.51 -1.86
N GLN C 199 1.38 -34.65 -2.55
CA GLN C 199 0.36 -34.97 -3.56
C GLN C 199 -1.10 -34.98 -3.04
N ASN C 200 -1.25 -35.25 -1.76
CA ASN C 200 -2.54 -35.27 -1.06
C ASN C 200 -2.88 -33.96 -0.35
N TYR C 201 -1.96 -33.00 -0.34
CA TYR C 201 -2.18 -31.74 0.39
C TYR C 201 -2.97 -30.75 -0.47
N ALA C 202 -4.17 -30.40 -0.01
CA ALA C 202 -5.03 -29.51 -0.78
C ALA C 202 -4.38 -28.14 -0.92
N PHE C 203 -4.77 -27.41 -1.96
CA PHE C 203 -4.51 -25.98 -1.97
C PHE C 203 -5.66 -25.30 -1.35
N GLY C 204 -5.38 -24.29 -0.54
CA GLY C 204 -6.36 -23.21 -0.18
C GLY C 204 -6.57 -22.24 -1.34
N TYR C 205 -7.71 -21.55 -1.36
CA TYR C 205 -8.11 -20.52 -2.39
C TYR C 205 -8.57 -19.23 -1.69
N ASN C 206 -8.01 -18.08 -2.14
CA ASN C 206 -8.32 -16.83 -1.58
C ASN C 206 -9.63 -16.32 -2.22
N GLN C 207 -10.04 -15.12 -1.81
CA GLN C 207 -11.21 -14.43 -2.39
C GLN C 207 -11.25 -14.39 -3.93
N GLU C 208 -10.10 -14.32 -4.64
CA GLU C 208 -10.06 -14.24 -6.11
C GLU C 208 -9.76 -15.58 -6.80
N ASN C 209 -9.94 -16.65 -6.03
CA ASN C 209 -9.72 -18.01 -6.41
C ASN C 209 -8.26 -18.25 -6.88
N GLN C 210 -7.32 -17.66 -6.15
CA GLN C 210 -5.89 -17.87 -6.40
C GLN C 210 -5.42 -18.81 -5.32
N PRO C 211 -4.52 -19.75 -5.66
CA PRO C 211 -4.08 -20.71 -4.63
C PRO C 211 -3.20 -20.10 -3.54
N ILE C 212 -3.30 -20.64 -2.34
CA ILE C 212 -2.57 -20.18 -1.19
C ILE C 212 -2.46 -21.35 -0.15
N ARG C 213 -1.38 -21.32 0.60
CA ARG C 213 -1.07 -22.28 1.65
C ARG C 213 -0.64 -21.46 2.91
N VAL C 214 -0.82 -22.01 4.10
CA VAL C 214 -0.52 -21.22 5.27
C VAL C 214 0.97 -20.89 5.27
N ASN C 215 1.34 -19.66 5.63
CA ASN C 215 2.75 -19.22 5.77
C ASN C 215 3.33 -19.53 7.14
N PRO C 216 4.66 -19.80 7.23
CA PRO C 216 5.22 -20.02 8.56
C PRO C 216 5.10 -18.77 9.44
N GLY C 217 5.02 -18.94 10.75
CA GLY C 217 4.76 -17.82 11.67
C GLY C 217 5.22 -18.16 13.05
N PRO C 218 5.31 -17.14 13.95
CA PRO C 218 5.77 -17.35 15.30
C PRO C 218 4.76 -18.19 16.08
N LEU C 219 5.24 -19.28 16.64
CA LEU C 219 4.44 -20.29 17.35
C LEU C 219 3.14 -20.60 16.60
N ASP C 220 3.28 -20.88 15.29
CA ASP C 220 2.15 -21.21 14.44
C ASP C 220 1.52 -22.56 14.77
N ALA C 221 2.36 -23.58 14.87
CA ALA C 221 1.93 -24.94 15.08
C ALA C 221 0.89 -25.14 16.20
N PRO C 222 1.22 -24.76 17.45
CA PRO C 222 0.22 -24.94 18.50
C PRO C 222 -1.02 -24.07 18.33
N ALA C 223 -0.94 -22.95 17.56
CA ALA C 223 -2.13 -22.08 17.40
C ALA C 223 -3.02 -22.38 16.20
N TYR C 224 -2.46 -22.76 15.06
CA TYR C 224 -3.24 -22.89 13.81
C TYR C 224 -2.56 -23.74 12.71
N GLY C 225 -1.59 -24.55 13.10
CA GLY C 225 -0.61 -25.10 12.11
C GLY C 225 -0.74 -26.59 11.81
N VAL C 226 -1.82 -27.20 12.23
CA VAL C 226 -2.03 -28.61 12.07
C VAL C 226 -2.80 -28.88 10.79
N LYS C 227 -2.43 -29.97 10.11
CA LYS C 227 -3.14 -30.46 8.90
C LYS C 227 -3.60 -31.90 9.06
N SER C 228 -4.80 -32.19 8.53
CA SER C 228 -5.43 -33.52 8.67
C SER C 228 -6.41 -33.92 7.53
N THR C 229 -6.81 -35.18 7.55
CA THR C 229 -7.78 -35.72 6.57
C THR C 229 -9.13 -35.87 7.24
N LEU C 230 -10.20 -35.99 6.47
CA LEU C 230 -11.50 -36.27 7.07
C LEU C 230 -11.54 -37.58 7.93
N PRO C 231 -10.96 -38.70 7.45
CA PRO C 231 -11.02 -39.86 8.37
C PRO C 231 -10.25 -39.70 9.67
N ASP C 232 -9.09 -39.02 9.65
CA ASP C 232 -8.38 -38.77 10.89
C ASP C 232 -9.19 -37.91 11.84
N MET C 233 -9.96 -36.96 11.30
CA MET C 233 -10.74 -36.05 12.12
C MET C 233 -11.95 -36.76 12.68
N LEU C 234 -12.50 -37.71 11.94
CA LEU C 234 -13.58 -38.59 12.53
C LEU C 234 -13.04 -39.50 13.61
N SER C 235 -11.82 -40.00 13.45
CA SER C 235 -11.18 -40.76 14.49
C SER C 235 -10.94 -39.89 15.75
N PHE C 236 -10.51 -38.65 15.58
CA PHE C 236 -10.41 -37.73 16.72
C PHE C 236 -11.76 -37.42 17.37
N ILE C 237 -12.81 -37.21 16.59
CA ILE C 237 -14.12 -36.96 17.20
C ILE C 237 -14.59 -38.26 17.95
N HIS C 238 -14.34 -39.42 17.35
CA HIS C 238 -14.62 -40.72 18.01
C HIS C 238 -13.91 -40.82 19.37
N ALA C 239 -12.63 -40.41 19.42
CA ALA C 239 -11.86 -40.44 20.67
C ALA C 239 -12.46 -39.55 21.77
N ASN C 240 -13.01 -38.40 21.36
CA ASN C 240 -13.62 -37.45 22.27
C ASN C 240 -14.98 -37.96 22.78
N LEU C 241 -15.70 -38.69 21.94
CA LEU C 241 -16.98 -39.33 22.31
C LEU C 241 -16.87 -40.54 23.27
N ASN C 242 -15.80 -41.34 23.11
CA ASN C 242 -15.63 -42.61 23.79
C ASN C 242 -14.17 -42.71 24.30
N PRO C 243 -13.76 -41.82 25.22
CA PRO C 243 -12.37 -41.80 25.71
C PRO C 243 -11.92 -43.03 26.52
N GLN C 244 -12.89 -43.70 27.14
CA GLN C 244 -12.68 -44.98 27.80
C GLN C 244 -12.13 -46.06 26.86
N LYS C 245 -12.42 -45.97 25.57
CA LYS C 245 -11.95 -46.99 24.61
C LYS C 245 -10.48 -46.90 24.31
N TYR C 246 -9.78 -45.90 24.84
CA TYR C 246 -8.35 -45.70 24.55
C TYR C 246 -7.50 -46.03 25.75
N PRO C 247 -6.20 -46.28 25.52
CA PRO C 247 -5.19 -46.34 26.59
C PRO C 247 -5.27 -45.20 27.60
N THR C 248 -4.76 -45.42 28.80
CA THR C 248 -4.94 -44.51 29.96
C THR C 248 -4.41 -43.06 29.79
N ASP C 249 -3.12 -42.93 29.46
CA ASP C 249 -2.49 -41.59 29.36
C ASP C 249 -3.28 -40.70 28.41
N ILE C 250 -3.65 -41.21 27.21
CA ILE C 250 -4.46 -40.46 26.22
C ILE C 250 -5.99 -40.36 26.55
N GLN C 251 -6.57 -41.32 27.29
CA GLN C 251 -7.95 -41.20 27.87
C GLN C 251 -8.05 -40.05 28.86
N ARG C 252 -7.08 -39.99 29.75
CA ARG C 252 -6.98 -38.89 30.70
C ARG C 252 -6.80 -37.53 30.02
N ALA C 253 -5.86 -37.47 29.08
CA ALA C 253 -5.62 -36.29 28.25
C ALA C 253 -6.91 -35.76 27.63
N ILE C 254 -7.67 -36.65 26.98
CA ILE C 254 -8.92 -36.26 26.32
C ILE C 254 -9.97 -35.74 27.32
N ASN C 255 -10.15 -36.47 28.43
CA ASN C 255 -11.09 -36.02 29.50
C ASN C 255 -10.66 -34.65 30.05
N GLU C 256 -9.37 -34.45 30.26
CA GLU C 256 -8.84 -33.11 30.64
C GLU C 256 -9.31 -31.90 29.75
N THR C 257 -9.50 -32.13 28.45
CA THR C 257 -10.04 -31.10 27.53
C THR C 257 -11.58 -30.92 27.64
N HIS C 258 -12.24 -31.83 28.35
CA HIS C 258 -13.70 -31.71 28.53
C HIS C 258 -14.18 -30.87 29.77
N GLN C 259 -13.26 -30.58 30.69
CA GLN C 259 -13.59 -29.89 31.96
C GLN C 259 -13.72 -28.39 31.74
N GLY C 260 -14.95 -27.87 31.81
CA GLY C 260 -15.15 -26.38 31.90
C GLY C 260 -14.23 -25.73 32.93
N ARG C 261 -13.59 -24.61 32.56
CA ARG C 261 -12.64 -23.89 33.45
C ARG C 261 -13.18 -22.52 34.01
N TYR C 262 -14.14 -21.94 33.28
CA TYR C 262 -14.79 -20.66 33.62
C TYR C 262 -15.91 -20.48 32.62
N GLN C 263 -16.76 -19.47 32.86
CA GLN C 263 -17.93 -19.20 32.05
C GLN C 263 -17.87 -17.79 31.52
N VAL C 264 -18.32 -17.60 30.30
CA VAL C 264 -18.58 -16.28 29.73
C VAL C 264 -19.96 -16.34 29.07
N ASN C 265 -20.97 -15.98 29.86
CA ASN C 265 -22.40 -16.12 29.55
C ASN C 265 -22.87 -17.58 29.25
N THR C 266 -23.30 -17.88 28.02
CA THR C 266 -23.79 -19.23 27.65
C THR C 266 -22.65 -20.18 27.18
N MET C 267 -21.41 -19.67 27.17
CA MET C 267 -20.21 -20.44 26.79
C MET C 267 -19.32 -20.82 27.97
N TYR C 268 -18.93 -22.09 28.05
CA TYR C 268 -17.95 -22.52 29.04
C TYR C 268 -16.63 -22.76 28.33
N GLN C 269 -15.56 -22.13 28.80
CA GLN C 269 -14.29 -22.31 28.16
C GLN C 269 -13.68 -23.55 28.71
N ALA C 270 -13.53 -24.59 27.89
CA ALA C 270 -12.72 -25.74 28.28
C ALA C 270 -11.31 -25.58 27.75
N LEU C 271 -10.48 -26.59 27.96
CA LEU C 271 -9.13 -26.63 27.41
C LEU C 271 -9.27 -26.85 25.88
N GLY C 272 -9.03 -25.79 25.11
CA GLY C 272 -9.28 -25.80 23.65
C GLY C 272 -10.73 -25.72 23.24
N TRP C 273 -11.49 -26.75 23.63
CA TRP C 273 -12.88 -26.89 23.22
C TRP C 273 -13.74 -25.78 23.86
N GLU C 274 -14.71 -25.28 23.10
CA GLU C 274 -15.82 -24.45 23.67
C GLU C 274 -16.93 -25.43 24.05
N GLU C 275 -17.53 -25.19 25.23
CA GLU C 275 -18.47 -26.11 25.91
C GLU C 275 -19.78 -25.40 26.21
N PHE C 276 -20.90 -26.11 26.03
CA PHE C 276 -22.24 -25.52 26.15
C PHE C 276 -23.17 -26.50 26.82
N SER C 277 -24.24 -26.00 27.41
CA SER C 277 -25.25 -26.88 28.00
C SER C 277 -26.03 -27.55 26.87
N TYR C 278 -26.34 -28.84 27.02
CA TYR C 278 -27.10 -29.56 25.97
C TYR C 278 -28.48 -29.92 26.52
N PRO C 279 -29.57 -29.65 25.81
CA PRO C 279 -29.58 -29.08 24.44
C PRO C 279 -29.15 -27.63 24.36
N ALA C 280 -28.52 -27.26 23.24
CA ALA C 280 -28.16 -25.86 22.93
C ALA C 280 -28.98 -25.40 21.76
N THR C 281 -29.38 -24.13 21.80
CA THR C 281 -30.11 -23.52 20.69
C THR C 281 -29.09 -23.15 19.60
N LEU C 282 -29.58 -22.97 18.37
CA LEU C 282 -28.77 -22.42 17.29
C LEU C 282 -28.10 -21.10 17.74
N GLN C 283 -28.87 -20.23 18.40
CA GLN C 283 -28.37 -18.90 18.74
C GLN C 283 -27.22 -18.87 19.75
N THR C 284 -27.31 -19.68 20.81
CA THR C 284 -26.19 -19.85 21.78
C THR C 284 -24.88 -20.28 21.03
N LEU C 285 -25.00 -21.26 20.11
CA LEU C 285 -23.83 -21.75 19.34
C LEU C 285 -23.26 -20.68 18.41
N LEU C 286 -24.16 -19.89 17.81
CA LEU C 286 -23.74 -18.79 16.95
C LEU C 286 -23.06 -17.69 17.74
N ASP C 287 -23.54 -17.42 18.97
CA ASP C 287 -23.02 -16.30 19.79
C ASP C 287 -21.57 -16.49 20.21
N SER C 288 -21.16 -17.75 20.43
CA SER C 288 -19.77 -18.10 20.77
C SER C 288 -18.79 -17.57 19.74
N ASN C 289 -19.23 -17.37 18.50
CA ASN C 289 -18.34 -16.93 17.41
C ASN C 289 -18.63 -15.53 16.92
N SER C 290 -19.34 -14.75 17.74
CA SER C 290 -19.55 -13.34 17.50
C SER C 290 -18.26 -12.50 17.71
N GLU C 291 -18.27 -11.29 17.15
CA GLU C 291 -17.18 -10.34 17.31
C GLU C 291 -16.89 -10.05 18.79
N GLN C 292 -17.91 -9.94 19.62
CA GLN C 292 -17.67 -9.64 21.02
C GLN C 292 -16.78 -10.69 21.68
N ILE C 293 -17.03 -11.96 21.38
CA ILE C 293 -16.31 -13.08 22.05
C ILE C 293 -14.94 -13.29 21.43
N VAL C 294 -14.87 -13.20 20.09
CA VAL C 294 -13.69 -13.60 19.33
C VAL C 294 -12.60 -12.52 19.37
N MET C 295 -13.01 -11.26 19.31
CA MET C 295 -12.10 -10.10 19.15
C MET C 295 -11.96 -9.24 20.40
N LYS C 296 -12.90 -9.26 21.34
CA LYS C 296 -12.82 -8.27 22.46
C LYS C 296 -12.58 -8.95 23.80
N PRO C 297 -12.15 -8.16 24.82
CA PRO C 297 -11.99 -8.76 26.16
C PRO C 297 -13.36 -9.01 26.82
N ASN C 298 -13.48 -10.07 27.61
CA ASN C 298 -14.72 -10.37 28.33
C ASN C 298 -14.33 -10.87 29.74
N LYS C 299 -14.94 -10.29 30.77
CA LYS C 299 -14.71 -10.72 32.16
C LYS C 299 -15.20 -12.13 32.32
N VAL C 300 -14.47 -12.94 33.07
CA VAL C 300 -14.86 -14.34 33.28
C VAL C 300 -15.58 -14.55 34.59
N THR C 301 -16.42 -15.58 34.65
CA THR C 301 -17.11 -15.98 35.89
C THR C 301 -16.66 -17.37 36.30
N ALA C 302 -16.22 -17.55 37.54
CA ALA C 302 -16.01 -18.90 38.06
C ALA C 302 -17.31 -19.66 37.93
N ILE C 303 -17.19 -20.98 37.97
CA ILE C 303 -18.17 -21.86 37.39
C ILE C 303 -19.19 -22.21 38.48
N SER C 304 -20.47 -21.99 38.16
CA SER C 304 -21.53 -22.04 39.14
C SER C 304 -22.06 -23.48 39.30
N LYS C 305 -22.91 -23.93 38.37
CA LYS C 305 -23.26 -25.36 38.18
C LYS C 305 -22.70 -25.78 36.81
N GLU C 306 -21.73 -26.71 36.77
CA GLU C 306 -21.26 -27.22 35.45
C GLU C 306 -22.35 -28.10 34.88
N PRO C 307 -22.85 -27.80 33.65
CA PRO C 307 -24.03 -28.54 33.18
C PRO C 307 -23.90 -30.07 33.28
N SER C 308 -25.01 -30.74 33.61
CA SER C 308 -25.08 -32.20 33.71
C SER C 308 -24.81 -32.80 32.33
N VAL C 309 -25.48 -32.25 31.31
CA VAL C 309 -25.36 -32.69 29.95
C VAL C 309 -24.70 -31.53 29.12
N LYS C 310 -23.61 -31.85 28.41
CA LYS C 310 -22.88 -30.90 27.52
C LYS C 310 -22.76 -31.28 26.04
N MET C 311 -22.32 -30.30 25.24
CA MET C 311 -21.89 -30.52 23.88
C MET C 311 -20.69 -29.60 23.70
N TYR C 312 -19.95 -29.76 22.60
CA TYR C 312 -18.69 -29.05 22.47
C TYR C 312 -18.47 -28.73 21.03
N HIS C 313 -17.76 -27.62 20.72
CA HIS C 313 -17.35 -27.39 19.32
C HIS C 313 -16.13 -26.48 19.18
N LYS C 314 -15.71 -26.29 17.93
CA LYS C 314 -14.69 -25.32 17.58
C LYS C 314 -14.70 -25.03 16.07
N THR C 315 -14.57 -23.75 15.73
CA THR C 315 -14.29 -23.33 14.32
C THR C 315 -12.76 -23.15 14.12
N GLY C 316 -12.33 -23.33 12.87
CA GLY C 316 -10.94 -23.09 12.47
C GLY C 316 -10.85 -22.45 11.11
N SER C 317 -9.87 -21.55 10.92
CA SER C 317 -9.63 -20.93 9.67
C SER C 317 -8.19 -20.58 9.49
N THR C 318 -7.72 -20.78 8.26
CA THR C 318 -6.52 -20.11 7.72
C THR C 318 -6.97 -19.21 6.58
N SER C 319 -6.04 -18.52 5.93
N SER C 319 -6.03 -18.53 5.95
CA SER C 319 -6.45 -17.63 4.83
CA SER C 319 -6.39 -17.66 4.81
C SER C 319 -7.12 -18.38 3.65
C SER C 319 -7.12 -18.38 3.66
N GLY C 320 -6.83 -19.66 3.49
CA GLY C 320 -7.42 -20.46 2.44
C GLY C 320 -8.36 -21.59 2.85
N PHE C 321 -8.59 -21.85 4.15
CA PHE C 321 -9.36 -23.05 4.61
C PHE C 321 -10.36 -22.76 5.71
N GLY C 322 -11.48 -23.48 5.70
CA GLY C 322 -12.39 -23.38 6.84
C GLY C 322 -12.55 -24.73 7.44
N THR C 323 -12.80 -24.77 8.75
CA THR C 323 -12.97 -25.98 9.51
C THR C 323 -14.09 -25.77 10.55
N TYR C 324 -14.89 -26.83 10.81
CA TYR C 324 -15.80 -26.92 11.97
C TYR C 324 -15.84 -28.38 12.49
N VAL C 325 -15.68 -28.53 13.80
CA VAL C 325 -15.85 -29.78 14.54
C VAL C 325 -16.83 -29.56 15.73
N VAL C 326 -17.77 -30.50 15.91
CA VAL C 326 -18.78 -30.47 16.99
C VAL C 326 -19.03 -31.94 17.42
N PHE C 327 -19.17 -32.21 18.71
CA PHE C 327 -19.75 -33.50 19.18
C PHE C 327 -20.71 -33.35 20.36
N ILE C 328 -21.65 -34.31 20.45
CA ILE C 328 -22.66 -34.41 21.51
C ILE C 328 -22.52 -35.80 22.16
N PRO C 329 -21.93 -35.90 23.39
CA PRO C 329 -21.78 -37.21 24.08
C PRO C 329 -23.11 -37.96 24.42
N LYS C 330 -24.16 -37.26 24.86
CA LYS C 330 -25.46 -37.92 25.13
C LYS C 330 -26.00 -38.64 23.88
N GLU C 331 -25.88 -38.01 22.71
CA GLU C 331 -26.41 -38.59 21.45
C GLU C 331 -25.36 -39.43 20.69
N ASN C 332 -24.17 -39.57 21.26
CA ASN C 332 -23.05 -40.35 20.71
C ASN C 332 -22.89 -40.04 19.21
N ILE C 333 -22.78 -38.75 18.89
CA ILE C 333 -22.76 -38.27 17.53
C ILE C 333 -21.80 -37.07 17.41
N GLY C 334 -21.25 -36.87 16.23
CA GLY C 334 -20.39 -35.71 15.96
C GLY C 334 -20.28 -35.47 14.47
N LEU C 335 -19.60 -34.36 14.12
CA LEU C 335 -19.53 -33.92 12.70
C LEU C 335 -18.26 -33.09 12.47
N VAL C 336 -17.66 -33.29 11.29
CA VAL C 336 -16.53 -32.50 10.81
C VAL C 336 -16.83 -31.89 9.44
N MET C 337 -16.46 -30.61 9.22
CA MET C 337 -16.56 -29.99 7.92
C MET C 337 -15.19 -29.40 7.59
N LEU C 338 -14.67 -29.68 6.38
CA LEU C 338 -13.38 -29.12 5.92
C LEU C 338 -13.63 -28.50 4.54
N THR C 339 -13.07 -27.32 4.30
CA THR C 339 -13.25 -26.63 3.00
C THR C 339 -11.94 -25.95 2.66
N ASN C 340 -11.62 -25.90 1.36
CA ASN C 340 -10.41 -25.20 0.89
C ASN C 340 -10.71 -23.82 0.30
N LYS C 341 -11.68 -23.21 0.95
CA LYS C 341 -11.86 -21.78 0.88
C LYS C 341 -12.58 -21.43 2.18
N ARG C 342 -12.25 -20.28 2.77
CA ARG C 342 -13.01 -19.79 3.90
C ARG C 342 -14.50 -19.62 3.54
N ILE C 343 -15.41 -20.02 4.42
CA ILE C 343 -16.81 -19.54 4.40
C ILE C 343 -17.19 -19.02 5.80
N PRO C 344 -18.26 -18.21 5.88
CA PRO C 344 -18.62 -17.66 7.18
C PRO C 344 -18.92 -18.70 8.26
N ASN C 345 -18.44 -18.45 9.46
CA ASN C 345 -18.66 -19.32 10.60
C ASN C 345 -20.14 -19.65 10.86
N GLU C 346 -20.99 -18.66 10.66
CA GLU C 346 -22.41 -18.85 10.88
C GLU C 346 -22.99 -19.91 9.92
N GLU C 347 -22.53 -19.94 8.66
CA GLU C 347 -22.91 -21.00 7.69
C GLU C 347 -22.51 -22.42 8.11
N ARG C 348 -21.33 -22.52 8.72
CA ARG C 348 -20.77 -23.81 9.10
C ARG C 348 -21.56 -24.41 10.28
N ILE C 349 -21.73 -23.62 11.35
CA ILE C 349 -22.45 -23.97 12.56
C ILE C 349 -23.94 -24.33 12.25
N LYS C 350 -24.57 -23.55 11.37
CA LYS C 350 -26.00 -23.69 11.08
C LYS C 350 -26.24 -24.99 10.31
N ALA C 351 -25.46 -25.20 9.24
CA ALA C 351 -25.53 -26.42 8.48
C ALA C 351 -25.30 -27.64 9.40
N ALA C 352 -24.32 -27.52 10.29
CA ALA C 352 -24.04 -28.61 11.22
C ALA C 352 -25.30 -28.90 12.04
N TYR C 353 -25.86 -27.83 12.61
CA TYR C 353 -27.02 -27.85 13.50
C TYR C 353 -28.22 -28.59 12.89
N VAL C 354 -28.63 -28.17 11.70
CA VAL C 354 -29.70 -28.86 10.99
C VAL C 354 -29.40 -30.34 10.75
N VAL C 355 -28.25 -30.66 10.17
CA VAL C 355 -27.92 -32.06 9.89
C VAL C 355 -27.93 -32.92 11.19
N LEU C 356 -27.23 -32.45 12.22
CA LEU C 356 -27.08 -33.19 13.45
C LEU C 356 -28.44 -33.38 14.16
N ASN C 357 -29.30 -32.35 14.13
CA ASN C 357 -30.63 -32.42 14.78
C ASN C 357 -31.70 -33.23 14.04
N ALA C 358 -31.43 -33.66 12.80
CA ALA C 358 -32.37 -34.47 12.00
C ALA C 358 -31.87 -35.89 11.71
N ILE C 359 -30.79 -36.37 12.34
CA ILE C 359 -30.21 -37.69 11.99
C ILE C 359 -31.12 -38.89 12.38
N THR D 4 -32.35 -6.63 8.39
CA THR D 4 -33.51 -6.13 9.20
C THR D 4 -34.06 -4.84 8.56
N PRO D 5 -35.31 -4.46 8.89
CA PRO D 5 -35.82 -3.15 8.47
C PRO D 5 -35.48 -2.02 9.46
N LYS D 6 -34.70 -2.35 10.49
CA LYS D 6 -34.06 -1.34 11.35
C LYS D 6 -32.98 -0.60 10.51
N ASP D 7 -32.12 -1.32 9.81
CA ASP D 7 -31.10 -0.61 9.01
C ASP D 7 -31.68 0.14 7.81
N GLN D 8 -32.86 -0.26 7.32
CA GLN D 8 -33.53 0.51 6.26
C GLN D 8 -34.18 1.75 6.86
N GLU D 9 -34.84 1.59 8.00
CA GLU D 9 -35.44 2.73 8.73
C GLU D 9 -34.43 3.87 9.04
N ILE D 10 -33.25 3.45 9.53
CA ILE D 10 -32.20 4.39 9.99
C ILE D 10 -31.52 5.05 8.79
N LYS D 11 -31.16 4.23 7.80
CA LYS D 11 -30.64 4.73 6.52
C LYS D 11 -31.54 5.81 5.93
N LYS D 12 -32.86 5.59 5.91
CA LYS D 12 -33.82 6.61 5.44
C LYS D 12 -33.84 7.89 6.28
N LEU D 13 -33.81 7.76 7.60
CA LEU D 13 -33.80 8.95 8.49
C LEU D 13 -32.54 9.78 8.28
N VAL D 14 -31.40 9.10 8.04
CA VAL D 14 -30.12 9.78 7.81
C VAL D 14 -30.08 10.42 6.42
N ASP D 15 -30.54 9.69 5.37
CA ASP D 15 -30.65 10.22 3.99
C ASP D 15 -31.54 11.43 4.00
N GLN D 16 -32.59 11.39 4.81
CA GLN D 16 -33.56 12.49 4.91
C GLN D 16 -33.04 13.75 5.61
N ASN D 17 -32.26 13.59 6.68
CA ASN D 17 -31.84 14.73 7.54
C ASN D 17 -30.37 15.11 7.45
N PHE D 18 -29.46 14.17 7.07
CA PHE D 18 -28.04 14.51 6.94
C PHE D 18 -27.65 14.79 5.46
N LYS D 19 -28.10 13.92 4.55
CA LYS D 19 -27.73 14.01 3.15
C LYS D 19 -27.88 15.35 2.46
N PRO D 20 -28.98 16.09 2.71
CA PRO D 20 -29.15 17.41 2.05
C PRO D 20 -28.12 18.45 2.43
N LEU D 21 -27.43 18.23 3.56
CA LEU D 21 -26.41 19.17 4.02
C LEU D 21 -25.17 19.18 3.12
N LEU D 22 -24.93 18.09 2.39
CA LEU D 22 -23.82 18.01 1.43
C LEU D 22 -24.01 19.03 0.31
N GLU D 23 -25.14 18.95 -0.37
CA GLU D 23 -25.52 19.91 -1.40
C GLU D 23 -25.64 21.30 -0.81
N LYS D 24 -26.24 21.42 0.37
CA LYS D 24 -26.44 22.75 0.95
C LYS D 24 -25.14 23.55 1.17
N TYR D 25 -24.13 22.85 1.68
CA TYR D 25 -22.86 23.45 2.06
C TYR D 25 -21.66 22.99 1.22
N ASP D 26 -21.94 22.28 0.12
CA ASP D 26 -20.92 21.74 -0.83
C ASP D 26 -19.82 21.04 -0.05
N VAL D 27 -20.26 20.10 0.78
CA VAL D 27 -19.42 19.23 1.56
C VAL D 27 -19.02 18.04 0.71
N PRO D 28 -17.70 17.77 0.59
CA PRO D 28 -17.39 16.65 -0.29
C PRO D 28 -17.76 15.27 0.30
N GLY D 29 -17.50 15.03 1.57
CA GLY D 29 -17.73 13.70 2.13
C GLY D 29 -18.27 13.74 3.52
N MET D 30 -18.94 12.65 3.93
CA MET D 30 -19.57 12.60 5.23
C MET D 30 -19.75 11.17 5.60
N ALA D 31 -19.55 10.89 6.90
CA ALA D 31 -19.90 9.57 7.47
C ALA D 31 -20.83 9.79 8.68
N VAL D 32 -21.94 9.01 8.78
CA VAL D 32 -22.90 9.16 9.87
C VAL D 32 -23.17 7.74 10.40
N GLY D 33 -23.00 7.60 11.70
CA GLY D 33 -23.24 6.38 12.38
C GLY D 33 -24.24 6.55 13.52
N VAL D 34 -25.05 5.49 13.71
CA VAL D 34 -25.98 5.36 14.80
C VAL D 34 -25.67 4.04 15.51
N ILE D 35 -25.69 4.07 16.85
CA ILE D 35 -25.68 2.84 17.62
C ILE D 35 -26.94 2.83 18.46
N GLN D 36 -27.75 1.79 18.33
CA GLN D 36 -28.97 1.61 19.11
C GLN D 36 -29.04 0.15 19.60
N ASN D 37 -29.25 0.01 20.91
CA ASN D 37 -29.26 -1.30 21.57
C ASN D 37 -28.15 -2.20 21.06
N ASN D 38 -26.92 -1.69 21.16
CA ASN D 38 -25.70 -2.42 20.85
C ASN D 38 -25.52 -2.92 19.39
N LYS D 39 -26.30 -2.39 18.47
CA LYS D 39 -26.18 -2.67 17.04
C LYS D 39 -25.80 -1.37 16.36
N LYS D 40 -24.81 -1.47 15.48
CA LYS D 40 -24.25 -0.30 14.79
C LYS D 40 -24.74 -0.20 13.35
N TYR D 41 -24.91 1.04 12.87
CA TYR D 41 -25.38 1.37 11.52
C TYR D 41 -24.55 2.54 10.90
N GLU D 42 -23.96 2.27 9.75
CA GLU D 42 -22.95 3.14 9.10
C GLU D 42 -23.43 3.54 7.74
N MET D 43 -23.50 4.85 7.52
CA MET D 43 -23.82 5.48 6.27
C MET D 43 -22.65 6.38 5.81
N TYR D 44 -22.22 6.19 4.57
CA TYR D 44 -21.09 6.96 3.95
C TYR D 44 -21.59 7.68 2.72
N TYR D 45 -21.23 8.95 2.54
CA TYR D 45 -21.62 9.76 1.42
C TYR D 45 -20.40 10.46 0.82
N GLY D 46 -20.38 10.52 -0.51
CA GLY D 46 -19.41 11.23 -1.30
C GLY D 46 -17.94 10.86 -1.13
N LEU D 47 -17.08 11.89 -1.10
CA LEU D 47 -15.67 11.75 -1.32
C LEU D 47 -14.77 12.13 -0.18
N GLN D 48 -13.80 11.23 0.05
CA GLN D 48 -12.71 11.33 1.03
C GLN D 48 -11.59 12.31 0.52
N SER D 49 -11.27 12.17 -0.77
CA SER D 49 -10.37 13.02 -1.53
C SER D 49 -10.93 13.31 -2.94
N VAL D 50 -11.14 14.60 -3.21
CA VAL D 50 -11.52 15.05 -4.55
C VAL D 50 -10.41 14.79 -5.56
N GLN D 51 -9.17 15.21 -5.25
CA GLN D 51 -8.04 15.01 -6.19
C GLN D 51 -7.79 13.58 -6.50
N ASP D 52 -7.88 12.69 -5.51
CA ASP D 52 -7.54 11.26 -5.73
C ASP D 52 -8.78 10.41 -6.10
N LYS D 53 -9.96 11.03 -6.10
CA LYS D 53 -11.19 10.41 -6.54
C LYS D 53 -11.57 9.21 -5.61
N LYS D 54 -11.42 9.41 -4.30
CA LYS D 54 -11.63 8.34 -3.32
C LYS D 54 -12.94 8.55 -2.57
N ALA D 55 -13.76 7.51 -2.53
CA ALA D 55 -15.03 7.55 -1.81
C ALA D 55 -14.81 7.35 -0.34
N VAL D 56 -15.60 8.06 0.46
CA VAL D 56 -15.63 7.87 1.91
C VAL D 56 -16.09 6.45 2.18
N ASN D 57 -15.40 5.79 3.10
CA ASN D 57 -15.75 4.40 3.42
C ASN D 57 -15.41 4.13 4.90
N SER D 58 -15.61 2.88 5.32
CA SER D 58 -15.42 2.51 6.66
C SER D 58 -13.99 2.69 7.10
N ASN D 59 -13.01 2.66 6.18
CA ASN D 59 -11.58 2.97 6.54
C ASN D 59 -11.19 4.46 6.59
N THR D 60 -12.11 5.38 6.22
CA THR D 60 -11.72 6.75 6.02
C THR D 60 -11.45 7.39 7.41
N ILE D 61 -10.32 8.07 7.54
CA ILE D 61 -9.88 8.75 8.76
C ILE D 61 -10.21 10.23 8.65
N PHE D 62 -10.91 10.77 9.66
CA PHE D 62 -11.30 12.16 9.68
C PHE D 62 -10.65 12.86 10.87
N GLU D 63 -10.42 14.18 10.75
CA GLU D 63 -10.00 15.02 11.88
C GLU D 63 -11.19 15.34 12.82
N LEU D 64 -11.05 14.99 14.09
CA LEU D 64 -12.10 15.17 15.12
C LEU D 64 -12.22 16.57 15.75
N GLY D 65 -11.20 17.41 15.59
CA GLY D 65 -11.23 18.75 16.19
C GLY D 65 -11.35 18.67 17.71
N SER D 66 -12.17 19.55 18.30
CA SER D 66 -12.30 19.58 19.75
C SER D 66 -12.92 18.32 20.31
N VAL D 67 -13.46 17.40 19.48
CA VAL D 67 -13.87 16.08 20.03
C VAL D 67 -12.65 15.25 20.57
N SER D 68 -11.44 15.67 20.19
CA SER D 68 -10.23 15.12 20.72
C SER D 68 -10.22 15.32 22.24
N LYS D 69 -10.79 16.44 22.71
CA LYS D 69 -10.85 16.75 24.17
C LYS D 69 -11.48 15.63 24.96
N LEU D 70 -12.42 14.89 24.36
CA LEU D 70 -13.04 13.75 25.03
C LEU D 70 -12.04 12.64 25.33
N PHE D 71 -11.05 12.46 24.43
CA PHE D 71 -10.00 11.44 24.65
C PHE D 71 -9.02 11.94 25.72
N THR D 72 -8.69 13.22 25.69
CA THR D 72 -7.85 13.87 26.70
C THR D 72 -8.44 13.68 28.10
N ALA D 73 -9.74 13.98 28.21
CA ALA D 73 -10.52 13.69 29.43
C ALA D 73 -10.43 12.28 29.91
N THR D 74 -10.69 11.31 29.01
CA THR D 74 -10.56 9.90 29.32
C THR D 74 -9.12 9.49 29.79
N ALA D 75 -8.08 10.07 29.18
CA ALA D 75 -6.72 9.90 29.67
C ALA D 75 -6.61 10.40 31.12
N GLY D 76 -7.15 11.60 31.35
CA GLY D 76 -7.27 12.18 32.68
C GLY D 76 -7.80 11.19 33.69
N GLY D 77 -8.96 10.62 33.43
CA GLY D 77 -9.62 9.73 34.39
C GLY D 77 -9.02 8.34 34.56
N TYR D 78 -8.38 7.84 33.52
CA TYR D 78 -7.66 6.58 33.63
C TYR D 78 -6.44 6.75 34.55
N ALA D 79 -5.69 7.82 34.29
CA ALA D 79 -4.50 8.18 35.08
C ALA D 79 -4.85 8.44 36.55
N LYS D 80 -6.00 9.08 36.79
CA LYS D 80 -6.50 9.32 38.15
C LYS D 80 -6.92 8.04 38.89
N ASN D 81 -7.73 7.21 38.25
CA ASN D 81 -8.20 5.99 38.90
C ASN D 81 -7.14 4.92 39.08
N LYS D 82 -6.04 5.01 38.33
CA LYS D 82 -4.82 4.24 38.64
C LYS D 82 -3.96 4.90 39.72
N GLY D 83 -4.18 6.18 39.98
CA GLY D 83 -3.48 6.91 40.99
C GLY D 83 -2.14 7.46 40.56
N LYS D 84 -2.04 7.89 39.30
CA LYS D 84 -0.88 8.66 38.80
C LYS D 84 -1.09 10.14 39.01
N ILE D 85 -2.33 10.57 39.27
CA ILE D 85 -2.65 11.95 39.64
C ILE D 85 -3.93 12.06 40.51
N SER D 86 -4.06 13.21 41.19
CA SER D 86 -5.32 13.62 41.80
C SER D 86 -5.71 14.95 41.15
N PHE D 87 -7.01 15.21 41.00
CA PHE D 87 -7.48 16.47 40.39
C PHE D 87 -7.18 17.70 41.21
N ASP D 88 -6.79 17.46 42.47
CA ASP D 88 -6.31 18.52 43.36
C ASP D 88 -4.87 18.94 43.13
N ASP D 89 -4.01 18.09 42.52
CA ASP D 89 -2.64 18.51 42.16
C ASP D 89 -2.65 19.75 41.32
N THR D 90 -1.48 20.36 41.19
CA THR D 90 -1.29 21.53 40.32
C THR D 90 -0.18 21.22 39.29
N PRO D 91 -0.02 22.06 38.27
CA PRO D 91 0.83 21.58 37.14
C PRO D 91 2.34 21.45 37.42
N GLY D 92 2.79 22.18 38.45
CA GLY D 92 4.18 22.19 38.87
C GLY D 92 4.62 20.91 39.54
N LYS D 93 3.67 20.15 40.08
CA LYS D 93 3.96 18.85 40.67
C LYS D 93 4.48 17.80 39.67
N TYR D 94 4.30 18.09 38.37
CA TYR D 94 4.70 17.22 37.28
C TYR D 94 5.63 17.95 36.32
N TRP D 95 5.25 19.14 35.89
CA TRP D 95 6.14 19.95 35.07
C TRP D 95 7.04 20.85 35.98
N LYS D 96 8.18 20.29 36.44
CA LYS D 96 9.09 20.93 37.46
C LYS D 96 9.31 22.40 37.24
N GLU D 97 9.53 22.80 35.99
CA GLU D 97 9.94 24.15 35.64
C GLU D 97 8.79 25.17 35.80
N LEU D 98 7.58 24.68 36.10
CA LEU D 98 6.44 25.49 36.49
C LEU D 98 6.25 25.58 38.02
N LYS D 99 6.96 24.73 38.79
CA LYS D 99 6.93 24.77 40.27
C LYS D 99 7.34 26.18 40.72
N ASN D 100 6.72 26.61 41.83
CA ASN D 100 6.90 27.96 42.40
C ASN D 100 6.53 29.12 41.45
N THR D 101 5.60 28.88 40.49
CA THR D 101 5.15 29.87 39.48
C THR D 101 3.65 30.12 39.69
N PRO D 102 3.12 31.31 39.33
CA PRO D 102 1.68 31.72 39.40
C PRO D 102 0.59 30.80 38.79
N ILE D 103 0.91 30.08 37.71
CA ILE D 103 0.04 29.00 37.19
C ILE D 103 -0.06 27.85 38.17
N ASP D 104 0.98 27.63 38.97
CA ASP D 104 0.97 26.54 39.94
C ASP D 104 -0.06 26.65 41.14
N GLN D 105 -0.83 27.74 41.17
CA GLN D 105 -2.00 27.78 42.04
C GLN D 105 -3.29 27.16 41.44
N VAL D 106 -3.18 26.55 40.24
CA VAL D 106 -4.38 26.07 39.54
C VAL D 106 -4.49 24.54 39.63
N ASN D 107 -5.70 24.10 39.98
CA ASN D 107 -6.08 22.68 40.03
C ASN D 107 -6.01 22.01 38.61
N LEU D 108 -5.61 20.75 38.57
CA LEU D 108 -5.76 19.96 37.37
C LEU D 108 -7.23 19.93 36.87
N LEU D 109 -8.22 19.86 37.77
CA LEU D 109 -9.64 19.94 37.37
C LEU D 109 -10.01 21.31 36.78
N GLN D 110 -9.48 22.41 37.32
CA GLN D 110 -9.81 23.76 36.79
C GLN D 110 -9.21 23.98 35.39
N LEU D 111 -8.11 23.29 35.15
CA LEU D 111 -7.45 23.32 33.84
C LEU D 111 -8.26 22.56 32.81
N ALA D 112 -8.54 21.30 33.13
CA ALA D 112 -9.43 20.43 32.32
C ALA D 112 -10.79 21.07 32.08
N THR D 113 -11.29 21.84 33.05
CA THR D 113 -12.60 22.50 32.91
C THR D 113 -12.61 24.01 32.60
N TYR D 114 -11.45 24.58 32.17
CA TYR D 114 -11.39 25.93 31.63
C TYR D 114 -11.70 27.11 32.64
N THR D 115 -11.45 26.90 33.92
CA THR D 115 -11.81 27.91 34.98
C THR D 115 -10.64 28.64 35.61
N SER D 116 -9.44 28.45 35.04
CA SER D 116 -8.19 29.13 35.51
C SER D 116 -8.38 30.62 35.79
N GLY D 117 -9.24 31.29 35.02
CA GLY D 117 -9.48 32.73 35.16
C GLY D 117 -8.76 33.60 34.13
N ASN D 118 -7.73 33.08 33.45
CA ASN D 118 -7.03 33.88 32.42
C ASN D 118 -6.34 33.00 31.34
N LEU D 119 -7.15 32.39 30.45
CA LEU D 119 -6.64 31.59 29.29
C LEU D 119 -7.63 31.77 28.13
N ALA D 120 -7.21 32.43 27.04
CA ALA D 120 -8.10 32.61 25.89
C ALA D 120 -8.34 31.25 25.12
N LEU D 121 -9.27 31.31 24.17
CA LEU D 121 -9.57 30.23 23.25
C LEU D 121 -8.30 29.58 22.65
N GLN D 122 -7.42 30.38 22.04
CA GLN D 122 -6.14 29.91 21.50
C GLN D 122 -4.94 30.51 22.28
N PHE D 123 -3.76 29.89 22.16
CA PHE D 123 -2.48 30.54 22.47
C PHE D 123 -2.35 31.76 21.58
N PRO D 124 -1.46 32.70 21.94
CA PRO D 124 -1.28 33.80 20.97
C PRO D 124 -0.52 33.33 19.72
N ASP D 125 -0.70 34.06 18.63
CA ASP D 125 -0.10 33.73 17.31
C ASP D 125 1.44 33.47 17.34
N GLU D 126 2.16 34.24 18.16
CA GLU D 126 3.63 34.10 18.37
C GLU D 126 4.16 32.82 19.04
N VAL D 127 3.30 32.09 19.76
CA VAL D 127 3.71 30.90 20.56
C VAL D 127 3.57 29.61 19.73
N GLN D 128 4.65 28.85 19.61
CA GLN D 128 4.81 27.84 18.57
C GLN D 128 5.71 26.67 19.03
N THR D 129 6.99 26.95 19.27
CA THR D 129 7.94 25.96 19.80
C THR D 129 7.56 25.49 21.20
N ASP D 130 8.19 24.39 21.64
CA ASP D 130 8.02 23.88 23.03
C ASP D 130 8.50 24.85 24.12
N GLN D 131 9.58 25.57 23.82
CA GLN D 131 10.17 26.56 24.72
C GLN D 131 9.29 27.78 24.86
N GLN D 132 8.72 28.25 23.74
CA GLN D 132 7.76 29.36 23.76
C GLN D 132 6.47 29.02 24.51
N VAL D 133 6.01 27.77 24.38
CA VAL D 133 4.91 27.27 25.21
C VAL D 133 5.27 27.32 26.71
N LEU D 134 6.46 26.79 27.08
CA LEU D 134 6.94 26.75 28.50
C LEU D 134 7.06 28.14 29.10
N THR D 135 7.54 29.07 28.29
CA THR D 135 7.72 30.47 28.66
C THR D 135 6.37 31.13 28.84
N PHE D 136 5.40 30.74 28.01
CA PHE D 136 4.05 31.28 28.14
C PHE D 136 3.45 30.96 29.54
N PHE D 137 3.70 29.76 30.06
CA PHE D 137 3.15 29.33 31.32
C PHE D 137 3.92 29.82 32.59
N LYS D 138 5.21 30.15 32.45
CA LYS D 138 5.99 30.89 33.49
C LYS D 138 5.51 32.34 33.57
N ASP D 139 5.46 32.99 32.40
CA ASP D 139 4.99 34.39 32.28
C ASP D 139 3.49 34.58 32.66
N TRP D 140 2.78 33.48 32.93
CA TRP D 140 1.35 33.53 33.22
C TRP D 140 1.11 34.09 34.60
N LYS D 141 0.33 35.16 34.64
CA LYS D 141 -0.22 35.76 35.85
C LYS D 141 -1.78 35.60 35.83
N PRO D 142 -2.42 35.47 37.03
CA PRO D 142 -3.88 35.34 37.14
C PRO D 142 -4.65 36.60 36.82
N LYS D 143 -5.97 36.47 36.81
CA LYS D 143 -6.86 37.60 36.60
C LYS D 143 -8.17 37.28 37.31
N ASN D 144 -9.27 36.97 36.60
CA ASN D 144 -10.58 36.78 37.22
C ASN D 144 -10.28 35.74 38.27
N PRO D 145 -10.94 35.82 39.45
CA PRO D 145 -10.56 34.88 40.54
C PRO D 145 -10.58 33.41 40.10
N ILE D 146 -9.60 32.61 40.55
CA ILE D 146 -9.51 31.18 40.18
C ILE D 146 -10.80 30.40 40.50
N GLY D 147 -11.10 29.38 39.68
CA GLY D 147 -12.25 28.50 39.92
C GLY D 147 -13.61 29.01 39.45
N GLU D 148 -13.73 30.31 39.18
CA GLU D 148 -15.05 30.95 39.11
C GLU D 148 -15.56 31.23 37.72
N TYR D 149 -14.69 31.69 36.84
CA TYR D 149 -15.13 32.03 35.49
C TYR D 149 -14.81 30.86 34.52
N ARG D 150 -15.67 30.62 33.52
CA ARG D 150 -15.44 29.59 32.47
C ARG D 150 -15.09 30.23 31.15
N GLN D 151 -13.87 29.99 30.70
CA GLN D 151 -13.39 30.54 29.44
C GLN D 151 -12.95 29.35 28.58
N TYR D 152 -13.75 28.95 27.58
CA TYR D 152 -13.40 27.75 26.73
C TYR D 152 -12.01 28.00 26.10
N SER D 153 -11.03 27.16 26.46
CA SER D 153 -9.62 27.37 26.12
C SER D 153 -8.84 26.11 25.68
N ASN D 154 -8.24 26.15 24.49
CA ASN D 154 -7.28 25.09 24.03
C ASN D 154 -6.01 24.95 24.89
N PRO D 155 -5.32 26.09 25.14
CA PRO D 155 -4.19 26.01 26.09
C PRO D 155 -4.57 25.40 27.48
N SER D 156 -5.73 25.78 28.03
CA SER D 156 -6.10 25.24 29.36
C SER D 156 -6.10 23.75 29.38
N ILE D 157 -6.95 23.13 28.55
CA ILE D 157 -7.00 21.66 28.48
C ILE D 157 -5.71 21.06 27.87
N GLY D 158 -4.99 21.85 27.06
CA GLY D 158 -3.64 21.47 26.60
C GLY D 158 -2.67 21.16 27.73
N LEU D 159 -2.55 22.09 28.68
CA LEU D 159 -1.67 21.87 29.85
C LEU D 159 -2.10 20.63 30.63
N PHE D 160 -3.42 20.47 30.80
CA PHE D 160 -3.97 19.33 31.56
C PHE D 160 -3.51 18.05 30.90
N GLY D 161 -3.63 18.02 29.56
CA GLY D 161 -3.16 16.85 28.79
C GLY D 161 -1.68 16.55 29.00
N LYS D 162 -0.83 17.58 28.96
CA LYS D 162 0.65 17.40 29.09
C LYS D 162 1.02 16.83 30.46
N VAL D 163 0.43 17.45 31.49
CA VAL D 163 0.54 16.96 32.89
C VAL D 163 0.24 15.47 32.99
N VAL D 164 -0.92 15.09 32.46
CA VAL D 164 -1.35 13.70 32.43
C VAL D 164 -0.28 12.79 31.80
N ALA D 165 0.29 13.24 30.68
CA ALA D 165 1.34 12.48 29.98
C ALA D 165 2.62 12.36 30.84
N LEU D 166 3.02 13.47 31.46
CA LEU D 166 4.19 13.44 32.42
C LEU D 166 3.93 12.42 33.54
N SER D 167 2.74 12.46 34.15
CA SER D 167 2.32 11.48 35.18
C SER D 167 2.40 10.01 34.76
N MET D 168 2.13 9.73 33.49
CA MET D 168 2.32 8.39 32.97
C MET D 168 3.74 8.20 32.38
N ASN D 169 4.53 9.28 32.37
CA ASN D 169 5.89 9.32 31.82
C ASN D 169 6.00 8.82 30.33
N LYS D 170 5.05 9.24 29.50
CA LYS D 170 5.04 8.92 28.06
C LYS D 170 4.71 10.25 27.42
N PRO D 171 5.14 10.48 26.18
CA PRO D 171 4.57 11.70 25.58
C PRO D 171 3.02 11.53 25.28
N PHE D 172 2.28 12.64 25.21
CA PHE D 172 0.82 12.58 25.10
C PHE D 172 0.35 11.70 23.94
N ASP D 173 1.01 11.77 22.79
CA ASP D 173 0.70 10.85 21.67
C ASP D 173 0.74 9.37 22.01
N GLN D 174 1.79 8.92 22.70
CA GLN D 174 1.83 7.53 23.20
C GLN D 174 0.77 7.14 24.30
N VAL D 175 0.42 8.09 25.16
CA VAL D 175 -0.64 7.89 26.15
C VAL D 175 -1.92 7.45 25.43
N LEU D 176 -2.26 8.13 24.33
CA LEU D 176 -3.43 7.72 23.59
C LEU D 176 -3.16 6.47 22.74
N GLU D 177 -2.08 6.50 21.95
CA GLU D 177 -1.87 5.42 20.95
C GLU D 177 -1.47 4.06 21.58
N LYS D 178 -0.77 4.09 22.70
CA LYS D 178 -0.35 2.83 23.36
C LYS D 178 -1.24 2.36 24.53
N THR D 179 -1.91 3.26 25.25
CA THR D 179 -2.70 2.88 26.44
C THR D 179 -4.23 3.02 26.28
N ILE D 180 -4.67 4.23 25.95
CA ILE D 180 -6.11 4.59 25.93
C ILE D 180 -6.88 4.00 24.73
N PHE D 181 -6.43 4.27 23.50
CA PHE D 181 -7.04 3.62 22.33
C PHE D 181 -7.08 2.10 22.45
N PRO D 182 -5.96 1.46 22.86
CA PRO D 182 -6.04 0.02 22.95
C PRO D 182 -6.94 -0.50 24.07
N ALA D 183 -7.01 0.18 25.23
CA ALA D 183 -7.99 -0.23 26.26
C ALA D 183 -9.44 -0.05 25.82
N LEU D 184 -9.68 0.94 24.96
CA LEU D 184 -11.00 1.13 24.36
C LEU D 184 -11.24 0.21 23.22
N GLY D 185 -10.23 -0.50 22.73
CA GLY D 185 -10.39 -1.45 21.63
C GLY D 185 -10.48 -0.78 20.26
N LEU D 186 -9.82 0.36 20.11
CA LEU D 186 -9.86 1.18 18.89
C LEU D 186 -8.58 0.96 18.06
N LYS D 187 -8.71 0.46 16.85
CA LYS D 187 -7.57 0.05 16.03
C LYS D 187 -7.15 1.11 14.97
N HIS D 188 -8.00 2.12 14.68
CA HIS D 188 -7.66 3.11 13.64
C HIS D 188 -7.89 4.55 14.13
N SER D 189 -7.41 4.82 15.36
CA SER D 189 -7.47 6.14 15.94
C SER D 189 -6.04 6.61 16.21
N TYR D 190 -5.74 7.84 15.88
CA TYR D 190 -4.35 8.33 15.82
C TYR D 190 -4.25 9.73 16.36
N VAL D 191 -3.08 10.04 16.93
CA VAL D 191 -2.56 11.41 16.99
C VAL D 191 -1.74 11.77 15.75
N ASN D 192 -0.85 10.87 15.38
CA ASN D 192 -0.09 10.99 14.16
C ASN D 192 -0.44 9.79 13.23
N VAL D 193 -0.95 10.12 12.03
CA VAL D 193 -1.42 9.09 11.15
C VAL D 193 -0.17 8.50 10.52
N PRO D 194 -0.01 7.19 10.62
CA PRO D 194 1.22 6.53 10.09
C PRO D 194 1.22 6.39 8.59
N LYS D 195 2.42 6.13 8.01
CA LYS D 195 2.63 6.05 6.52
C LYS D 195 1.64 5.13 5.85
N THR D 196 1.40 4.00 6.50
CA THR D 196 0.54 2.96 6.00
C THR D 196 -0.94 3.30 6.03
N GLN D 197 -1.33 4.37 6.73
CA GLN D 197 -2.71 4.82 6.70
C GLN D 197 -2.94 6.16 5.99
N MET D 198 -1.90 6.75 5.38
CA MET D 198 -2.12 8.01 4.72
C MET D 198 -3.10 7.88 3.56
N GLN D 199 -3.10 6.78 2.81
CA GLN D 199 -4.08 6.60 1.77
C GLN D 199 -5.59 6.59 2.24
N ASN D 200 -5.84 6.36 3.53
CA ASN D 200 -7.20 6.44 4.10
C ASN D 200 -7.53 7.76 4.79
N TYR D 201 -6.55 8.68 4.87
CA TYR D 201 -6.71 9.93 5.63
C TYR D 201 -7.32 10.92 4.68
N ALA D 202 -8.56 11.27 4.95
CA ALA D 202 -9.28 12.26 4.16
C ALA D 202 -8.56 13.56 4.17
N PHE D 203 -8.68 14.32 3.06
CA PHE D 203 -8.40 15.75 3.08
C PHE D 203 -9.60 16.47 3.65
N GLY D 204 -9.32 17.57 4.39
CA GLY D 204 -10.31 18.61 4.70
C GLY D 204 -10.44 19.62 3.59
N TYR D 205 -11.58 20.30 3.52
CA TYR D 205 -11.85 21.33 2.46
C TYR D 205 -12.23 22.63 3.17
N ASN D 206 -11.65 23.72 2.69
CA ASN D 206 -11.84 25.02 3.26
C ASN D 206 -13.09 25.64 2.57
N GLN D 207 -13.35 26.92 2.81
CA GLN D 207 -14.55 27.56 2.26
C GLN D 207 -14.38 27.86 0.78
N GLU D 208 -13.19 27.71 0.22
CA GLU D 208 -13.04 27.67 -1.24
C GLU D 208 -13.12 26.24 -1.86
N ASN D 209 -13.55 25.23 -1.09
CA ASN D 209 -13.49 23.85 -1.52
C ASN D 209 -12.07 23.42 -1.99
N GLN D 210 -11.03 23.85 -1.27
CA GLN D 210 -9.66 23.44 -1.56
C GLN D 210 -9.10 22.66 -0.41
N PRO D 211 -8.19 21.70 -0.69
CA PRO D 211 -7.75 20.74 0.32
C PRO D 211 -6.81 21.35 1.37
N ILE D 212 -7.08 20.98 2.63
CA ILE D 212 -6.35 21.45 3.78
C ILE D 212 -6.31 20.32 4.87
N ARG D 213 -5.17 20.12 5.52
CA ARG D 213 -5.05 19.26 6.69
C ARG D 213 -4.59 20.11 7.90
N VAL D 214 -4.84 19.61 9.13
CA VAL D 214 -4.68 20.44 10.36
C VAL D 214 -3.19 20.74 10.49
N ASN D 215 -2.86 21.98 10.85
CA ASN D 215 -1.47 22.38 11.03
C ASN D 215 -0.89 21.97 12.40
N PRO D 216 0.41 21.60 12.43
CA PRO D 216 1.10 21.44 13.71
C PRO D 216 0.97 22.75 14.53
N GLY D 217 0.67 22.58 15.80
CA GLY D 217 0.51 23.70 16.73
C GLY D 217 0.96 23.38 18.14
N PRO D 218 1.08 24.43 19.00
CA PRO D 218 1.44 24.26 20.40
C PRO D 218 0.35 23.54 21.24
N LEU D 219 0.74 22.43 21.85
CA LEU D 219 -0.14 21.47 22.54
C LEU D 219 -1.42 21.05 21.76
N ASP D 220 -1.27 20.95 20.43
CA ASP D 220 -2.39 20.62 19.52
C ASP D 220 -3.10 19.31 19.90
N ALA D 221 -2.32 18.27 20.20
CA ALA D 221 -2.86 16.97 20.40
C ALA D 221 -3.99 16.87 21.45
N PRO D 222 -3.76 17.33 22.70
CA PRO D 222 -4.87 17.20 23.70
C PRO D 222 -6.09 18.04 23.43
N ALA D 223 -5.91 19.13 22.70
CA ALA D 223 -6.95 20.10 22.37
C ALA D 223 -7.83 19.80 21.13
N TYR D 224 -7.20 19.36 20.05
CA TYR D 224 -7.88 19.22 18.78
C TYR D 224 -7.22 18.29 17.75
N GLY D 225 -6.36 17.38 18.21
CA GLY D 225 -5.37 16.68 17.36
C GLY D 225 -5.56 15.20 17.02
N VAL D 226 -6.73 14.64 17.38
CA VAL D 226 -7.05 13.24 17.15
C VAL D 226 -7.82 13.09 15.82
N LYS D 227 -7.49 12.00 15.16
CA LYS D 227 -8.09 11.52 13.95
C LYS D 227 -8.64 10.10 14.13
N SER D 228 -9.81 9.85 13.57
CA SER D 228 -10.41 8.52 13.76
C SER D 228 -11.32 8.14 12.59
N THR D 229 -11.86 6.93 12.64
CA THR D 229 -12.74 6.44 11.61
C THR D 229 -14.14 6.40 12.22
N LEU D 230 -15.16 6.28 11.38
CA LEU D 230 -16.52 6.09 11.87
C LEU D 230 -16.71 4.77 12.71
N PRO D 231 -16.20 3.59 12.24
CA PRO D 231 -16.36 2.41 13.15
C PRO D 231 -15.69 2.57 14.51
N ASP D 232 -14.54 3.25 14.57
CA ASP D 232 -13.92 3.52 15.83
C ASP D 232 -14.73 4.52 16.70
N MET D 233 -15.34 5.53 16.11
CA MET D 233 -16.11 6.46 16.90
C MET D 233 -17.38 5.85 17.43
N LEU D 234 -17.95 4.87 16.73
CA LEU D 234 -19.14 4.13 17.23
C LEU D 234 -18.77 3.16 18.36
N SER D 235 -17.57 2.61 18.34
CA SER D 235 -17.10 1.90 19.52
C SER D 235 -16.87 2.77 20.71
N PHE D 236 -16.32 3.98 20.51
CA PHE D 236 -16.15 4.91 21.58
C PHE D 236 -17.48 5.35 22.22
N ILE D 237 -18.50 5.57 21.40
CA ILE D 237 -19.84 5.85 21.89
C ILE D 237 -20.40 4.60 22.62
N HIS D 238 -20.20 3.43 22.06
CA HIS D 238 -20.58 2.19 22.73
C HIS D 238 -19.95 2.04 24.16
N ALA D 239 -18.67 2.42 24.30
CA ALA D 239 -17.95 2.36 25.59
C ALA D 239 -18.56 3.29 26.64
N ASN D 240 -18.79 4.54 26.23
CA ASN D 240 -19.53 5.53 27.01
C ASN D 240 -20.95 5.10 27.40
N LEU D 241 -21.64 4.34 26.54
CA LEU D 241 -22.96 3.83 26.87
C LEU D 241 -22.95 2.61 27.82
N ASN D 242 -21.91 1.79 27.77
CA ASN D 242 -21.85 0.49 28.49
C ASN D 242 -20.44 0.30 29.08
N PRO D 243 -20.01 1.23 29.95
CA PRO D 243 -18.66 1.05 30.49
C PRO D 243 -18.45 -0.27 31.27
N GLN D 244 -19.48 -0.79 31.93
CA GLN D 244 -19.40 -2.07 32.66
C GLN D 244 -19.09 -3.29 31.84
N LYS D 245 -19.24 -3.22 30.51
CA LYS D 245 -18.79 -4.29 29.63
C LYS D 245 -17.27 -4.26 29.38
N TYR D 246 -16.53 -3.32 29.98
CA TYR D 246 -15.08 -3.08 29.74
C TYR D 246 -14.29 -3.36 31.01
N PRO D 247 -12.99 -3.62 30.88
CA PRO D 247 -12.21 -3.85 32.09
C PRO D 247 -12.15 -2.64 32.99
N THR D 248 -11.93 -2.91 34.26
CA THR D 248 -11.99 -1.93 35.36
C THR D 248 -11.29 -0.57 35.21
N ASP D 249 -10.00 -0.59 34.90
CA ASP D 249 -9.17 0.62 34.68
C ASP D 249 -9.80 1.60 33.67
N ILE D 250 -10.26 1.09 32.54
CA ILE D 250 -10.85 1.97 31.50
C ILE D 250 -12.33 2.25 31.81
N GLN D 251 -13.04 1.29 32.35
CA GLN D 251 -14.40 1.52 32.84
C GLN D 251 -14.49 2.73 33.81
N ARG D 252 -13.57 2.80 34.74
CA ARG D 252 -13.57 3.90 35.67
C ARG D 252 -13.14 5.20 35.04
N ALA D 253 -12.24 5.14 34.04
CA ALA D 253 -11.85 6.36 33.32
C ALA D 253 -13.07 6.96 32.64
N ILE D 254 -13.84 6.11 31.97
CA ILE D 254 -15.05 6.54 31.25
C ILE D 254 -16.08 7.22 32.20
N ASN D 255 -16.38 6.54 33.32
CA ASN D 255 -17.30 7.02 34.39
C ASN D 255 -16.90 8.39 34.91
N GLU D 256 -15.60 8.58 35.16
CA GLU D 256 -15.04 9.87 35.55
C GLU D 256 -15.36 11.05 34.61
N THR D 257 -15.42 10.78 33.31
CA THR D 257 -15.78 11.81 32.34
C THR D 257 -17.29 12.09 32.34
N HIS D 258 -18.13 11.29 33.00
CA HIS D 258 -19.58 11.60 33.02
C HIS D 258 -20.00 12.45 34.26
N GLN D 259 -19.06 12.80 35.12
CA GLN D 259 -19.35 13.61 36.33
C GLN D 259 -19.53 15.08 36.01
N GLY D 260 -20.72 15.61 36.26
CA GLY D 260 -20.90 17.06 36.35
C GLY D 260 -19.92 17.61 37.38
N ARG D 261 -19.28 18.70 37.03
CA ARG D 261 -18.36 19.43 37.90
C ARG D 261 -18.93 20.82 38.28
N TYR D 262 -19.70 21.44 37.41
CA TYR D 262 -20.37 22.70 37.68
C TYR D 262 -21.45 22.91 36.64
N GLN D 263 -22.13 24.03 36.73
CA GLN D 263 -23.21 24.31 35.82
C GLN D 263 -22.98 25.70 35.25
N VAL D 264 -23.45 25.88 34.01
CA VAL D 264 -23.62 27.19 33.40
C VAL D 264 -24.92 27.13 32.66
N ASN D 265 -25.97 27.78 33.20
CA ASN D 265 -27.33 27.76 32.66
C ASN D 265 -27.89 26.35 32.63
N THR D 266 -28.49 25.91 31.50
CA THR D 266 -28.98 24.54 31.25
C THR D 266 -27.90 23.46 30.96
N MET D 267 -26.63 23.89 30.86
CA MET D 267 -25.49 22.98 30.63
C MET D 267 -24.68 22.70 31.89
N TYR D 268 -24.34 21.44 32.06
CA TYR D 268 -23.42 20.94 33.07
C TYR D 268 -22.09 20.58 32.42
N GLN D 269 -20.99 21.15 32.91
CA GLN D 269 -19.67 20.83 32.37
C GLN D 269 -19.13 19.55 32.92
N ALA D 270 -19.00 18.50 32.11
CA ALA D 270 -18.28 17.32 32.63
C ALA D 270 -16.82 17.40 32.22
N LEU D 271 -16.09 16.33 32.47
CA LEU D 271 -14.69 16.24 32.00
C LEU D 271 -14.71 16.08 30.45
N GLY D 272 -14.35 17.13 29.70
CA GLY D 272 -14.54 17.15 28.26
C GLY D 272 -15.96 17.15 27.69
N TRP D 273 -16.81 16.19 28.09
CA TRP D 273 -18.22 16.18 27.66
C TRP D 273 -19.01 17.34 28.26
N GLU D 274 -20.00 17.77 27.48
CA GLU D 274 -21.06 18.65 27.91
C GLU D 274 -22.23 17.77 28.27
N GLU D 275 -22.85 18.12 29.40
CA GLU D 275 -23.86 17.29 30.07
C GLU D 275 -25.19 18.06 30.19
N PHE D 276 -26.31 17.34 30.05
CA PHE D 276 -27.66 17.92 30.08
C PHE D 276 -28.67 16.97 30.74
N SER D 277 -29.64 17.57 31.43
CA SER D 277 -30.83 16.85 31.88
C SER D 277 -31.59 16.30 30.69
N TYR D 278 -31.96 15.03 30.75
CA TYR D 278 -32.65 14.37 29.62
C TYR D 278 -34.04 14.02 30.04
N PRO D 279 -35.07 14.20 29.22
CA PRO D 279 -34.96 14.82 27.89
C PRO D 279 -34.46 16.27 27.89
N ALA D 280 -33.70 16.63 26.87
CA ALA D 280 -33.21 17.99 26.70
C ALA D 280 -33.86 18.53 25.43
N THR D 281 -34.32 19.76 25.43
CA THR D 281 -34.89 20.31 24.17
C THR D 281 -33.82 20.69 23.11
N LEU D 282 -34.21 20.68 21.84
CA LEU D 282 -33.35 21.23 20.79
C LEU D 282 -32.68 22.53 21.25
N GLN D 283 -33.48 23.45 21.75
CA GLN D 283 -32.97 24.77 22.09
C GLN D 283 -31.91 24.74 23.15
N THR D 284 -32.03 23.85 24.12
CA THR D 284 -31.04 23.68 25.15
C THR D 284 -29.65 23.22 24.56
N LEU D 285 -29.73 22.27 23.65
CA LEU D 285 -28.53 21.75 22.97
C LEU D 285 -27.95 22.85 22.07
N LEU D 286 -28.78 23.57 21.29
CA LEU D 286 -28.26 24.69 20.47
C LEU D 286 -27.60 25.77 21.34
N ASP D 287 -28.21 26.05 22.50
CA ASP D 287 -27.67 27.00 23.48
C ASP D 287 -26.24 26.67 23.97
N SER D 288 -25.94 25.40 24.24
CA SER D 288 -24.55 25.00 24.62
C SER D 288 -23.42 25.52 23.74
N ASN D 289 -23.72 25.88 22.48
CA ASN D 289 -22.73 26.25 21.48
C ASN D 289 -22.81 27.70 20.98
N SER D 290 -23.65 28.53 21.60
CA SER D 290 -23.80 29.95 21.22
C SER D 290 -22.47 30.70 21.34
N GLU D 291 -22.35 31.84 20.62
CA GLU D 291 -21.18 32.74 20.77
C GLU D 291 -20.79 32.96 22.24
N GLN D 292 -21.80 33.24 23.08
CA GLN D 292 -21.64 33.56 24.51
C GLN D 292 -21.03 32.46 25.42
N ILE D 293 -21.41 31.20 25.21
CA ILE D 293 -20.79 30.07 25.94
C ILE D 293 -19.38 29.73 25.46
N VAL D 294 -19.19 29.83 24.14
CA VAL D 294 -17.98 29.33 23.47
C VAL D 294 -16.83 30.38 23.52
N MET D 295 -17.16 31.64 23.22
CA MET D 295 -16.17 32.71 23.08
C MET D 295 -15.99 33.55 24.37
N LYS D 296 -17.12 33.98 24.97
CA LYS D 296 -17.10 34.93 26.12
C LYS D 296 -16.95 34.21 27.47
N PRO D 297 -16.55 34.94 28.56
CA PRO D 297 -16.49 34.31 29.90
C PRO D 297 -17.88 34.17 30.57
N ASN D 298 -17.99 33.25 31.53
CA ASN D 298 -19.28 32.93 32.16
C ASN D 298 -19.11 32.52 33.63
N LYS D 299 -19.75 33.27 34.55
CA LYS D 299 -19.72 32.91 35.99
C LYS D 299 -20.29 31.50 36.14
N VAL D 300 -19.69 30.68 37.01
CA VAL D 300 -20.11 29.26 37.18
C VAL D 300 -20.81 28.93 38.53
N THR D 301 -21.82 28.06 38.49
CA THR D 301 -22.66 27.66 39.65
C THR D 301 -22.32 26.21 40.05
N ALA D 302 -22.22 25.88 41.33
CA ALA D 302 -22.15 24.45 41.73
C ALA D 302 -23.49 23.74 41.56
N ILE D 303 -23.45 22.43 41.33
CA ILE D 303 -24.68 21.66 41.05
C ILE D 303 -25.44 21.61 42.35
N SER D 304 -26.76 21.83 42.28
CA SER D 304 -27.67 21.63 43.41
C SER D 304 -27.94 20.10 43.61
N LYS D 305 -28.75 19.50 42.73
CA LYS D 305 -28.76 18.05 42.49
C LYS D 305 -28.03 17.84 41.14
N GLU D 306 -27.31 16.73 40.94
CA GLU D 306 -26.91 16.26 39.58
C GLU D 306 -28.17 15.61 38.92
N PRO D 307 -28.45 15.85 37.62
CA PRO D 307 -29.73 15.34 37.06
C PRO D 307 -29.92 13.84 37.22
N SER D 308 -31.12 13.41 37.59
CA SER D 308 -31.43 11.98 37.76
C SER D 308 -31.10 11.21 36.44
N VAL D 309 -31.48 11.80 35.31
CA VAL D 309 -31.31 11.18 33.97
C VAL D 309 -30.62 12.19 33.06
N LYS D 310 -29.58 11.74 32.31
CA LYS D 310 -28.72 12.65 31.56
C LYS D 310 -28.41 12.27 30.08
N MET D 311 -27.81 13.22 29.37
CA MET D 311 -27.29 13.00 28.04
C MET D 311 -26.06 13.90 27.85
N TYR D 312 -25.28 13.63 26.80
CA TYR D 312 -24.03 14.34 26.60
C TYR D 312 -23.79 14.53 25.12
N HIS D 313 -22.96 15.53 24.80
CA HIS D 313 -22.61 15.78 23.42
C HIS D 313 -21.37 16.61 23.36
N LYS D 314 -20.79 16.66 22.17
CA LYS D 314 -19.64 17.56 21.94
C LYS D 314 -19.51 17.82 20.47
N THR D 315 -19.19 19.05 20.12
CA THR D 315 -18.92 19.42 18.73
C THR D 315 -17.40 19.56 18.54
N GLY D 316 -16.98 19.36 17.30
CA GLY D 316 -15.59 19.44 16.93
C GLY D 316 -15.36 20.03 15.56
N SER D 317 -14.36 20.88 15.45
CA SER D 317 -13.94 21.44 14.19
C SER D 317 -12.45 21.65 14.09
N THR D 318 -11.91 21.47 12.88
CA THR D 318 -10.63 22.01 12.48
C THR D 318 -10.93 22.93 11.31
N SER D 319 -9.94 23.51 10.64
CA SER D 319 -10.27 24.33 9.46
C SER D 319 -11.07 23.59 8.38
N GLY D 320 -10.82 22.29 8.21
CA GLY D 320 -11.42 21.53 7.11
C GLY D 320 -12.43 20.42 7.45
N PHE D 321 -12.73 20.21 8.71
CA PHE D 321 -13.58 19.06 9.18
C PHE D 321 -14.59 19.53 10.25
N GLY D 322 -15.76 18.87 10.27
CA GLY D 322 -16.79 18.98 11.32
C GLY D 322 -17.13 17.61 11.92
N THR D 323 -17.39 17.59 13.22
CA THR D 323 -17.70 16.40 13.98
C THR D 323 -18.78 16.76 15.03
N TYR D 324 -19.64 15.79 15.28
CA TYR D 324 -20.60 15.89 16.38
C TYR D 324 -20.82 14.48 16.86
N VAL D 325 -20.80 14.35 18.18
CA VAL D 325 -21.10 13.11 18.84
C VAL D 325 -22.10 13.36 19.99
N VAL D 326 -22.99 12.41 20.21
CA VAL D 326 -24.04 12.59 21.22
C VAL D 326 -24.43 11.21 21.68
N PHE D 327 -24.69 11.03 22.98
CA PHE D 327 -25.29 9.78 23.48
C PHE D 327 -26.23 10.04 24.67
N ILE D 328 -27.13 9.06 24.84
CA ILE D 328 -28.20 9.14 25.80
C ILE D 328 -28.31 7.78 26.52
N PRO D 329 -27.69 7.64 27.70
CA PRO D 329 -27.67 6.36 28.35
C PRO D 329 -29.04 5.70 28.48
N LYS D 330 -30.05 6.42 28.98
CA LYS D 330 -31.39 5.88 29.23
C LYS D 330 -31.96 5.10 28.04
N GLU D 331 -31.86 5.71 26.86
CA GLU D 331 -32.36 5.08 25.62
C GLU D 331 -31.33 4.12 24.92
N ASN D 332 -30.11 3.98 25.43
CA ASN D 332 -29.08 3.12 24.83
C ASN D 332 -28.80 3.44 23.32
N ILE D 333 -28.71 4.73 23.01
CA ILE D 333 -28.52 5.19 21.64
C ILE D 333 -27.43 6.28 21.58
N GLY D 334 -26.76 6.40 20.43
CA GLY D 334 -25.87 7.52 20.21
C GLY D 334 -25.61 7.74 18.73
N LEU D 335 -24.99 8.88 18.41
CA LEU D 335 -24.77 9.24 17.01
C LEU D 335 -23.43 9.91 16.82
N VAL D 336 -22.77 9.60 15.70
CA VAL D 336 -21.51 10.23 15.27
C VAL D 336 -21.71 10.83 13.87
N MET D 337 -21.32 12.11 13.68
CA MET D 337 -21.25 12.70 12.36
C MET D 337 -19.84 13.22 12.11
N LEU D 338 -19.27 12.82 10.96
CA LEU D 338 -17.97 13.29 10.48
C LEU D 338 -18.10 13.91 9.07
N THR D 339 -17.62 15.13 8.90
CA THR D 339 -17.56 15.76 7.56
C THR D 339 -16.13 16.26 7.28
N ASN D 340 -15.73 16.22 6.03
CA ASN D 340 -14.44 16.86 5.60
C ASN D 340 -14.68 18.23 4.97
N LYS D 341 -15.69 18.95 5.50
CA LYS D 341 -15.83 20.38 5.38
C LYS D 341 -16.62 20.81 6.60
N ARG D 342 -16.21 21.92 7.16
CA ARG D 342 -17.00 22.59 8.20
C ARG D 342 -18.38 22.98 7.76
N ILE D 343 -19.36 22.64 8.59
CA ILE D 343 -20.74 23.15 8.50
C ILE D 343 -21.17 23.72 9.86
N PRO D 344 -22.20 24.58 9.89
CA PRO D 344 -22.55 25.19 11.17
C PRO D 344 -22.91 24.18 12.29
N ASN D 345 -22.46 24.42 13.52
CA ASN D 345 -22.86 23.52 14.67
C ASN D 345 -24.33 23.28 14.86
N GLU D 346 -25.13 24.34 14.62
CA GLU D 346 -26.58 24.24 14.77
C GLU D 346 -27.17 23.23 13.83
N GLU D 347 -26.62 23.12 12.61
CA GLU D 347 -27.06 22.10 11.66
C GLU D 347 -26.73 20.67 12.07
N ARG D 348 -25.62 20.49 12.77
CA ARG D 348 -25.18 19.16 13.22
C ARG D 348 -26.15 18.69 14.34
N ILE D 349 -26.32 19.57 15.33
CA ILE D 349 -27.16 19.34 16.52
C ILE D 349 -28.63 19.10 16.12
N LYS D 350 -29.18 19.95 15.25
CA LYS D 350 -30.54 19.79 14.71
C LYS D 350 -30.74 18.49 13.94
N ALA D 351 -29.84 18.20 12.98
CA ALA D 351 -30.02 16.95 12.20
C ALA D 351 -29.99 15.72 13.08
N ALA D 352 -29.07 15.70 14.04
CA ALA D 352 -28.95 14.61 15.02
C ALA D 352 -30.23 14.51 15.92
N TYR D 353 -30.65 15.67 16.44
CA TYR D 353 -31.83 15.76 17.31
C TYR D 353 -33.05 15.17 16.61
N VAL D 354 -33.29 15.55 15.36
CA VAL D 354 -34.42 15.00 14.56
C VAL D 354 -34.29 13.50 14.40
N VAL D 355 -33.12 12.99 13.99
CA VAL D 355 -32.95 11.54 13.84
C VAL D 355 -33.17 10.78 15.16
N LEU D 356 -32.59 11.28 16.25
CA LEU D 356 -32.63 10.55 17.54
C LEU D 356 -34.05 10.60 18.17
N ASN D 357 -34.79 11.68 17.92
CA ASN D 357 -36.19 11.81 18.38
C ASN D 357 -37.24 11.22 17.43
N ALA D 358 -36.80 10.54 16.37
CA ALA D 358 -37.67 9.95 15.33
C ALA D 358 -37.49 8.46 15.18
N ILE D 359 -36.31 7.92 15.54
CA ILE D 359 -36.10 6.49 15.54
C ILE D 359 -37.06 5.88 16.53
N LYS D 360 -37.67 4.78 16.14
CA LYS D 360 -38.51 4.01 17.04
C LYS D 360 -37.63 3.23 18.01
N LYS D 361 -38.07 3.26 19.28
CA LYS D 361 -37.30 2.74 20.42
C LYS D 361 -37.39 1.21 20.55
#